data_8IDQ
#
_entry.id   8IDQ
#
_cell.length_a   138.249
_cell.length_b   120.159
_cell.length_c   122.886
_cell.angle_alpha   90.00
_cell.angle_beta   90.00
_cell.angle_gamma   90.00
#
_symmetry.space_group_name_H-M   'P 21 21 2'
#
loop_
_entity.id
_entity.type
_entity.pdbx_description
1 polymer 'Reducing-end xylose-releasing exoxylanase Xyn30A'
2 branched alpha-D-mannopyranose-(1-2)-alpha-D-mannopyranose-(1-2)-alpha-D-mannopyranose-(1-3)-[alpha-D-mannopyranose-(1-2)-alpha-D-mannopyranose-(1-3)-[alpha-D-mannopyranose-(1-2)-alpha-D-mannopyranose-(1-6)]alpha-D-mannopyranose-(1-6)]beta-D-mannopyranose-(1-4)-2-acetamido-2-deoxy-beta-D-glucopyranose-(1-4)-2-acetamido-2-deoxy-beta-D-glucopyranose
3 branched 2-acetamido-2-deoxy-beta-D-glucopyranose-(1-4)-2-acetamido-2-deoxy-beta-D-glucopyranose
4 branched alpha-D-mannopyranose-(1-3)-alpha-D-mannopyranose-(1-6)-[alpha-D-mannopyranose-(1-3)]beta-D-mannopyranose-(1-4)-2-acetamido-2-deoxy-beta-D-glucopyranose-(1-4)-2-acetamido-2-deoxy-beta-D-glucopyranose
5 branched alpha-D-mannopyranose-(1-2)-alpha-D-mannopyranose-(1-3)-[alpha-D-mannopyranose-(1-2)-alpha-D-mannopyranose-(1-6)]alpha-D-mannopyranose-(1-6)-[alpha-D-mannopyranose-(1-2)-alpha-D-mannopyranose-(1-3)]beta-D-mannopyranose-(1-4)-2-acetamido-2-deoxy-beta-D-glucopyranose-(1-4)-2-acetamido-2-deoxy-beta-D-glucopyranose
6 branched alpha-D-mannopyranose-(1-2)-alpha-D-mannopyranose-(1-6)-[alpha-D-mannopyranose-(1-3)]alpha-D-mannopyranose-(1-6)-[alpha-D-mannopyranose-(1-2)-alpha-D-mannopyranose-(1-3)]beta-D-mannopyranose-(1-4)-2-acetamido-2-deoxy-beta-D-glucopyranose-(1-4)-2-acetamido-2-deoxy-beta-D-glucopyranose
7 branched alpha-D-mannopyranose-(1-3)-[alpha-D-mannopyranose-(1-6)]beta-D-mannopyranose-(1-4)-2-acetamido-2-deoxy-beta-D-glucopyranose-(1-4)-2-acetamido-2-deoxy-beta-D-glucopyranose
8 non-polymer 2-acetamido-2-deoxy-beta-D-glucopyranose
9 non-polymer GLYCEROL
10 non-polymer beta-D-xylopyranose
11 non-polymer 'CHLORIDE ION'
12 water water
#
_entity_poly.entity_id   1
_entity_poly.type   'polypeptide(L)'
_entity_poly.pdbx_seq_one_letter_code
;MRHPIPILAVLGRASAWSYSQTLSANIQVNALQRYQEMIGGGCSGAFGWACQQFPTTGLTPENQEEVTKILFDENIGGLS
IVRNDIGSSPGSTILPTCPATPAGPFNYQWDGSDSCQFNLTKTALKYNPELYVYANAWSAPGCMKTVGTENDGGQICGVR
GTNCTYDWRQAYADYLVQYVKFYQAEGIDISLLGAWNEPDFNPVTYESMESDGFQAKDFLEILYPTVKKAFPNLDVSCCD
ATGARQERNILYEVQQAGGEHFFDVATWHNYQSSPERPFNVVGKPNIMTEWADGSGPWNTTWDVSGQLAEGLQWALYMHN
AFTNSDTSGYNHWWCAGGGADNVLISITGNSYEVSSRLWAFASYFRFARPGSVRIGATSSVENVYVSAYENKNGTVSIPV
INAAHFPYEVTIDLQGLKARKRVSTFLTDNSHNVTLMDQSELHGSVLKATVPPRAVQVFWLE
;
_entity_poly.pdbx_strand_id   A,B,C,D
#
loop_
_chem_comp.id
_chem_comp.type
_chem_comp.name
_chem_comp.formula
BMA D-saccharide, beta linking beta-D-mannopyranose 'C6 H12 O6'
CL non-polymer 'CHLORIDE ION' 'Cl -1'
GOL non-polymer GLYCEROL 'C3 H8 O3'
MAN D-saccharide, alpha linking alpha-D-mannopyranose 'C6 H12 O6'
NAG D-saccharide, beta linking 2-acetamido-2-deoxy-beta-D-glucopyranose 'C8 H15 N O6'
XYP D-saccharide, beta linking beta-D-xylopyranose 'C5 H10 O5'
#
# COMPACT_ATOMS: atom_id res chain seq x y z
N TRP A 17 10.84 -23.74 53.15
CA TRP A 17 10.86 -24.02 54.58
C TRP A 17 10.33 -22.81 55.35
N SER A 18 9.85 -23.06 56.57
CA SER A 18 9.34 -21.99 57.40
C SER A 18 9.48 -22.38 58.87
N TYR A 19 9.26 -21.41 59.75
CA TYR A 19 9.26 -21.69 61.18
C TYR A 19 8.26 -20.81 61.91
N SER A 20 8.12 -21.03 63.22
CA SER A 20 7.09 -20.37 64.00
C SER A 20 7.64 -19.08 64.58
N GLN A 21 7.05 -17.98 64.16
CA GLN A 21 7.31 -16.63 64.63
C GLN A 21 6.33 -15.76 63.85
N THR A 22 5.85 -14.66 64.43
CA THR A 22 4.93 -13.77 63.74
C THR A 22 5.42 -12.35 63.94
N LEU A 23 5.52 -11.60 62.84
CA LEU A 23 5.80 -10.17 62.90
C LEU A 23 4.70 -9.44 62.14
N SER A 24 4.72 -8.11 62.21
N SER A 24 4.73 -8.11 62.18
CA SER A 24 3.69 -7.30 61.57
CA SER A 24 3.69 -7.30 61.57
C SER A 24 4.29 -6.43 60.47
C SER A 24 4.27 -6.39 60.50
N ALA A 25 3.44 -6.05 59.52
CA ALA A 25 3.82 -5.12 58.45
C ALA A 25 2.66 -4.17 58.22
N ASN A 26 2.97 -2.89 58.00
N ASN A 26 2.98 -2.90 57.99
CA ASN A 26 1.98 -1.89 57.65
CA ASN A 26 1.99 -1.89 57.64
C ASN A 26 2.10 -1.58 56.15
C ASN A 26 2.11 -1.57 56.16
N ILE A 27 0.98 -1.61 55.45
CA ILE A 27 0.92 -1.36 54.03
C ILE A 27 -0.03 -0.19 53.79
N GLN A 28 0.38 0.72 52.90
CA GLN A 28 -0.41 1.87 52.48
C GLN A 28 -0.65 1.79 50.99
N VAL A 29 -1.91 1.79 50.57
CA VAL A 29 -2.28 1.77 49.16
C VAL A 29 -3.03 3.06 48.86
N ASN A 30 -2.59 3.78 47.83
CA ASN A 30 -3.12 5.10 47.49
C ASN A 30 -3.42 5.13 46.01
N ALA A 31 -4.72 5.16 45.67
CA ALA A 31 -5.15 5.24 44.28
C ALA A 31 -4.92 6.62 43.66
N LEU A 32 -4.64 7.64 44.47
CA LEU A 32 -4.32 8.96 43.94
C LEU A 32 -2.91 9.00 43.35
N GLN A 33 -2.09 8.02 43.67
CA GLN A 33 -0.74 7.88 43.11
C GLN A 33 -0.85 6.89 41.97
N ARG A 34 -0.56 7.35 40.75
CA ARG A 34 -0.77 6.53 39.55
C ARG A 34 0.55 6.32 38.79
N TYR A 35 0.70 5.11 38.25
CA TYR A 35 1.89 4.80 37.48
C TYR A 35 1.49 4.24 36.12
N GLN A 36 2.08 3.11 35.72
CA GLN A 36 1.94 2.65 34.35
C GLN A 36 0.59 1.97 34.14
N GLU A 37 0.12 2.03 32.89
CA GLU A 37 -1.01 1.24 32.44
C GLU A 37 -0.53 -0.16 32.06
N MET A 38 -1.17 -1.19 32.62
CA MET A 38 -0.76 -2.57 32.40
C MET A 38 -1.30 -3.11 31.09
N ILE A 39 -0.51 -3.99 30.48
CA ILE A 39 -0.86 -4.66 29.23
C ILE A 39 -1.19 -6.13 29.46
N GLY A 40 -0.32 -6.87 30.18
CA GLY A 40 -0.62 -8.23 30.59
C GLY A 40 0.60 -9.12 30.58
N GLY A 41 0.36 -10.42 30.77
CA GLY A 41 1.40 -11.44 30.75
C GLY A 41 1.23 -12.32 29.52
N GLY A 42 2.26 -13.05 29.12
CA GLY A 42 2.08 -13.90 27.96
C GLY A 42 3.27 -14.80 27.69
N CYS A 43 3.34 -15.25 26.45
CA CYS A 43 4.33 -16.24 26.04
C CYS A 43 4.29 -16.36 24.51
N SER A 44 5.21 -17.17 23.98
CA SER A 44 5.37 -17.37 22.54
C SER A 44 5.23 -18.85 22.17
N GLY A 45 4.77 -19.09 20.94
CA GLY A 45 4.86 -20.42 20.34
C GLY A 45 5.82 -20.47 19.17
N ALA A 46 6.80 -19.56 19.14
CA ALA A 46 7.70 -19.45 17.99
C ALA A 46 8.54 -20.70 17.81
N PHE A 47 9.11 -20.84 16.60
CA PHE A 47 10.03 -21.93 16.26
C PHE A 47 9.38 -23.31 16.40
N GLY A 48 8.09 -23.37 16.11
CA GLY A 48 7.38 -24.63 16.13
C GLY A 48 6.81 -25.02 17.48
N TRP A 49 7.03 -24.23 18.54
CA TRP A 49 6.43 -24.62 19.81
C TRP A 49 4.91 -24.57 19.76
N ALA A 50 4.34 -23.67 18.96
CA ALA A 50 2.90 -23.72 18.73
C ALA A 50 2.46 -25.06 18.14
N CYS A 51 3.29 -25.69 17.31
CA CYS A 51 2.95 -27.00 16.77
C CYS A 51 3.13 -28.12 17.80
N GLN A 52 3.91 -27.89 18.85
CA GLN A 52 3.93 -28.81 19.98
C GLN A 52 2.70 -28.64 20.85
N GLN A 53 2.16 -27.42 20.93
CA GLN A 53 0.92 -27.17 21.64
C GLN A 53 -0.29 -27.67 20.87
N PHE A 54 -0.19 -27.71 19.54
CA PHE A 54 -1.27 -28.17 18.66
C PHE A 54 -0.73 -29.22 17.71
N PRO A 55 -0.36 -30.39 18.22
CA PRO A 55 0.36 -31.37 17.40
C PRO A 55 -0.61 -32.23 16.61
N THR A 56 -0.08 -32.86 15.55
CA THR A 56 -0.90 -33.73 14.72
C THR A 56 -1.06 -35.12 15.31
N THR A 57 -0.21 -35.50 16.26
CA THR A 57 -0.37 -36.71 17.05
C THR A 57 -0.01 -36.38 18.48
N GLY A 58 -0.42 -37.24 19.41
CA GLY A 58 -0.09 -37.07 20.81
C GLY A 58 -1.20 -36.39 21.59
N LEU A 59 -0.99 -35.12 21.93
CA LEU A 59 -1.98 -34.39 22.70
C LEU A 59 -3.29 -34.30 21.91
N THR A 60 -4.40 -34.73 22.53
CA THR A 60 -5.68 -34.70 21.82
C THR A 60 -6.15 -33.26 21.58
N PRO A 61 -7.03 -33.06 20.60
CA PRO A 61 -7.60 -31.70 20.42
C PRO A 61 -8.25 -31.14 21.68
N GLU A 62 -9.00 -31.95 22.44
CA GLU A 62 -9.58 -31.45 23.68
C GLU A 62 -8.51 -30.98 24.66
N ASN A 63 -7.37 -31.66 24.69
CA ASN A 63 -6.31 -31.26 25.60
C ASN A 63 -5.53 -30.08 25.07
N GLN A 64 -5.47 -29.93 23.74
CA GLN A 64 -4.92 -28.72 23.15
C GLN A 64 -5.72 -27.49 23.58
N GLU A 65 -7.05 -27.60 23.51
CA GLU A 65 -7.91 -26.53 23.99
C GLU A 65 -7.68 -26.27 25.47
N GLU A 66 -7.58 -27.34 26.26
CA GLU A 66 -7.50 -27.16 27.71
C GLU A 66 -6.18 -26.49 28.10
N VAL A 67 -5.07 -26.90 27.48
CA VAL A 67 -3.78 -26.26 27.71
C VAL A 67 -3.87 -24.77 27.40
N THR A 68 -4.49 -24.42 26.26
CA THR A 68 -4.59 -23.02 25.86
C THR A 68 -5.51 -22.25 26.80
N LYS A 69 -6.60 -22.88 27.23
CA LYS A 69 -7.50 -22.25 28.20
C LYS A 69 -6.79 -21.99 29.53
N ILE A 70 -6.01 -22.95 30.03
CA ILE A 70 -5.27 -22.74 31.28
C ILE A 70 -4.39 -21.51 31.18
N LEU A 71 -3.82 -21.24 30.00
CA LEU A 71 -2.96 -20.08 29.83
C LEU A 71 -3.74 -18.78 29.71
N PHE A 72 -4.75 -18.71 28.84
CA PHE A 72 -5.32 -17.44 28.44
C PHE A 72 -6.71 -17.14 29.01
N ASP A 73 -7.35 -18.10 29.68
CA ASP A 73 -8.57 -17.82 30.42
C ASP A 73 -8.25 -16.87 31.57
N GLU A 74 -8.98 -15.75 31.62
CA GLU A 74 -8.89 -14.80 32.73
C GLU A 74 -8.90 -15.49 34.10
N ASN A 75 -9.73 -16.51 34.26
CA ASN A 75 -9.90 -17.14 35.58
C ASN A 75 -8.82 -18.13 35.93
N ILE A 76 -7.91 -18.45 35.00
CA ILE A 76 -6.88 -19.44 35.31
C ILE A 76 -5.52 -18.75 35.22
N GLY A 77 -4.81 -18.93 34.10
CA GLY A 77 -3.51 -18.28 33.98
C GLY A 77 -3.59 -16.77 33.83
N GLY A 78 -4.67 -16.27 33.24
CA GLY A 78 -4.86 -14.84 33.15
C GLY A 78 -4.03 -14.12 32.09
N LEU A 79 -3.38 -14.86 31.20
CA LEU A 79 -2.47 -14.23 30.24
C LEU A 79 -3.23 -13.54 29.11
N SER A 80 -2.56 -12.56 28.50
CA SER A 80 -3.14 -11.79 27.39
C SER A 80 -2.22 -11.62 26.19
N ILE A 81 -0.91 -11.79 26.32
CA ILE A 81 0.00 -11.53 25.21
C ILE A 81 0.37 -12.84 24.54
N VAL A 82 0.22 -12.89 23.21
CA VAL A 82 0.83 -13.95 22.41
C VAL A 82 1.88 -13.28 21.55
N ARG A 83 3.11 -13.77 21.64
CA ARG A 83 4.23 -13.23 20.88
C ARG A 83 4.56 -14.22 19.78
N ASN A 84 4.37 -13.82 18.53
CA ASN A 84 4.59 -14.66 17.36
C ASN A 84 5.86 -14.22 16.63
N ASP A 85 6.59 -15.20 16.09
CA ASP A 85 7.76 -14.94 15.25
C ASP A 85 7.31 -14.74 13.80
N ILE A 86 7.57 -13.55 13.26
CA ILE A 86 7.44 -13.33 11.82
C ILE A 86 8.64 -14.02 11.19
N GLY A 87 8.44 -15.25 10.72
CA GLY A 87 9.56 -16.11 10.39
C GLY A 87 10.24 -15.74 9.09
N SER A 88 11.50 -16.17 8.99
CA SER A 88 12.36 -15.86 7.85
C SER A 88 13.10 -17.10 7.36
N SER A 89 12.73 -18.28 7.84
CA SER A 89 13.36 -19.53 7.47
C SER A 89 12.53 -20.27 6.43
N PRO A 90 13.14 -21.22 5.73
CA PRO A 90 12.35 -22.05 4.80
C PRO A 90 11.19 -22.73 5.50
N GLY A 91 10.01 -22.59 4.93
CA GLY A 91 8.81 -23.17 5.49
C GLY A 91 8.10 -22.30 6.51
N SER A 92 8.72 -21.22 6.98
CA SER A 92 8.13 -20.43 8.05
C SER A 92 7.96 -18.96 7.69
N THR A 93 8.26 -18.56 6.45
CA THR A 93 8.22 -17.16 6.06
C THR A 93 7.13 -16.94 5.02
N ILE A 94 6.54 -15.74 5.06
CA ILE A 94 5.57 -15.34 4.03
C ILE A 94 6.25 -14.94 2.73
N LEU A 95 7.58 -14.92 2.65
CA LEU A 95 8.31 -14.61 1.43
C LEU A 95 9.28 -15.75 1.17
N PRO A 96 8.77 -16.91 0.70
CA PRO A 96 9.65 -18.07 0.49
C PRO A 96 10.74 -17.82 -0.53
N THR A 97 10.44 -17.03 -1.56
CA THR A 97 11.39 -16.68 -2.61
C THR A 97 11.41 -15.16 -2.72
N CYS A 98 12.62 -14.56 -2.71
CA CYS A 98 12.77 -13.11 -2.82
C CYS A 98 12.88 -12.67 -4.27
N PRO A 99 12.42 -11.46 -4.57
CA PRO A 99 12.77 -10.86 -5.87
C PRO A 99 14.24 -10.49 -5.87
N ALA A 100 14.77 -10.24 -7.06
CA ALA A 100 16.19 -9.91 -7.17
C ALA A 100 16.48 -8.51 -6.63
N THR A 101 15.51 -7.62 -6.67
CA THR A 101 15.66 -6.25 -6.19
C THR A 101 14.47 -5.88 -5.33
N PRO A 102 14.57 -4.78 -4.58
CA PRO A 102 13.43 -4.32 -3.77
C PRO A 102 12.20 -3.92 -4.58
N ALA A 103 12.32 -3.76 -5.90
CA ALA A 103 11.15 -3.40 -6.72
C ALA A 103 10.16 -4.54 -6.88
N GLY A 104 10.56 -5.78 -6.57
CA GLY A 104 9.69 -6.91 -6.66
C GLY A 104 9.64 -7.45 -8.08
N PRO A 105 8.57 -8.20 -8.44
CA PRO A 105 7.36 -8.52 -7.64
C PRO A 105 7.64 -9.31 -6.38
N PHE A 106 6.84 -9.09 -5.35
CA PHE A 106 6.87 -9.86 -4.12
C PHE A 106 5.74 -10.89 -4.16
N ASN A 107 6.12 -12.17 -4.18
CA ASN A 107 5.14 -13.26 -4.21
C ASN A 107 4.95 -13.77 -2.79
N TYR A 108 4.16 -13.02 -2.02
CA TYR A 108 3.89 -13.41 -0.64
C TYR A 108 3.03 -14.65 -0.60
N GLN A 109 3.24 -15.47 0.43
CA GLN A 109 2.36 -16.64 0.58
C GLN A 109 1.89 -16.75 2.02
N TRP A 110 0.60 -17.00 2.17
CA TRP A 110 -0.02 -17.19 3.47
C TRP A 110 -0.61 -18.59 3.48
N ASP A 111 -0.12 -19.44 4.38
CA ASP A 111 -0.57 -20.83 4.43
C ASP A 111 -1.64 -21.08 5.48
N GLY A 112 -2.10 -20.05 6.20
CA GLY A 112 -3.13 -20.21 7.19
C GLY A 112 -2.70 -20.92 8.46
N SER A 113 -1.41 -21.23 8.59
CA SER A 113 -0.86 -21.90 9.77
C SER A 113 0.21 -21.06 10.46
N ASP A 114 1.18 -20.56 9.71
CA ASP A 114 2.24 -19.74 10.28
C ASP A 114 2.98 -20.51 11.38
N SER A 115 3.39 -21.74 11.06
CA SER A 115 4.07 -22.63 12.01
C SER A 115 3.21 -22.84 13.24
N CYS A 116 1.91 -23.08 13.01
CA CYS A 116 0.87 -23.28 14.01
C CYS A 116 0.64 -22.04 14.88
N GLN A 117 1.35 -20.94 14.61
CA GLN A 117 1.11 -19.75 15.43
C GLN A 117 -0.28 -19.15 15.17
N PHE A 118 -0.81 -19.31 13.97
CA PHE A 118 -2.19 -18.88 13.75
C PHE A 118 -3.14 -19.61 14.67
N ASN A 119 -2.98 -20.94 14.77
CA ASN A 119 -3.84 -21.74 15.64
C ASN A 119 -3.71 -21.31 17.09
N LEU A 120 -2.48 -21.12 17.55
CA LEU A 120 -2.26 -20.64 18.92
C LEU A 120 -2.97 -19.31 19.15
N THR A 121 -2.81 -18.37 18.22
CA THR A 121 -3.38 -17.04 18.39
C THR A 121 -4.90 -17.09 18.35
N LYS A 122 -5.45 -17.81 17.37
CA LYS A 122 -6.90 -17.93 17.23
C LYS A 122 -7.54 -18.54 18.47
N THR A 123 -6.94 -19.63 18.98
CA THR A 123 -7.47 -20.30 20.16
C THR A 123 -7.30 -19.45 21.42
N ALA A 124 -6.18 -18.76 21.55
CA ALA A 124 -5.99 -17.85 22.69
C ALA A 124 -7.04 -16.75 22.68
N LEU A 125 -7.34 -16.21 21.49
CA LEU A 125 -8.35 -15.17 21.36
C LEU A 125 -9.72 -15.69 21.78
N LYS A 126 -10.00 -16.96 21.49
CA LYS A 126 -11.27 -17.55 21.91
C LYS A 126 -11.41 -17.53 23.42
N TYR A 127 -10.33 -17.74 24.15
CA TYR A 127 -10.40 -17.72 25.60
C TYR A 127 -10.17 -16.34 26.19
N ASN A 128 -9.54 -15.43 25.45
CA ASN A 128 -9.34 -14.05 25.90
C ASN A 128 -9.66 -13.06 24.79
N PRO A 129 -10.85 -12.46 24.77
CA PRO A 129 -11.16 -11.50 23.70
C PRO A 129 -10.27 -10.27 23.70
N GLU A 130 -9.54 -9.99 24.78
CA GLU A 130 -8.67 -8.82 24.84
C GLU A 130 -7.22 -9.17 24.50
N LEU A 131 -7.03 -10.23 23.71
CA LEU A 131 -5.69 -10.72 23.43
C LEU A 131 -4.86 -9.62 22.77
N TYR A 132 -3.64 -9.48 23.26
CA TYR A 132 -2.65 -8.53 22.78
C TYR A 132 -1.61 -9.33 21.99
N VAL A 133 -1.70 -9.28 20.66
CA VAL A 133 -0.80 -10.08 19.83
C VAL A 133 0.40 -9.23 19.44
N TYR A 134 1.60 -9.74 19.72
CA TYR A 134 2.86 -9.08 19.39
C TYR A 134 3.49 -9.87 18.25
N ALA A 135 3.53 -9.29 17.05
CA ALA A 135 4.21 -9.88 15.90
C ALA A 135 5.63 -9.32 15.83
N ASN A 136 6.62 -10.21 15.92
CA ASN A 136 8.00 -9.87 16.22
C ASN A 136 8.86 -10.65 15.25
N ALA A 137 9.53 -9.95 14.33
CA ALA A 137 10.52 -10.60 13.47
C ALA A 137 11.82 -10.86 14.23
N TRP A 138 12.32 -12.11 14.16
CA TRP A 138 13.67 -12.42 14.62
C TRP A 138 14.74 -12.01 13.61
N SER A 139 14.39 -11.99 12.33
CA SER A 139 15.29 -11.54 11.26
C SER A 139 14.45 -11.12 10.07
N ALA A 140 15.00 -10.20 9.27
CA ALA A 140 14.50 -9.99 7.93
C ALA A 140 14.81 -11.23 7.08
N PRO A 141 14.08 -11.42 5.97
CA PRO A 141 14.50 -12.43 4.99
C PRO A 141 15.95 -12.19 4.60
N GLY A 142 16.69 -13.28 4.35
CA GLY A 142 18.12 -13.17 4.13
C GLY A 142 18.49 -12.28 2.96
N CYS A 143 17.65 -12.25 1.93
CA CYS A 143 17.93 -11.43 0.76
C CYS A 143 17.96 -9.94 1.07
N MET A 144 17.36 -9.51 2.19
CA MET A 144 17.36 -8.12 2.57
C MET A 144 18.47 -7.76 3.54
N LYS A 145 19.37 -8.69 3.84
CA LYS A 145 20.38 -8.51 4.87
C LYS A 145 21.80 -8.52 4.30
N THR A 146 22.71 -7.89 5.04
CA THR A 146 24.13 -7.86 4.66
C THR A 146 24.71 -9.26 4.51
N VAL A 147 24.26 -10.22 5.33
CA VAL A 147 24.83 -11.56 5.32
C VAL A 147 24.11 -12.50 4.36
N GLY A 148 23.02 -12.06 3.71
CA GLY A 148 22.38 -12.90 2.72
C GLY A 148 21.66 -14.11 3.25
N THR A 149 21.45 -14.18 4.57
CA THR A 149 20.81 -15.31 5.21
C THR A 149 20.03 -14.79 6.41
N GLU A 150 18.98 -15.52 6.79
CA GLU A 150 18.20 -15.13 7.96
C GLU A 150 18.92 -15.46 9.27
N ASN A 151 19.96 -16.30 9.21
CA ASN A 151 20.77 -16.66 10.36
C ASN A 151 21.95 -15.68 10.48
N ASP A 152 22.75 -15.86 11.52
CA ASP A 152 24.09 -15.27 11.62
C ASP A 152 24.06 -13.74 11.67
N GLY A 153 23.08 -13.19 12.39
CA GLY A 153 23.08 -11.75 12.64
C GLY A 153 23.08 -10.94 11.36
N GLY A 154 23.95 -9.93 11.29
CA GLY A 154 23.95 -9.04 10.14
C GLY A 154 22.87 -7.99 10.22
N GLN A 155 22.85 -7.12 9.21
CA GLN A 155 22.06 -5.89 9.27
C GLN A 155 21.07 -5.81 8.11
N ILE A 156 19.97 -5.08 8.35
CA ILE A 156 19.07 -4.67 7.27
C ILE A 156 19.86 -3.86 6.25
N CYS A 157 19.78 -4.26 4.98
CA CYS A 157 20.44 -3.52 3.91
C CYS A 157 19.82 -2.12 3.76
N GLY A 158 20.65 -1.08 3.86
CA GLY A 158 20.19 0.29 3.71
C GLY A 158 20.39 1.14 4.95
N VAL A 159 20.54 0.53 6.12
CA VAL A 159 20.82 1.33 7.32
C VAL A 159 22.28 1.75 7.27
N ARG A 160 22.67 2.70 8.12
CA ARG A 160 24.06 3.14 8.07
C ARG A 160 24.99 1.99 8.40
N GLY A 161 26.21 2.06 7.91
CA GLY A 161 27.14 0.99 8.18
C GLY A 161 26.90 -0.26 7.36
N THR A 162 26.17 -0.16 6.26
CA THR A 162 25.97 -1.26 5.33
C THR A 162 26.30 -0.81 3.92
N ASN A 163 26.70 -1.78 3.09
CA ASN A 163 27.01 -1.52 1.69
C ASN A 163 26.48 -2.69 0.86
N CYS A 164 25.17 -2.87 0.89
CA CYS A 164 24.50 -3.85 0.05
C CYS A 164 24.30 -3.29 -1.36
N THR A 165 23.99 -4.18 -2.30
CA THR A 165 23.74 -3.73 -3.66
C THR A 165 22.49 -2.85 -3.73
N TYR A 166 21.52 -3.08 -2.85
CA TYR A 166 20.28 -2.31 -2.81
C TYR A 166 19.94 -1.95 -1.38
N ASP A 167 19.14 -0.89 -1.26
CA ASP A 167 18.52 -0.47 0.01
C ASP A 167 17.19 -1.21 0.15
N TRP A 168 17.09 -2.13 1.12
CA TRP A 168 15.89 -2.96 1.28
C TRP A 168 14.99 -2.50 2.42
N ARG A 169 15.19 -1.30 2.97
CA ARG A 169 14.42 -0.89 4.15
C ARG A 169 12.93 -0.81 3.85
N GLN A 170 12.55 -0.13 2.77
CA GLN A 170 11.11 -0.03 2.49
C GLN A 170 10.54 -1.41 2.21
N ALA A 171 11.29 -2.24 1.48
CA ALA A 171 10.85 -3.60 1.18
C ALA A 171 10.60 -4.40 2.46
N TYR A 172 11.51 -4.28 3.44
CA TYR A 172 11.34 -5.00 4.70
C TYR A 172 10.15 -4.45 5.49
N ALA A 173 9.99 -3.12 5.51
CA ALA A 173 8.82 -2.54 6.17
C ALA A 173 7.54 -2.98 5.49
N ASP A 174 7.52 -3.06 4.16
CA ASP A 174 6.30 -3.54 3.47
C ASP A 174 6.03 -5.00 3.77
N TYR A 175 7.09 -5.82 3.87
CA TYR A 175 6.95 -7.23 4.22
C TYR A 175 6.33 -7.41 5.59
N LEU A 176 6.83 -6.66 6.58
CA LEU A 176 6.28 -6.75 7.93
C LEU A 176 4.80 -6.36 7.97
N VAL A 177 4.42 -5.31 7.26
CA VAL A 177 3.01 -4.89 7.25
C VAL A 177 2.15 -5.94 6.56
N GLN A 178 2.68 -6.61 5.52
CA GLN A 178 1.93 -7.66 4.84
C GLN A 178 1.66 -8.84 5.78
N TYR A 179 2.63 -9.18 6.62
CA TYR A 179 2.37 -10.19 7.64
C TYR A 179 1.17 -9.78 8.51
N VAL A 180 1.19 -8.54 9.00
CA VAL A 180 0.07 -8.03 9.78
C VAL A 180 -1.22 -8.12 8.98
N LYS A 181 -1.17 -7.76 7.70
CA LYS A 181 -2.36 -7.81 6.87
C LYS A 181 -2.96 -9.21 6.80
N PHE A 182 -2.10 -10.24 6.71
CA PHE A 182 -2.62 -11.61 6.65
C PHE A 182 -3.40 -11.95 7.91
N TYR A 183 -2.89 -11.52 9.08
CA TYR A 183 -3.60 -11.80 10.31
C TYR A 183 -4.89 -10.99 10.40
N GLN A 184 -4.82 -9.71 10.03
CA GLN A 184 -5.99 -8.84 10.12
C GLN A 184 -7.09 -9.32 9.19
N ALA A 185 -6.73 -9.83 8.00
CA ALA A 185 -7.73 -10.37 7.10
C ALA A 185 -8.43 -11.59 7.69
N GLU A 186 -7.74 -12.36 8.52
CA GLU A 186 -8.30 -13.50 9.24
C GLU A 186 -9.04 -13.09 10.50
N GLY A 187 -9.22 -11.79 10.74
CA GLY A 187 -10.01 -11.36 11.87
C GLY A 187 -9.26 -11.25 13.18
N ILE A 188 -7.93 -11.20 13.15
CA ILE A 188 -7.12 -11.09 14.36
C ILE A 188 -6.40 -9.74 14.33
N ASP A 189 -6.71 -8.90 15.32
CA ASP A 189 -6.01 -7.63 15.46
C ASP A 189 -4.60 -7.85 16.02
N ILE A 190 -3.61 -7.26 15.36
CA ILE A 190 -2.25 -7.23 15.87
C ILE A 190 -2.07 -5.94 16.65
N SER A 191 -1.51 -6.02 17.86
CA SER A 191 -1.38 -4.85 18.72
C SER A 191 0.00 -4.23 18.70
N LEU A 192 1.04 -5.01 18.42
CA LEU A 192 2.42 -4.54 18.45
C LEU A 192 3.21 -5.23 17.36
N LEU A 193 4.14 -4.49 16.75
CA LEU A 193 4.96 -4.99 15.65
C LEU A 193 6.43 -4.70 15.96
N GLY A 194 7.27 -5.73 15.83
CA GLY A 194 8.68 -5.61 16.16
C GLY A 194 9.51 -6.16 15.02
N ALA A 195 10.65 -5.53 14.77
CA ALA A 195 11.43 -5.84 13.59
C ALA A 195 12.77 -6.51 13.89
N TRP A 196 13.17 -6.55 15.16
CA TRP A 196 14.36 -7.27 15.58
C TRP A 196 14.02 -8.12 16.79
N ASN A 197 14.85 -9.14 16.98
CA ASN A 197 14.95 -9.88 18.24
C ASN A 197 16.40 -9.87 18.67
N GLU A 198 16.66 -9.43 19.90
CA GLU A 198 17.99 -9.46 20.50
C GLU A 198 19.06 -8.95 19.50
N PRO A 199 18.93 -7.72 18.99
CA PRO A 199 19.90 -7.20 18.03
C PRO A 199 21.28 -6.99 18.60
N ASP A 200 21.43 -7.10 19.92
CA ASP A 200 22.73 -7.05 20.56
C ASP A 200 23.44 -8.39 20.62
N PHE A 201 22.88 -9.43 19.98
CA PHE A 201 23.34 -10.81 20.17
C PHE A 201 23.26 -11.59 18.87
N ASN A 202 24.35 -12.29 18.52
CA ASN A 202 24.36 -13.16 17.36
C ASN A 202 24.44 -14.61 17.78
N PRO A 203 23.34 -15.36 17.79
CA PRO A 203 23.38 -16.79 18.12
C PRO A 203 23.93 -17.68 17.01
N VAL A 204 24.13 -17.11 15.81
CA VAL A 204 24.73 -17.74 14.62
C VAL A 204 23.75 -18.69 13.95
N THR A 205 23.25 -19.67 14.70
CA THR A 205 22.65 -20.86 14.09
C THR A 205 21.14 -20.77 13.88
N TYR A 206 20.48 -19.70 14.33
CA TYR A 206 19.05 -19.55 14.07
C TYR A 206 18.77 -18.08 13.76
N GLU A 207 17.48 -17.78 13.50
CA GLU A 207 17.06 -16.47 13.00
C GLU A 207 17.57 -15.37 13.91
N SER A 208 18.27 -14.41 13.31
CA SER A 208 18.89 -13.36 14.10
C SER A 208 19.29 -12.22 13.17
N MET A 209 19.48 -11.05 13.76
CA MET A 209 19.76 -9.81 13.05
C MET A 209 20.21 -8.74 14.02
N GLU A 210 21.37 -8.15 13.72
CA GLU A 210 22.02 -7.23 14.64
C GLU A 210 21.70 -5.77 14.28
N SER A 211 21.84 -4.90 15.28
CA SER A 211 21.61 -3.48 15.08
C SER A 211 22.12 -2.75 16.30
N ASP A 212 22.63 -1.54 16.10
CA ASP A 212 22.70 -0.56 17.18
C ASP A 212 21.49 0.37 17.05
N GLY A 213 21.42 1.42 17.87
CA GLY A 213 20.27 2.29 17.83
C GLY A 213 20.25 3.28 16.68
N PHE A 214 21.43 3.65 16.17
CA PHE A 214 21.49 4.52 15.01
C PHE A 214 20.96 3.77 13.79
N GLN A 215 21.45 2.54 13.60
CA GLN A 215 20.96 1.68 12.53
C GLN A 215 19.47 1.37 12.70
N ALA A 216 19.05 1.12 13.95
CA ALA A 216 17.64 0.84 14.20
C ALA A 216 16.77 2.01 13.80
N LYS A 217 17.19 3.23 14.18
CA LYS A 217 16.45 4.44 13.79
C LYS A 217 16.39 4.56 12.27
N ASP A 218 17.50 4.25 11.59
CA ASP A 218 17.55 4.30 10.14
C ASP A 218 16.47 3.42 9.52
N PHE A 219 16.08 2.34 10.19
CA PHE A 219 14.97 1.57 9.68
C PHE A 219 13.63 2.05 10.23
N LEU A 220 13.58 2.40 11.53
CA LEU A 220 12.30 2.81 12.12
C LEU A 220 11.72 4.03 11.44
N GLU A 221 12.56 4.92 10.92
CA GLU A 221 12.04 6.10 10.25
C GLU A 221 11.26 5.74 9.00
N ILE A 222 11.52 4.56 8.46
CA ILE A 222 10.77 4.00 7.32
C ILE A 222 9.58 3.18 7.81
N LEU A 223 9.84 2.25 8.72
CA LEU A 223 8.79 1.35 9.21
C LEU A 223 7.64 2.12 9.84
N TYR A 224 7.96 3.08 10.71
CA TYR A 224 6.90 3.69 11.52
C TYR A 224 5.81 4.34 10.68
N PRO A 225 6.11 5.27 9.76
CA PRO A 225 5.03 5.83 8.92
C PRO A 225 4.36 4.80 8.02
N THR A 226 5.12 3.85 7.50
CA THR A 226 4.53 2.76 6.73
C THR A 226 3.48 2.02 7.56
N VAL A 227 3.80 1.74 8.82
CA VAL A 227 2.88 1.03 9.70
C VAL A 227 1.65 1.87 9.97
N LYS A 228 1.84 3.14 10.36
CA LYS A 228 0.69 3.94 10.77
C LYS A 228 -0.23 4.23 9.60
N LYS A 229 0.28 4.27 8.38
CA LYS A 229 -0.58 4.49 7.22
C LYS A 229 -1.49 3.28 6.99
N ALA A 230 -0.98 2.08 7.25
CA ALA A 230 -1.74 0.86 7.00
C ALA A 230 -2.65 0.53 8.18
N PHE A 231 -2.21 0.87 9.39
CA PHE A 231 -2.90 0.44 10.60
C PHE A 231 -2.63 1.51 11.65
N PRO A 232 -3.46 2.56 11.69
CA PRO A 232 -3.13 3.71 12.54
C PRO A 232 -2.99 3.36 14.01
N ASN A 233 -3.54 2.24 14.46
CA ASN A 233 -3.54 1.88 15.87
C ASN A 233 -2.50 0.82 16.21
N LEU A 234 -1.66 0.43 15.25
CA LEU A 234 -0.67 -0.61 15.47
C LEU A 234 0.57 0.04 16.06
N ASP A 235 0.95 -0.39 17.27
CA ASP A 235 2.16 0.13 17.90
C ASP A 235 3.40 -0.60 17.39
N VAL A 236 4.54 0.09 17.44
CA VAL A 236 5.84 -0.39 16.99
C VAL A 236 6.77 -0.49 18.20
N SER A 237 7.47 -1.61 18.34
CA SER A 237 8.35 -1.84 19.47
C SER A 237 9.80 -1.54 19.12
N CYS A 238 10.62 -1.37 20.16
CA CYS A 238 12.07 -1.36 20.03
C CYS A 238 12.67 -1.80 21.35
N CYS A 239 13.58 -2.79 21.32
CA CYS A 239 14.06 -3.57 20.19
C CYS A 239 14.39 -5.00 20.66
N ASP A 240 13.78 -5.41 21.77
CA ASP A 240 13.88 -6.77 22.28
C ASP A 240 15.33 -7.15 22.56
N ALA A 241 16.07 -6.23 23.17
CA ALA A 241 17.46 -6.51 23.53
C ALA A 241 17.52 -7.65 24.55
N THR A 242 18.70 -8.30 24.64
CA THR A 242 18.82 -9.47 25.53
C THR A 242 18.72 -9.11 27.00
N GLY A 243 18.86 -7.84 27.32
CA GLY A 243 18.84 -7.39 28.70
C GLY A 243 18.47 -5.93 28.79
N ALA A 244 18.26 -5.47 30.03
CA ALA A 244 17.79 -4.10 30.23
C ALA A 244 18.86 -3.09 29.85
N ARG A 245 20.11 -3.32 30.26
CA ARG A 245 21.19 -2.41 29.92
C ARG A 245 21.37 -2.32 28.40
N GLN A 246 21.36 -3.47 27.72
CA GLN A 246 21.45 -3.47 26.27
C GLN A 246 20.29 -2.70 25.64
N GLU A 247 19.08 -2.87 26.19
CA GLU A 247 17.92 -2.12 25.72
C GLU A 247 18.10 -0.61 25.96
N ARG A 248 18.57 -0.21 27.15
CA ARG A 248 18.80 1.22 27.38
C ARG A 248 19.78 1.81 26.37
N ASN A 249 20.87 1.10 26.07
CA ASN A 249 21.81 1.59 25.06
C ASN A 249 21.16 1.78 23.70
N ILE A 250 20.35 0.82 23.25
CA ILE A 250 19.73 0.99 21.94
C ILE A 250 18.74 2.14 21.97
N LEU A 251 17.98 2.26 23.06
CA LEU A 251 17.02 3.36 23.19
C LEU A 251 17.72 4.72 23.21
N TYR A 252 18.86 4.81 23.89
CA TYR A 252 19.66 6.03 23.86
C TYR A 252 20.04 6.38 22.44
N GLU A 253 20.56 5.41 21.71
CA GLU A 253 21.06 5.66 20.37
C GLU A 253 19.93 5.95 19.39
N VAL A 254 18.80 5.25 19.50
CA VAL A 254 17.65 5.59 18.65
C VAL A 254 17.27 7.05 18.85
N GLN A 255 17.25 7.49 20.10
CA GLN A 255 16.85 8.86 20.40
C GLN A 255 17.92 9.86 19.95
N GLN A 256 19.20 9.50 20.13
CA GLN A 256 20.29 10.34 19.64
C GLN A 256 20.26 10.47 18.13
N ALA A 257 19.77 9.44 17.42
CA ALA A 257 19.71 9.47 15.97
C ALA A 257 18.46 10.18 15.46
N GLY A 258 17.59 10.61 16.36
CA GLY A 258 16.42 11.40 15.99
C GLY A 258 15.13 10.62 15.94
N GLY A 259 15.13 9.42 16.49
CA GLY A 259 14.02 8.48 16.33
C GLY A 259 13.12 8.31 17.54
N GLU A 260 13.13 9.25 18.48
CA GLU A 260 12.25 9.16 19.65
C GLU A 260 10.79 8.87 19.29
N HIS A 261 10.30 9.42 18.17
CA HIS A 261 8.89 9.26 17.82
C HIS A 261 8.69 8.29 16.65
N PHE A 262 9.64 7.38 16.45
CA PHE A 262 9.52 6.29 15.48
C PHE A 262 9.36 4.94 16.15
N PHE A 263 8.91 4.93 17.41
CA PHE A 263 8.54 3.69 18.08
C PHE A 263 7.67 4.04 19.28
N ASP A 264 6.86 3.06 19.71
CA ASP A 264 5.84 3.30 20.72
C ASP A 264 6.06 2.60 22.05
N VAL A 265 6.68 1.43 22.05
CA VAL A 265 6.81 0.58 23.22
C VAL A 265 8.25 0.11 23.31
N ALA A 266 8.82 0.14 24.53
CA ALA A 266 10.15 -0.40 24.76
C ALA A 266 10.06 -1.87 25.15
N THR A 267 10.66 -2.75 24.35
CA THR A 267 10.64 -4.17 24.65
C THR A 267 12.04 -4.66 24.97
N TRP A 268 12.12 -5.58 25.94
CA TRP A 268 13.40 -6.04 26.44
C TRP A 268 13.24 -7.44 27.04
N HIS A 269 14.36 -8.18 27.07
CA HIS A 269 14.40 -9.51 27.67
C HIS A 269 15.24 -9.45 28.94
N ASN A 270 15.03 -10.43 29.81
CA ASN A 270 15.66 -10.43 31.13
C ASN A 270 16.87 -11.37 31.22
N TYR A 271 17.43 -11.79 30.09
CA TYR A 271 18.49 -12.79 30.14
C TYR A 271 19.85 -12.23 30.57
N GLN A 272 20.23 -11.05 30.08
CA GLN A 272 21.62 -10.61 30.15
C GLN A 272 21.79 -9.29 30.88
N SER A 273 20.76 -8.83 31.59
N SER A 273 20.76 -8.81 31.57
CA SER A 273 20.80 -7.67 32.47
CA SER A 273 20.87 -7.73 32.55
C SER A 273 19.39 -7.46 33.02
C SER A 273 19.46 -7.40 33.03
N SER A 274 19.27 -7.30 34.35
CA SER A 274 17.97 -7.06 34.93
C SER A 274 17.92 -5.67 35.55
N PRO A 275 16.81 -4.96 35.42
CA PRO A 275 16.75 -3.59 35.91
C PRO A 275 16.31 -3.51 37.37
N GLU A 276 16.76 -2.43 38.02
CA GLU A 276 16.16 -1.95 39.25
C GLU A 276 15.79 -0.47 39.13
N ARG A 277 15.74 0.06 37.92
CA ARG A 277 15.46 1.46 37.64
C ARG A 277 14.66 1.54 36.36
N PRO A 278 13.97 2.65 36.12
CA PRO A 278 13.17 2.79 34.88
C PRO A 278 14.04 2.80 33.63
N PHE A 279 13.36 2.74 32.48
CA PHE A 279 14.00 2.85 31.19
C PHE A 279 14.08 4.29 30.75
N ASN A 280 15.01 4.57 29.83
CA ASN A 280 15.37 5.94 29.45
C ASN A 280 14.52 6.41 28.27
N VAL A 281 13.20 6.33 28.45
CA VAL A 281 12.23 6.84 27.50
C VAL A 281 11.14 7.52 28.29
N VAL A 282 10.55 8.55 27.69
CA VAL A 282 9.52 9.35 28.33
C VAL A 282 8.21 9.15 27.58
N GLY A 283 7.17 8.75 28.30
CA GLY A 283 5.86 8.61 27.71
C GLY A 283 5.63 7.36 26.92
N LYS A 284 6.49 6.35 27.09
CA LYS A 284 6.34 5.08 26.40
C LYS A 284 6.39 3.96 27.43
N PRO A 285 5.48 3.00 27.36
CA PRO A 285 5.51 1.88 28.29
C PRO A 285 6.59 0.90 27.85
N ASN A 286 6.91 -0.03 28.74
CA ASN A 286 7.86 -1.08 28.41
C ASN A 286 7.28 -2.44 28.75
N ILE A 287 7.65 -3.44 27.95
CA ILE A 287 7.25 -4.84 28.16
C ILE A 287 8.50 -5.68 28.21
N MET A 288 8.61 -6.53 29.23
CA MET A 288 9.59 -7.59 29.30
C MET A 288 9.03 -8.72 28.46
N THR A 289 9.54 -8.87 27.24
CA THR A 289 8.86 -9.72 26.25
C THR A 289 9.38 -11.15 26.17
N GLU A 290 10.41 -11.53 26.92
CA GLU A 290 10.90 -12.91 26.87
C GLU A 290 11.87 -13.18 28.01
N TRP A 291 11.59 -14.21 28.80
CA TRP A 291 12.54 -14.75 29.77
C TRP A 291 12.10 -16.17 30.11
N ALA A 292 13.05 -16.99 30.55
CA ALA A 292 12.76 -18.34 31.04
C ALA A 292 14.04 -18.89 31.63
N ASP A 293 13.90 -20.00 32.36
CA ASP A 293 15.04 -20.80 32.80
C ASP A 293 15.51 -21.57 31.59
N GLY A 294 16.54 -21.05 30.91
CA GLY A 294 16.92 -21.63 29.63
C GLY A 294 17.72 -22.90 29.70
N SER A 295 18.25 -23.26 30.87
CA SER A 295 19.16 -24.39 30.96
C SER A 295 18.74 -25.48 31.93
N GLY A 296 17.81 -25.20 32.84
CA GLY A 296 17.50 -26.14 33.88
C GLY A 296 16.41 -27.11 33.44
N PRO A 297 16.28 -28.23 34.15
CA PRO A 297 15.21 -29.19 33.85
C PRO A 297 13.84 -28.58 34.05
N TRP A 298 12.84 -29.24 33.43
CA TRP A 298 11.44 -28.90 33.70
C TRP A 298 11.20 -28.80 35.19
N ASN A 299 10.47 -27.75 35.60
CA ASN A 299 10.31 -27.45 37.02
C ASN A 299 8.93 -26.85 37.27
N THR A 300 8.28 -27.32 38.34
CA THR A 300 6.95 -26.86 38.70
C THR A 300 6.86 -26.29 40.11
N THR A 301 7.90 -26.42 40.92
CA THR A 301 7.76 -26.07 42.34
C THR A 301 7.58 -24.58 42.57
N TRP A 302 6.92 -24.26 43.68
CA TRP A 302 6.64 -22.89 44.08
C TRP A 302 7.75 -22.33 44.96
N ASP A 303 8.03 -23.00 46.11
CA ASP A 303 9.13 -22.57 46.98
C ASP A 303 9.68 -23.80 47.70
N VAL A 304 10.52 -24.55 47.00
CA VAL A 304 11.23 -25.66 47.60
C VAL A 304 12.72 -25.42 47.63
N SER A 305 13.30 -25.06 46.48
CA SER A 305 14.74 -24.88 46.37
C SER A 305 15.20 -23.45 46.56
N GLY A 306 14.38 -22.46 46.21
CA GLY A 306 14.85 -21.10 46.08
C GLY A 306 15.57 -20.80 44.79
N GLN A 307 15.50 -21.69 43.81
CA GLN A 307 16.16 -21.49 42.54
C GLN A 307 15.27 -20.62 41.64
N LEU A 308 15.89 -19.94 40.68
CA LEU A 308 15.19 -18.91 39.91
C LEU A 308 14.05 -19.48 39.06
N ALA A 309 14.02 -20.80 38.85
CA ALA A 309 12.95 -21.38 38.06
C ALA A 309 11.61 -21.40 38.82
N GLU A 310 11.63 -21.22 40.13
CA GLU A 310 10.45 -21.52 40.93
C GLU A 310 9.41 -20.40 40.87
N GLY A 311 8.15 -20.77 41.16
CA GLY A 311 7.06 -19.81 41.05
C GLY A 311 7.22 -18.61 41.95
N LEU A 312 7.64 -18.81 43.21
CA LEU A 312 7.81 -17.67 44.12
C LEU A 312 8.84 -16.70 43.57
N GLN A 313 9.93 -17.23 43.01
CA GLN A 313 10.95 -16.33 42.47
C GLN A 313 10.38 -15.51 41.31
N TRP A 314 9.53 -16.12 40.48
CA TRP A 314 8.96 -15.37 39.36
C TRP A 314 7.98 -14.29 39.85
N ALA A 315 7.23 -14.58 40.92
CA ALA A 315 6.41 -13.52 41.50
C ALA A 315 7.27 -12.33 41.91
N LEU A 316 8.42 -12.61 42.51
CA LEU A 316 9.31 -11.56 42.98
C LEU A 316 9.99 -10.83 41.81
N TYR A 317 10.40 -11.59 40.79
CA TYR A 317 10.95 -10.95 39.59
C TYR A 317 9.93 -10.02 38.95
N MET A 318 8.66 -10.44 38.92
CA MET A 318 7.67 -9.57 38.30
C MET A 318 7.39 -8.36 39.19
N HIS A 319 7.35 -8.55 40.52
CA HIS A 319 7.20 -7.41 41.40
C HIS A 319 8.28 -6.38 41.17
N ASN A 320 9.53 -6.84 41.00
CA ASN A 320 10.62 -5.91 40.75
C ASN A 320 10.37 -5.11 39.47
N ALA A 321 10.02 -5.80 38.38
CA ALA A 321 9.85 -5.10 37.11
C ALA A 321 8.71 -4.09 37.19
N PHE A 322 7.57 -4.50 37.75
CA PHE A 322 6.40 -3.62 37.76
C PHE A 322 6.58 -2.41 38.66
N THR A 323 7.29 -2.54 39.77
CA THR A 323 7.42 -1.44 40.73
C THR A 323 8.70 -0.62 40.57
N ASN A 324 9.75 -1.21 40.01
CA ASN A 324 11.02 -0.51 39.91
C ASN A 324 11.40 -0.10 38.49
N SER A 325 10.83 -0.73 37.45
N SER A 325 10.85 -0.75 37.45
CA SER A 325 11.03 -0.33 36.07
CA SER A 325 11.05 -0.27 36.08
C SER A 325 9.74 0.09 35.40
C SER A 325 9.73 0.04 35.40
N ASP A 326 8.65 0.22 36.18
CA ASP A 326 7.33 0.60 35.67
C ASP A 326 6.85 -0.27 34.51
N THR A 327 7.20 -1.56 34.56
CA THR A 327 6.96 -2.44 33.42
C THR A 327 5.48 -2.82 33.33
N SER A 328 4.96 -2.81 32.09
CA SER A 328 3.53 -3.01 31.82
C SER A 328 3.17 -4.44 31.45
N GLY A 329 4.14 -5.26 31.05
CA GLY A 329 3.85 -6.62 30.64
C GLY A 329 5.03 -7.51 30.88
N TYR A 330 4.79 -8.82 30.84
CA TYR A 330 5.82 -9.77 31.21
C TYR A 330 5.54 -11.10 30.54
N ASN A 331 6.52 -11.62 29.80
CA ASN A 331 6.36 -12.82 28.98
C ASN A 331 7.33 -13.91 29.40
N HIS A 332 6.81 -15.11 29.59
CA HIS A 332 7.63 -16.29 29.51
C HIS A 332 8.11 -16.45 28.07
N TRP A 333 9.17 -17.25 27.89
CA TRP A 333 9.62 -17.54 26.53
C TRP A 333 8.55 -18.32 25.79
N TRP A 334 8.47 -19.63 25.98
CA TRP A 334 7.46 -20.40 25.30
C TRP A 334 6.23 -20.67 26.17
N CYS A 335 5.08 -20.83 25.50
CA CYS A 335 3.83 -21.15 26.19
C CYS A 335 3.81 -22.60 26.64
N ALA A 336 3.92 -23.54 25.69
CA ALA A 336 3.74 -24.94 26.04
C ALA A 336 4.47 -25.85 25.05
N GLY A 337 4.89 -27.00 25.55
CA GLY A 337 5.47 -28.02 24.71
C GLY A 337 6.71 -28.62 25.35
N GLY A 338 7.72 -28.92 24.54
CA GLY A 338 8.99 -29.43 25.03
C GLY A 338 9.94 -28.32 25.43
N GLY A 339 11.23 -28.60 25.33
CA GLY A 339 12.24 -27.61 25.66
C GLY A 339 12.47 -27.42 27.14
N ALA A 340 12.28 -28.46 27.94
CA ALA A 340 12.64 -28.48 29.36
C ALA A 340 11.91 -27.35 30.06
N ASP A 341 12.61 -26.41 30.70
CA ASP A 341 11.99 -25.40 31.52
C ASP A 341 11.69 -24.12 30.77
N ASN A 342 11.83 -24.13 29.45
CA ASN A 342 11.55 -22.93 28.67
C ASN A 342 10.05 -22.68 28.43
N VAL A 343 9.17 -23.54 28.96
CA VAL A 343 7.73 -23.42 28.75
C VAL A 343 7.04 -23.22 30.08
N LEU A 344 5.81 -22.71 30.02
CA LEU A 344 4.95 -22.64 31.20
C LEU A 344 4.22 -23.96 31.46
N ILE A 345 3.90 -24.71 30.39
CA ILE A 345 3.21 -25.98 30.48
C ILE A 345 3.99 -26.98 29.66
N SER A 346 4.49 -28.02 30.31
CA SER A 346 5.25 -29.06 29.63
C SER A 346 4.29 -30.09 29.06
N ILE A 347 4.48 -30.47 27.80
CA ILE A 347 3.63 -31.47 27.13
C ILE A 347 4.49 -32.67 26.75
N THR A 348 4.03 -33.86 27.11
CA THR A 348 4.67 -35.13 26.74
C THR A 348 3.58 -36.08 26.28
N GLY A 349 3.58 -36.42 25.00
CA GLY A 349 2.50 -37.24 24.48
C GLY A 349 1.17 -36.56 24.76
N ASN A 350 0.20 -37.32 25.25
CA ASN A 350 -1.11 -36.77 25.59
C ASN A 350 -1.21 -36.45 27.08
N SER A 351 -0.15 -35.83 27.61
CA SER A 351 -0.11 -35.44 29.01
C SER A 351 0.51 -34.05 29.10
N TYR A 352 0.21 -33.35 30.18
CA TYR A 352 0.79 -32.03 30.37
C TYR A 352 0.88 -31.72 31.85
N GLU A 353 1.86 -30.89 32.20
CA GLU A 353 2.08 -30.41 33.56
C GLU A 353 2.18 -28.89 33.53
N VAL A 354 1.65 -28.24 34.56
CA VAL A 354 1.69 -26.78 34.66
C VAL A 354 2.74 -26.39 35.69
N SER A 355 3.66 -25.50 35.30
CA SER A 355 4.59 -24.95 36.28
C SER A 355 3.88 -23.95 37.19
N SER A 356 4.23 -23.97 38.50
CA SER A 356 3.63 -22.96 39.35
C SER A 356 4.10 -21.54 39.02
N ARG A 357 5.07 -21.39 38.11
CA ARG A 357 5.32 -20.06 37.56
C ARG A 357 4.03 -19.46 37.00
N LEU A 358 3.14 -20.29 36.43
CA LEU A 358 1.90 -19.73 35.91
C LEU A 358 1.06 -19.09 37.02
N TRP A 359 1.17 -19.58 38.26
CA TRP A 359 0.35 -18.99 39.31
C TRP A 359 0.96 -17.69 39.84
N ALA A 360 2.28 -17.51 39.66
CA ALA A 360 2.86 -16.18 39.84
C ALA A 360 2.31 -15.22 38.80
N PHE A 361 2.22 -15.65 37.53
CA PHE A 361 1.63 -14.81 36.50
C PHE A 361 0.18 -14.46 36.85
N ALA A 362 -0.61 -15.47 37.22
CA ALA A 362 -2.03 -15.27 37.49
C ALA A 362 -2.26 -14.35 38.69
N SER A 363 -1.43 -14.48 39.72
CA SER A 363 -1.55 -13.62 40.89
C SER A 363 -1.55 -12.14 40.51
N TYR A 364 -0.81 -11.80 39.45
CA TYR A 364 -0.85 -10.44 38.90
C TYR A 364 -1.99 -10.28 37.89
N PHE A 365 -2.05 -11.14 36.87
CA PHE A 365 -2.82 -10.80 35.69
C PHE A 365 -4.21 -11.42 35.65
N ARG A 366 -4.53 -12.39 36.50
CA ARG A 366 -5.93 -12.78 36.65
C ARG A 366 -6.75 -11.61 37.16
N PHE A 367 -6.12 -10.72 37.93
CA PHE A 367 -6.85 -9.65 38.62
C PHE A 367 -6.55 -8.26 38.08
N ALA A 368 -5.31 -7.99 37.66
CA ALA A 368 -4.96 -6.72 37.01
C ALA A 368 -5.08 -6.94 35.51
N ARG A 369 -6.26 -6.64 34.98
CA ARG A 369 -6.59 -6.93 33.60
C ARG A 369 -6.01 -5.85 32.68
N PRO A 370 -6.03 -6.05 31.37
CA PRO A 370 -5.52 -5.02 30.46
C PRO A 370 -6.18 -3.67 30.71
N GLY A 371 -5.37 -2.61 30.68
CA GLY A 371 -5.87 -1.29 30.96
C GLY A 371 -5.91 -0.92 32.42
N SER A 372 -5.57 -1.84 33.32
CA SER A 372 -5.45 -1.43 34.72
C SER A 372 -4.24 -0.52 34.88
N VAL A 373 -4.28 0.31 35.92
CA VAL A 373 -3.23 1.26 36.24
C VAL A 373 -2.62 0.88 37.59
N ARG A 374 -1.31 0.70 37.61
CA ARG A 374 -0.60 0.51 38.88
C ARG A 374 -0.73 1.75 39.74
N ILE A 375 -1.00 1.54 41.03
CA ILE A 375 -1.23 2.65 41.96
C ILE A 375 -0.26 2.53 43.15
N GLY A 376 -0.24 3.56 43.98
CA GLY A 376 0.72 3.59 45.07
C GLY A 376 0.49 2.45 46.06
N ALA A 377 1.59 1.84 46.47
CA ALA A 377 1.56 0.79 47.49
C ALA A 377 2.93 0.77 48.15
N THR A 378 2.95 0.94 49.47
CA THR A 378 4.19 0.87 50.21
C THR A 378 4.06 -0.13 51.34
N SER A 379 5.18 -0.68 51.75
CA SER A 379 5.27 -1.64 52.85
C SER A 379 6.33 -1.20 53.84
N SER A 380 6.03 -1.34 55.12
CA SER A 380 7.01 -1.02 56.15
C SER A 380 8.05 -2.11 56.36
N VAL A 381 7.97 -3.25 55.65
CA VAL A 381 8.88 -4.38 55.82
C VAL A 381 9.51 -4.71 54.46
N GLU A 382 10.84 -4.73 54.43
CA GLU A 382 11.58 -4.80 53.17
C GLU A 382 11.19 -6.02 52.34
N ASN A 383 11.02 -7.19 52.97
CA ASN A 383 10.72 -8.41 52.20
C ASN A 383 9.27 -8.85 52.35
N VAL A 384 8.38 -7.96 52.75
CA VAL A 384 6.95 -8.10 52.52
C VAL A 384 6.64 -7.11 51.42
N TYR A 385 6.56 -7.62 50.21
CA TYR A 385 6.45 -6.81 49.00
C TYR A 385 5.00 -6.56 48.68
N VAL A 386 4.73 -5.38 48.10
CA VAL A 386 3.36 -5.08 47.72
C VAL A 386 3.36 -4.25 46.44
N SER A 387 2.36 -4.51 45.59
CA SER A 387 2.00 -3.60 44.52
C SER A 387 0.48 -3.58 44.44
N ALA A 388 -0.05 -2.66 43.64
CA ALA A 388 -1.50 -2.52 43.58
C ALA A 388 -1.91 -1.96 42.24
N TYR A 389 -3.07 -2.43 41.75
CA TYR A 389 -3.55 -2.14 40.41
C TYR A 389 -5.04 -1.82 40.46
N GLU A 390 -5.45 -0.76 39.76
CA GLU A 390 -6.85 -0.38 39.67
C GLU A 390 -7.32 -0.60 38.23
N ASN A 391 -8.27 -1.51 38.07
CA ASN A 391 -8.84 -1.77 36.75
C ASN A 391 -9.66 -0.57 36.27
N LYS A 392 -9.85 -0.52 34.95
CA LYS A 392 -10.66 0.53 34.36
C LYS A 392 -12.02 0.66 35.05
N ASN A 393 -12.59 -0.48 35.48
CA ASN A 393 -13.93 -0.49 36.06
C ASN A 393 -13.94 -0.28 37.57
N GLY A 394 -12.81 0.06 38.18
CA GLY A 394 -12.77 0.45 39.58
C GLY A 394 -12.33 -0.64 40.54
N THR A 395 -12.34 -1.90 40.14
CA THR A 395 -11.88 -2.95 41.03
C THR A 395 -10.37 -2.83 41.23
N VAL A 396 -9.90 -3.32 42.38
CA VAL A 396 -8.50 -3.13 42.77
C VAL A 396 -7.91 -4.46 43.22
N SER A 397 -6.70 -4.75 42.74
CA SER A 397 -5.95 -5.93 43.15
C SER A 397 -4.70 -5.51 43.92
N ILE A 398 -4.46 -6.18 45.05
CA ILE A 398 -3.28 -5.91 45.87
C ILE A 398 -2.49 -7.21 46.10
N PRO A 399 -1.59 -7.56 45.21
CA PRO A 399 -0.76 -8.75 45.43
C PRO A 399 0.37 -8.48 46.41
N VAL A 400 0.31 -9.15 47.57
CA VAL A 400 1.32 -9.07 48.62
C VAL A 400 2.18 -10.32 48.58
N ILE A 401 3.49 -10.16 48.64
CA ILE A 401 4.43 -11.28 48.63
C ILE A 401 5.11 -11.29 49.98
N ASN A 402 4.80 -12.30 50.78
CA ASN A 402 5.54 -12.54 52.01
C ASN A 402 6.73 -13.42 51.63
N ALA A 403 7.89 -12.77 51.42
CA ALA A 403 9.11 -13.48 51.09
C ALA A 403 9.84 -13.95 52.33
N ALA A 404 9.31 -13.65 53.51
CA ALA A 404 9.91 -14.18 54.73
C ALA A 404 9.47 -15.63 54.95
N HIS A 405 10.14 -16.26 55.92
CA HIS A 405 9.98 -17.67 56.22
C HIS A 405 9.11 -17.91 57.46
N PHE A 406 8.20 -16.97 57.75
CA PHE A 406 7.26 -17.06 58.85
C PHE A 406 6.10 -16.12 58.54
N PRO A 407 4.96 -16.27 59.24
CA PRO A 407 3.78 -15.45 58.89
C PRO A 407 3.92 -13.99 59.27
N TYR A 408 3.35 -13.13 58.43
CA TYR A 408 3.22 -11.70 58.72
C TYR A 408 1.75 -11.31 58.90
N GLU A 409 1.47 -10.56 59.96
CA GLU A 409 0.18 -9.92 60.15
C GLU A 409 0.24 -8.55 59.47
N VAL A 410 -0.45 -8.40 58.35
CA VAL A 410 -0.43 -7.16 57.59
C VAL A 410 -1.67 -6.35 57.93
N THR A 411 -1.47 -5.04 58.07
CA THR A 411 -2.54 -4.06 58.14
C THR A 411 -2.43 -3.20 56.89
N ILE A 412 -3.46 -3.23 56.06
CA ILE A 412 -3.48 -2.48 54.81
C ILE A 412 -4.41 -1.28 54.96
N ASP A 413 -3.86 -0.08 54.83
CA ASP A 413 -4.65 1.15 54.87
C ASP A 413 -4.93 1.61 53.45
N LEU A 414 -6.21 1.79 53.13
CA LEU A 414 -6.66 2.12 51.79
C LEU A 414 -7.03 3.59 51.70
N GLN A 415 -6.39 4.31 50.77
CA GLN A 415 -6.71 5.70 50.49
C GLN A 415 -7.17 5.85 49.05
N GLY A 416 -8.24 6.62 48.85
CA GLY A 416 -8.77 6.83 47.53
C GLY A 416 -9.69 5.74 47.03
N LEU A 417 -10.13 4.82 47.89
CA LEU A 417 -10.98 3.70 47.49
C LEU A 417 -12.14 3.53 48.45
N LYS A 418 -12.84 4.63 48.77
CA LYS A 418 -13.98 4.57 49.68
C LYS A 418 -15.15 3.80 49.05
N ALA A 419 -15.22 3.75 47.73
CA ALA A 419 -16.34 3.11 47.04
C ALA A 419 -16.20 1.59 46.93
N ARG A 420 -15.11 1.02 47.42
CA ARG A 420 -14.98 -0.43 47.49
C ARG A 420 -15.78 -0.96 48.68
N LYS A 421 -16.53 -2.04 48.44
CA LYS A 421 -17.39 -2.64 49.46
C LYS A 421 -17.03 -4.07 49.84
N ARG A 422 -16.27 -4.80 49.01
CA ARG A 422 -16.06 -6.22 49.24
C ARG A 422 -14.60 -6.55 49.03
N VAL A 423 -14.11 -7.54 49.78
CA VAL A 423 -12.74 -8.00 49.63
C VAL A 423 -12.71 -9.52 49.57
N SER A 424 -12.03 -10.05 48.55
CA SER A 424 -11.74 -11.46 48.44
C SER A 424 -10.23 -11.66 48.52
N THR A 425 -9.81 -12.70 49.22
CA THR A 425 -8.39 -13.00 49.38
C THR A 425 -8.08 -14.33 48.71
N PHE A 426 -7.03 -14.32 47.89
CA PHE A 426 -6.51 -15.47 47.16
C PHE A 426 -5.09 -15.76 47.62
N LEU A 427 -4.72 -17.04 47.69
CA LEU A 427 -3.44 -17.45 48.24
C LEU A 427 -2.71 -18.38 47.27
N THR A 428 -1.43 -18.11 47.03
CA THR A 428 -0.57 -19.05 46.32
C THR A 428 0.65 -19.33 47.17
N ASP A 429 0.93 -20.61 47.39
CA ASP A 429 2.11 -21.08 48.10
C ASP A 429 2.27 -22.57 47.73
N ASN A 430 3.06 -23.30 48.53
CA ASN A 430 3.34 -24.67 48.14
C ASN A 430 2.09 -25.55 48.10
N SER A 431 0.97 -25.12 48.71
CA SER A 431 -0.22 -25.96 48.71
C SER A 431 -1.48 -25.20 48.30
N HIS A 432 -1.35 -24.04 47.66
CA HIS A 432 -2.47 -23.30 47.11
C HIS A 432 -2.09 -22.70 45.77
N ASN A 433 -2.94 -22.87 44.77
CA ASN A 433 -2.76 -22.26 43.45
C ASN A 433 -3.83 -21.20 43.26
N VAL A 434 -3.54 -19.96 43.69
CA VAL A 434 -4.48 -18.84 43.64
C VAL A 434 -5.81 -19.28 44.21
N THR A 435 -5.77 -19.95 45.36
CA THR A 435 -6.96 -20.45 46.02
C THR A 435 -7.72 -19.31 46.70
N LEU A 436 -9.04 -19.26 46.49
CA LEU A 436 -9.87 -18.32 47.25
C LEU A 436 -9.96 -18.74 48.72
N MET A 437 -9.48 -17.87 49.61
CA MET A 437 -9.37 -18.13 51.04
C MET A 437 -10.53 -17.55 51.84
N ASP A 438 -11.02 -16.36 51.48
CA ASP A 438 -11.94 -15.62 52.30
C ASP A 438 -12.66 -14.57 51.46
N GLN A 439 -13.90 -14.27 51.84
CA GLN A 439 -14.66 -13.19 51.21
C GLN A 439 -15.40 -12.44 52.30
N SER A 440 -15.18 -11.13 52.40
CA SER A 440 -15.76 -10.36 53.49
C SER A 440 -16.24 -9.02 52.96
N GLU A 441 -17.12 -8.38 53.74
CA GLU A 441 -17.52 -7.03 53.44
C GLU A 441 -16.46 -6.05 53.92
N LEU A 442 -16.33 -4.95 53.18
CA LEU A 442 -15.40 -3.89 53.52
C LEU A 442 -16.13 -2.84 54.35
N HIS A 443 -15.70 -2.68 55.60
CA HIS A 443 -16.16 -1.58 56.44
C HIS A 443 -14.93 -0.80 56.89
N GLY A 444 -14.94 0.49 56.67
CA GLY A 444 -13.73 1.24 56.87
C GLY A 444 -12.78 1.03 55.70
N SER A 445 -11.60 1.61 55.85
CA SER A 445 -10.58 1.55 54.82
C SER A 445 -9.33 0.81 55.32
N VAL A 446 -9.55 -0.23 56.14
CA VAL A 446 -8.44 -0.97 56.75
C VAL A 446 -8.71 -2.46 56.62
N LEU A 447 -7.78 -3.17 56.01
CA LEU A 447 -7.80 -4.62 55.91
C LEU A 447 -6.75 -5.21 56.82
N LYS A 448 -7.08 -6.29 57.50
CA LYS A 448 -6.13 -7.03 58.33
C LYS A 448 -6.20 -8.49 57.93
N ALA A 449 -5.02 -9.12 57.83
CA ALA A 449 -4.95 -10.53 57.49
C ALA A 449 -3.54 -11.02 57.78
N THR A 450 -3.42 -12.33 57.93
CA THR A 450 -2.14 -12.98 58.13
C THR A 450 -1.72 -13.65 56.84
N VAL A 451 -0.58 -13.24 56.30
CA VAL A 451 -0.06 -13.78 55.05
C VAL A 451 0.93 -14.90 55.40
N PRO A 452 0.70 -16.12 54.92
CA PRO A 452 1.56 -17.24 55.29
C PRO A 452 2.95 -17.05 54.71
N PRO A 453 3.94 -17.78 55.22
CA PRO A 453 5.31 -17.61 54.71
C PRO A 453 5.44 -17.95 53.23
N ARG A 454 6.34 -17.23 52.56
CA ARG A 454 6.80 -17.62 51.22
C ARG A 454 5.61 -17.78 50.27
N ALA A 455 4.74 -16.78 50.26
CA ALA A 455 3.43 -16.86 49.64
C ALA A 455 3.09 -15.55 48.95
N VAL A 456 2.28 -15.63 47.90
CA VAL A 456 1.63 -14.46 47.30
C VAL A 456 0.16 -14.48 47.71
N GLN A 457 -0.26 -13.44 48.41
CA GLN A 457 -1.65 -13.28 48.83
C GLN A 457 -2.23 -12.07 48.12
N VAL A 458 -3.29 -12.29 47.35
CA VAL A 458 -3.91 -11.23 46.56
C VAL A 458 -5.19 -10.79 47.24
N PHE A 459 -5.27 -9.50 47.57
CA PHE A 459 -6.52 -8.92 48.06
C PHE A 459 -7.25 -8.28 46.90
N TRP A 460 -8.44 -8.79 46.60
CA TRP A 460 -9.26 -8.38 45.47
C TRP A 460 -10.42 -7.54 45.99
N LEU A 461 -10.42 -6.25 45.66
CA LEU A 461 -11.39 -5.29 46.18
C LEU A 461 -12.43 -4.94 45.12
N GLU A 462 -13.71 -5.10 45.47
CA GLU A 462 -14.81 -4.76 44.57
C GLU A 462 -15.80 -3.82 45.24
N TRP B 17 -8.87 15.30 -56.10
CA TRP B 17 -8.96 16.05 -57.34
C TRP B 17 -8.82 17.56 -57.06
N SER B 18 -8.48 18.33 -58.08
CA SER B 18 -8.27 19.77 -57.90
C SER B 18 -8.34 20.45 -59.25
N TYR B 19 -8.45 21.78 -59.22
CA TYR B 19 -8.46 22.54 -60.45
C TYR B 19 -7.76 23.87 -60.25
N SER B 20 -7.68 24.61 -61.32
CA SER B 20 -6.88 25.82 -61.40
C SER B 20 -7.79 27.01 -61.13
N GLN B 21 -7.57 27.63 -59.98
CA GLN B 21 -8.03 28.95 -59.60
C GLN B 21 -7.35 29.24 -58.27
N THR B 22 -7.18 30.51 -57.95
CA THR B 22 -6.52 30.91 -56.72
C THR B 22 -7.35 31.95 -55.99
N LEU B 23 -7.57 31.74 -54.70
CA LEU B 23 -8.21 32.73 -53.85
C LEU B 23 -7.30 32.96 -52.64
N SER B 24 -7.65 33.95 -51.83
N SER B 24 -7.66 33.94 -51.81
CA SER B 24 -6.84 34.32 -50.68
CA SER B 24 -6.84 34.36 -50.69
C SER B 24 -7.55 33.96 -49.38
C SER B 24 -7.55 34.10 -49.36
N ALA B 25 -6.76 33.89 -48.31
CA ALA B 25 -7.30 33.72 -46.97
C ALA B 25 -6.38 34.49 -46.02
N ASN B 26 -6.97 35.17 -45.04
CA ASN B 26 -6.22 35.88 -44.01
C ASN B 26 -6.34 35.09 -42.71
N ILE B 27 -5.19 34.86 -42.07
CA ILE B 27 -5.13 34.08 -40.84
C ILE B 27 -4.48 34.95 -39.78
N GLN B 28 -5.03 34.91 -38.55
CA GLN B 28 -4.48 35.64 -37.41
C GLN B 28 -4.09 34.62 -36.35
N VAL B 29 -2.84 34.67 -35.90
CA VAL B 29 -2.36 33.80 -34.83
C VAL B 29 -1.98 34.69 -33.65
N ASN B 30 -2.53 34.39 -32.47
CA ASN B 30 -2.36 35.24 -31.30
C ASN B 30 -1.92 34.39 -30.12
N ALA B 31 -0.64 34.51 -29.74
CA ALA B 31 -0.14 33.74 -28.61
C ALA B 31 -0.65 34.25 -27.27
N LEU B 32 -1.33 35.39 -27.24
CA LEU B 32 -1.89 35.89 -25.99
C LEU B 32 -3.22 35.24 -25.67
N GLN B 33 -3.81 34.57 -26.66
CA GLN B 33 -5.02 33.77 -26.49
C GLN B 33 -4.59 32.32 -26.27
N ARG B 34 -4.90 31.77 -25.09
CA ARG B 34 -4.38 30.48 -24.67
C ARG B 34 -5.52 29.54 -24.34
N TYR B 35 -5.42 28.31 -24.80
CA TYR B 35 -6.45 27.31 -24.54
C TYR B 35 -5.85 26.10 -23.84
N GLN B 36 -6.09 24.89 -24.35
CA GLN B 36 -5.77 23.68 -23.60
C GLN B 36 -4.29 23.32 -23.73
N GLU B 37 -3.78 22.62 -22.71
CA GLU B 37 -2.46 22.01 -22.77
C GLU B 37 -2.54 20.68 -23.50
N MET B 38 -1.74 20.51 -24.56
CA MET B 38 -1.72 19.30 -25.38
C MET B 38 -0.93 18.18 -24.73
N ILE B 39 -1.40 16.96 -24.96
CA ILE B 39 -0.72 15.75 -24.50
C ILE B 39 -0.06 15.07 -25.70
N GLY B 40 -0.86 14.64 -26.68
CA GLY B 40 -0.29 14.09 -27.89
C GLY B 40 -1.25 13.15 -28.61
N GLY B 41 -0.70 12.44 -29.61
CA GLY B 41 -1.45 11.41 -30.30
C GLY B 41 -1.02 10.01 -29.88
N GLY B 42 -1.88 9.02 -30.12
CA GLY B 42 -1.48 7.68 -29.75
C GLY B 42 -2.32 6.56 -30.34
N CYS B 43 -2.15 5.38 -29.72
CA CYS B 43 -2.81 4.15 -30.16
C CYS B 43 -2.62 3.08 -29.08
N SER B 44 -3.28 1.94 -29.32
CA SER B 44 -3.33 0.82 -28.39
C SER B 44 -2.79 -0.44 -29.04
N GLY B 45 -2.19 -1.32 -28.22
CA GLY B 45 -1.88 -2.68 -28.62
C GLY B 45 -2.73 -3.73 -27.94
N ALA B 46 -3.93 -3.37 -27.51
CA ALA B 46 -4.75 -4.26 -26.71
C ALA B 46 -5.23 -5.47 -27.51
N PHE B 47 -5.64 -6.50 -26.78
CA PHE B 47 -6.24 -7.72 -27.34
C PHE B 47 -5.25 -8.46 -28.24
N GLY B 48 -3.96 -8.36 -27.89
CA GLY B 48 -2.90 -9.03 -28.62
C GLY B 48 -2.41 -8.31 -29.85
N TRP B 49 -2.88 -7.10 -30.12
CA TRP B 49 -2.31 -6.40 -31.27
C TRP B 49 -0.85 -6.06 -31.02
N ALA B 50 -0.46 -5.84 -29.75
CA ALA B 50 0.96 -5.68 -29.42
C ALA B 50 1.77 -6.90 -29.87
N CYS B 51 1.19 -8.10 -29.76
CA CYS B 51 1.89 -9.31 -30.18
C CYS B 51 1.98 -9.43 -31.69
N GLN B 52 1.07 -8.79 -32.42
CA GLN B 52 1.18 -8.76 -33.89
C GLN B 52 2.23 -7.75 -34.32
N GLN B 53 2.45 -6.71 -33.52
CA GLN B 53 3.53 -5.77 -33.78
C GLN B 53 4.89 -6.35 -33.42
N PHE B 54 4.93 -7.28 -32.46
CA PHE B 54 6.15 -7.97 -32.07
C PHE B 54 5.91 -9.47 -32.15
N PRO B 55 5.81 -10.02 -33.36
CA PRO B 55 5.48 -11.43 -33.59
C PRO B 55 6.72 -12.32 -33.71
N GLY B 58 7.36 -13.94 -38.00
CA GLY B 58 7.40 -13.44 -39.36
C GLY B 58 8.12 -12.11 -39.49
N LEU B 59 7.48 -11.06 -38.98
CA LEU B 59 8.08 -9.74 -39.01
C LEU B 59 9.40 -9.74 -38.21
N THR B 60 10.49 -9.36 -38.87
CA THR B 60 11.81 -9.44 -38.25
C THR B 60 11.91 -8.46 -37.08
N PRO B 61 12.79 -8.75 -36.10
CA PRO B 61 13.03 -7.78 -35.02
C PRO B 61 13.39 -6.39 -35.52
N GLU B 62 14.20 -6.30 -36.57
CA GLU B 62 14.56 -4.99 -37.11
C GLU B 62 13.34 -4.25 -37.65
N ASN B 63 12.42 -4.97 -38.30
CA ASN B 63 11.19 -4.32 -38.76
C ASN B 63 10.24 -4.06 -37.60
N GLN B 64 10.29 -4.87 -36.54
CA GLN B 64 9.50 -4.57 -35.34
C GLN B 64 9.94 -3.23 -34.77
N GLU B 65 11.25 -2.97 -34.72
CA GLU B 65 11.75 -1.69 -34.25
C GLU B 65 11.34 -0.57 -35.18
N GLU B 66 11.46 -0.80 -36.49
CA GLU B 66 11.19 0.24 -37.47
C GLU B 66 9.73 0.68 -37.41
N VAL B 67 8.81 -0.27 -37.32
CA VAL B 67 7.38 0.06 -37.18
C VAL B 67 7.16 0.90 -35.93
N THR B 68 7.76 0.48 -34.82
CA THR B 68 7.56 1.23 -33.57
C THR B 68 8.17 2.62 -33.66
N LYS B 69 9.37 2.72 -34.25
CA LYS B 69 10.00 4.00 -34.49
C LYS B 69 9.14 4.92 -35.35
N ILE B 70 8.59 4.39 -36.45
CA ILE B 70 7.74 5.21 -37.31
C ILE B 70 6.61 5.85 -36.49
N LEU B 71 6.06 5.10 -35.54
CA LEU B 71 4.93 5.63 -34.78
C LEU B 71 5.37 6.65 -33.73
N PHE B 72 6.43 6.36 -32.99
CA PHE B 72 6.72 7.10 -31.76
C PHE B 72 7.93 8.02 -31.85
N ASP B 73 8.75 7.93 -32.90
CA ASP B 73 9.83 8.89 -33.12
C ASP B 73 9.23 10.28 -33.30
N GLU B 74 9.73 11.25 -32.55
N GLU B 74 9.75 11.25 -32.56
CA GLU B 74 9.26 12.62 -32.69
CA GLU B 74 9.32 12.64 -32.66
C GLU B 74 9.38 13.10 -34.14
C GLU B 74 9.57 13.25 -34.04
N ASN B 75 10.38 12.60 -34.87
CA ASN B 75 10.65 13.05 -36.23
C ASN B 75 9.82 12.34 -37.30
N ILE B 76 8.97 11.37 -36.93
CA ILE B 76 8.20 10.68 -37.94
C ILE B 76 6.73 10.74 -37.55
N GLY B 77 6.20 9.68 -36.94
CA GLY B 77 4.81 9.69 -36.53
C GLY B 77 4.51 10.68 -35.40
N GLY B 78 5.47 10.89 -34.50
CA GLY B 78 5.30 11.90 -33.48
C GLY B 78 4.34 11.53 -32.36
N LEU B 79 3.94 10.27 -32.26
CA LEU B 79 2.96 9.89 -31.26
C LEU B 79 3.58 9.84 -29.86
N SER B 80 2.73 9.99 -28.85
CA SER B 80 3.20 9.98 -27.46
C SER B 80 2.37 9.10 -26.54
N ILE B 81 1.16 8.69 -26.91
CA ILE B 81 0.27 7.96 -26.00
C ILE B 81 0.28 6.49 -26.37
N VAL B 82 0.58 5.64 -25.40
CA VAL B 82 0.31 4.19 -25.53
C VAL B 82 -0.82 3.87 -24.57
N ARG B 83 -1.89 3.28 -25.09
CA ARG B 83 -3.05 2.92 -24.30
C ARG B 83 -3.06 1.40 -24.17
N ASN B 84 -2.89 0.91 -22.95
CA ASN B 84 -2.81 -0.52 -22.66
C ASN B 84 -4.10 -0.98 -22.00
N ASP B 85 -4.55 -2.19 -22.35
CA ASP B 85 -5.67 -2.83 -21.66
C ASP B 85 -5.17 -3.54 -20.40
N ILE B 86 -5.64 -3.08 -19.23
CA ILE B 86 -5.51 -3.86 -18.00
C ILE B 86 -6.43 -5.06 -18.12
N GLY B 87 -5.87 -6.21 -18.52
CA GLY B 87 -6.67 -7.31 -18.97
C GLY B 87 -7.37 -8.01 -17.82
N SER B 88 -8.48 -8.66 -18.18
CA SER B 88 -9.30 -9.38 -17.21
C SER B 88 -9.70 -10.76 -17.71
N SER B 89 -9.09 -11.24 -18.82
CA SER B 89 -9.38 -12.54 -19.42
C SER B 89 -8.36 -13.57 -18.97
N PRO B 90 -8.67 -14.86 -19.14
CA PRO B 90 -7.67 -15.90 -18.85
C PRO B 90 -6.40 -15.67 -19.66
N GLY B 91 -5.27 -15.70 -18.96
CA GLY B 91 -4.00 -15.45 -19.58
C GLY B 91 -3.60 -13.99 -19.69
N SER B 92 -4.51 -13.05 -19.47
CA SER B 92 -4.20 -11.65 -19.72
C SER B 92 -4.38 -10.76 -18.48
N THR B 93 -4.69 -11.34 -17.33
CA THR B 93 -4.94 -10.58 -16.11
C THR B 93 -3.85 -10.83 -15.07
N ILE B 94 -3.57 -9.79 -14.28
CA ILE B 94 -2.65 -9.94 -13.14
C ILE B 94 -3.30 -10.64 -11.97
N LEU B 95 -4.58 -11.00 -12.07
CA LEU B 95 -5.26 -11.74 -11.00
C LEU B 95 -5.93 -12.97 -11.60
N PRO B 96 -5.15 -13.97 -12.02
CA PRO B 96 -5.75 -15.13 -12.69
C PRO B 96 -6.73 -15.90 -11.82
N THR B 97 -6.51 -15.94 -10.50
CA THR B 97 -7.44 -16.52 -9.55
C THR B 97 -7.79 -15.47 -8.49
N CYS B 98 -9.08 -15.33 -8.19
CA CYS B 98 -9.46 -14.36 -7.17
C CYS B 98 -9.50 -15.00 -5.79
N PRO B 99 -9.32 -14.20 -4.74
CA PRO B 99 -9.61 -14.70 -3.39
C PRO B 99 -11.10 -14.90 -3.22
N ALA B 100 -11.45 -15.69 -2.20
CA ALA B 100 -12.86 -15.93 -1.89
C ALA B 100 -13.59 -14.63 -1.59
N THR B 101 -12.93 -13.70 -0.90
CA THR B 101 -13.54 -12.45 -0.44
C THR B 101 -12.57 -11.29 -0.67
N PRO B 102 -13.03 -10.04 -0.56
CA PRO B 102 -12.10 -8.91 -0.66
C PRO B 102 -11.01 -8.89 0.41
N ALA B 103 -11.10 -9.75 1.43
CA ALA B 103 -10.04 -9.79 2.44
C ALA B 103 -8.73 -10.36 1.91
N GLY B 104 -8.76 -11.00 0.73
CA GLY B 104 -7.58 -11.66 0.21
C GLY B 104 -7.30 -12.98 0.92
N PRO B 105 -6.07 -13.49 0.78
CA PRO B 105 -4.91 -12.90 0.08
C PRO B 105 -5.12 -12.77 -1.42
N PHE B 106 -4.57 -11.73 -2.01
CA PHE B 106 -4.55 -11.53 -3.44
C PHE B 106 -3.20 -12.01 -3.96
N ASN B 107 -3.22 -13.05 -4.82
CA ASN B 107 -2.01 -13.59 -5.40
C ASN B 107 -1.87 -13.02 -6.80
N TYR B 108 -1.27 -11.84 -6.89
CA TYR B 108 -1.04 -11.19 -8.19
C TYR B 108 0.09 -11.89 -8.94
N GLN B 109 0.03 -11.80 -10.26
CA GLN B 109 0.97 -12.47 -11.15
C GLN B 109 1.38 -11.46 -12.22
N TRP B 110 2.70 -11.33 -12.43
CA TRP B 110 3.26 -10.48 -13.47
C TRP B 110 4.17 -11.33 -14.33
N ASP B 111 3.84 -11.45 -15.62
CA ASP B 111 4.56 -12.37 -16.49
C ASP B 111 5.59 -11.69 -17.37
N GLY B 112 5.84 -10.40 -17.20
CA GLY B 112 6.80 -9.69 -18.02
C GLY B 112 6.36 -9.38 -19.43
N SER B 113 5.14 -9.76 -19.82
CA SER B 113 4.64 -9.57 -21.18
C SER B 113 3.40 -8.70 -21.22
N ASP B 114 2.38 -9.01 -20.43
CA ASP B 114 1.14 -8.25 -20.42
C ASP B 114 0.55 -8.23 -21.82
N SER B 115 0.47 -9.42 -22.42
CA SER B 115 -0.03 -9.62 -23.79
C SER B 115 0.75 -8.75 -24.77
N CYS B 116 2.08 -8.75 -24.61
CA CYS B 116 3.06 -8.00 -25.38
C CYS B 116 2.93 -6.49 -25.21
N GLN B 117 2.01 -6.01 -24.37
CA GLN B 117 1.87 -4.57 -24.19
C GLN B 117 3.06 -3.99 -23.46
N PHE B 118 3.72 -4.80 -22.63
CA PHE B 118 4.93 -4.33 -21.98
C PHE B 118 6.03 -4.10 -23.03
N ASN B 119 6.15 -5.03 -23.97
CA ASN B 119 7.12 -4.87 -25.06
C ASN B 119 6.83 -3.62 -25.89
N LEU B 120 5.56 -3.43 -26.27
CA LEU B 120 5.18 -2.21 -26.99
C LEU B 120 5.55 -0.97 -26.19
N THR B 121 5.22 -0.95 -24.89
CA THR B 121 5.42 0.26 -24.10
C THR B 121 6.91 0.54 -23.88
N LYS B 122 7.69 -0.52 -23.60
CA LYS B 122 9.13 -0.36 -23.45
C LYS B 122 9.76 0.18 -24.73
N THR B 123 9.39 -0.40 -25.87
CA THR B 123 9.96 0.02 -27.15
C THR B 123 9.52 1.43 -27.52
N ALA B 124 8.24 1.77 -27.34
CA ALA B 124 7.82 3.14 -27.57
C ALA B 124 8.58 4.11 -26.68
N LEU B 125 8.83 3.71 -25.42
CA LEU B 125 9.53 4.60 -24.50
C LEU B 125 10.96 4.86 -24.96
N LYS B 126 11.57 3.87 -25.64
CA LYS B 126 12.92 4.04 -26.14
C LYS B 126 12.98 5.10 -27.24
N TYR B 127 11.92 5.23 -28.02
CA TYR B 127 11.86 6.22 -29.09
C TYR B 127 11.24 7.53 -28.65
N ASN B 128 10.46 7.53 -27.57
CA ASN B 128 9.84 8.75 -27.06
C ASN B 128 9.95 8.72 -25.54
N PRO B 129 10.98 9.34 -24.99
CA PRO B 129 11.12 9.35 -23.52
C PRO B 129 10.00 10.10 -22.80
N GLU B 130 9.18 10.88 -23.51
CA GLU B 130 8.04 11.57 -22.92
C GLU B 130 6.76 10.77 -23.03
N LEU B 131 6.87 9.46 -23.19
CA LEU B 131 5.70 8.62 -23.41
C LEU B 131 4.68 8.80 -22.30
N TYR B 132 3.44 8.93 -22.71
CA TYR B 132 2.28 9.09 -21.85
C TYR B 132 1.53 7.77 -21.94
N VAL B 133 1.66 6.95 -20.90
CA VAL B 133 1.05 5.63 -20.91
C VAL B 133 -0.31 5.70 -20.23
N TYR B 134 -1.34 5.24 -20.90
CA TYR B 134 -2.68 5.20 -20.35
C TYR B 134 -3.03 3.74 -20.08
N ALA B 135 -3.15 3.38 -18.82
CA ALA B 135 -3.57 2.04 -18.43
C ALA B 135 -5.07 2.06 -18.18
N ASN B 136 -5.80 1.24 -18.95
CA ASN B 136 -7.25 1.33 -19.08
C ASN B 136 -7.78 -0.08 -18.97
N ALA B 137 -8.53 -0.38 -17.90
CA ALA B 137 -9.24 -1.65 -17.83
C ALA B 137 -10.47 -1.62 -18.72
N TRP B 138 -10.69 -2.72 -19.48
CA TRP B 138 -11.96 -2.85 -20.18
C TRP B 138 -13.04 -3.44 -19.28
N SER B 139 -12.63 -4.17 -18.25
CA SER B 139 -13.52 -4.78 -17.27
C SER B 139 -12.73 -5.06 -16.01
N ALA B 140 -13.43 -5.10 -14.88
CA ALA B 140 -12.88 -5.70 -13.69
C ALA B 140 -12.78 -7.21 -13.87
N PRO B 141 -11.95 -7.90 -13.08
CA PRO B 141 -12.02 -9.37 -13.04
C PRO B 141 -13.45 -9.83 -12.78
N GLY B 142 -13.84 -10.94 -13.42
CA GLY B 142 -15.23 -11.38 -13.31
C GLY B 142 -15.68 -11.62 -11.87
N CYS B 143 -14.75 -12.05 -11.02
CA CYS B 143 -15.11 -12.31 -9.63
C CYS B 143 -15.56 -11.05 -8.90
N MET B 144 -15.19 -9.87 -9.37
CA MET B 144 -15.65 -8.63 -8.75
C MET B 144 -16.85 -8.00 -9.43
N LYS B 145 -17.57 -8.72 -10.30
CA LYS B 145 -18.65 -8.15 -11.09
C LYS B 145 -19.95 -8.88 -10.85
N THR B 146 -21.06 -8.16 -11.05
CA THR B 146 -22.38 -8.75 -10.88
C THR B 146 -22.58 -9.98 -11.76
N VAL B 147 -21.96 -9.99 -12.94
CA VAL B 147 -22.19 -11.07 -13.90
C VAL B 147 -21.18 -12.20 -13.75
N GLY B 148 -20.16 -12.04 -12.91
CA GLY B 148 -19.26 -13.13 -12.60
C GLY B 148 -18.27 -13.47 -13.69
N THR B 149 -18.21 -12.64 -14.72
CA THR B 149 -17.31 -12.84 -15.85
C THR B 149 -16.82 -11.48 -16.32
N GLU B 150 -15.66 -11.48 -17.00
CA GLU B 150 -15.11 -10.24 -17.54
C GLU B 150 -15.84 -9.81 -18.82
N ASN B 151 -16.58 -10.71 -19.45
CA ASN B 151 -17.39 -10.42 -20.61
C ASN B 151 -18.78 -9.93 -20.20
N ASP B 152 -19.59 -9.59 -21.21
CA ASP B 152 -21.03 -9.39 -21.05
C ASP B 152 -21.39 -8.26 -20.06
N GLY B 153 -20.68 -7.13 -20.13
CA GLY B 153 -21.10 -5.96 -19.38
C GLY B 153 -21.18 -6.22 -17.89
N GLY B 154 -22.29 -5.81 -17.25
CA GLY B 154 -22.39 -5.90 -15.81
C GLY B 154 -21.61 -4.81 -15.10
N GLN B 155 -21.69 -4.86 -13.76
CA GLN B 155 -21.26 -3.77 -12.91
C GLN B 155 -20.26 -4.25 -11.87
N ILE B 156 -19.42 -3.32 -11.42
CA ILE B 156 -18.57 -3.57 -10.25
C ILE B 156 -19.46 -3.85 -9.05
N CYS B 157 -19.21 -4.99 -8.39
CA CYS B 157 -19.89 -5.31 -7.14
C CYS B 157 -19.64 -4.24 -6.11
N GLY B 158 -20.71 -3.64 -5.58
CA GLY B 158 -20.63 -2.61 -4.56
C GLY B 158 -21.18 -1.25 -4.97
N VAL B 159 -21.32 -0.96 -6.28
CA VAL B 159 -21.91 0.32 -6.68
C VAL B 159 -23.42 0.19 -6.53
N ARG B 160 -24.14 1.31 -6.59
CA ARG B 160 -25.59 1.23 -6.39
C ARG B 160 -26.19 0.41 -7.52
N GLY B 161 -27.36 -0.18 -7.25
CA GLY B 161 -27.96 -1.04 -8.25
C GLY B 161 -27.31 -2.40 -8.39
N THR B 162 -26.52 -2.83 -7.40
CA THR B 162 -25.93 -4.17 -7.39
C THR B 162 -26.26 -4.87 -6.08
N ASN B 163 -26.27 -6.22 -6.12
CA ASN B 163 -26.42 -7.01 -4.93
C ASN B 163 -25.49 -8.22 -5.00
N CYS B 164 -24.20 -7.98 -4.87
CA CYS B 164 -23.24 -9.06 -4.72
C CYS B 164 -23.09 -9.42 -3.25
N THR B 165 -22.53 -10.61 -2.99
CA THR B 165 -22.27 -11.01 -1.61
C THR B 165 -21.32 -10.01 -0.92
N TYR B 166 -20.34 -9.49 -1.66
CA TYR B 166 -19.35 -8.57 -1.10
C TYR B 166 -19.23 -7.34 -1.97
N ASP B 167 -18.80 -6.25 -1.33
CA ASP B 167 -18.43 -5.01 -1.98
C ASP B 167 -16.98 -5.15 -2.43
N TRP B 168 -16.75 -5.19 -3.75
CA TRP B 168 -15.42 -5.41 -4.31
C TRP B 168 -14.77 -4.11 -4.78
N ARG B 169 -15.32 -2.95 -4.41
CA ARG B 169 -14.80 -1.70 -4.93
C ARG B 169 -13.37 -1.45 -4.48
N GLN B 170 -13.09 -1.55 -3.17
CA GLN B 170 -11.72 -1.33 -2.72
C GLN B 170 -10.78 -2.35 -3.36
N ALA B 171 -11.22 -3.60 -3.48
CA ALA B 171 -10.39 -4.61 -4.11
C ALA B 171 -10.07 -4.27 -5.56
N TYR B 172 -11.07 -3.78 -6.31
CA TYR B 172 -10.82 -3.43 -7.71
C TYR B 172 -9.88 -2.23 -7.80
N ALA B 173 -10.04 -1.24 -6.92
CA ALA B 173 -9.10 -0.11 -6.92
C ALA B 173 -7.67 -0.58 -6.61
N ASP B 174 -7.53 -1.42 -5.59
CA ASP B 174 -6.21 -1.94 -5.24
C ASP B 174 -5.61 -2.75 -6.38
N TYR B 175 -6.45 -3.50 -7.10
CA TYR B 175 -5.99 -4.29 -8.23
C TYR B 175 -5.45 -3.39 -9.35
N LEU B 176 -6.17 -2.31 -9.65
CA LEU B 176 -5.72 -1.36 -10.66
C LEU B 176 -4.41 -0.71 -10.27
N VAL B 177 -4.27 -0.36 -8.99
CA VAL B 177 -3.02 0.22 -8.53
C VAL B 177 -1.88 -0.81 -8.61
N GLN B 178 -2.19 -2.08 -8.37
CA GLN B 178 -1.14 -3.09 -8.44
C GLN B 178 -0.64 -3.22 -9.87
N TYR B 179 -1.54 -3.15 -10.84
CA TYR B 179 -1.10 -3.13 -12.25
C TYR B 179 -0.08 -2.03 -12.48
N VAL B 180 -0.39 -0.82 -12.01
CA VAL B 180 0.53 0.30 -12.17
C VAL B 180 1.84 0.00 -11.46
N LYS B 181 1.76 -0.62 -10.27
CA LYS B 181 2.97 -0.97 -9.54
C LYS B 181 3.86 -1.92 -10.33
N PHE B 182 3.29 -2.86 -11.08
CA PHE B 182 4.13 -3.77 -11.86
C PHE B 182 4.88 -3.01 -12.95
N TYR B 183 4.21 -2.06 -13.61
CA TYR B 183 4.89 -1.27 -14.62
C TYR B 183 5.97 -0.39 -14.01
N GLN B 184 5.68 0.24 -12.86
CA GLN B 184 6.69 1.06 -12.20
C GLN B 184 7.92 0.24 -11.84
N ALA B 185 7.72 -0.97 -11.31
CA ALA B 185 8.84 -1.84 -10.97
C ALA B 185 9.70 -2.20 -12.17
N GLU B 186 9.13 -2.10 -13.38
CA GLU B 186 9.86 -2.35 -14.62
C GLU B 186 10.47 -1.09 -15.20
N GLY B 187 10.36 0.04 -14.49
CA GLY B 187 10.93 1.28 -14.96
C GLY B 187 10.04 2.12 -15.87
N ILE B 188 8.74 1.88 -15.87
CA ILE B 188 7.82 2.61 -16.75
C ILE B 188 6.78 3.32 -15.90
N ASP B 189 6.70 4.64 -16.05
CA ASP B 189 5.72 5.42 -15.32
C ASP B 189 4.44 5.53 -16.11
N ILE B 190 3.32 5.17 -15.47
N ILE B 190 3.31 5.23 -15.47
CA ILE B 190 1.99 5.36 -16.03
CA ILE B 190 2.00 5.34 -16.11
C ILE B 190 1.56 6.80 -15.80
C ILE B 190 1.42 6.71 -15.77
N SER B 191 0.88 7.40 -16.78
CA SER B 191 0.39 8.77 -16.65
C SER B 191 -1.12 8.89 -16.41
N LEU B 192 -1.90 7.90 -16.82
CA LEU B 192 -3.34 7.95 -16.71
C LEU B 192 -3.88 6.55 -16.42
N LEU B 193 -4.89 6.47 -15.56
CA LEU B 193 -5.49 5.21 -15.14
C LEU B 193 -7.01 5.28 -15.32
N GLY B 194 -7.57 4.30 -16.03
CA GLY B 194 -9.00 4.24 -16.27
C GLY B 194 -9.54 2.87 -15.90
N ALA B 195 -10.79 2.87 -15.40
CA ALA B 195 -11.41 1.69 -14.81
C ALA B 195 -12.53 1.09 -15.66
N TRP B 196 -12.94 1.77 -16.74
CA TRP B 196 -13.97 1.27 -17.64
C TRP B 196 -13.56 1.54 -19.08
N ASN B 197 -14.13 0.72 -19.98
CA ASN B 197 -14.11 1.01 -21.41
C ASN B 197 -15.53 0.95 -21.93
N GLU B 198 -15.97 2.01 -22.60
CA GLU B 198 -17.29 2.10 -23.22
C GLU B 198 -18.39 1.56 -22.28
N PRO B 199 -18.51 2.13 -21.07
CA PRO B 199 -19.49 1.60 -20.10
C PRO B 199 -20.94 1.83 -20.50
N ASP B 200 -21.17 2.58 -21.59
CA ASP B 200 -22.50 2.75 -22.17
C ASP B 200 -22.83 1.66 -23.19
N PHE B 201 -21.98 0.65 -23.35
CA PHE B 201 -22.09 -0.32 -24.42
C PHE B 201 -21.75 -1.72 -23.93
N ASN B 202 -22.55 -2.70 -24.34
CA ASN B 202 -22.29 -4.11 -24.02
C ASN B 202 -22.08 -4.88 -25.30
N PRO B 203 -20.82 -5.09 -25.70
CA PRO B 203 -20.51 -5.95 -26.85
C PRO B 203 -20.71 -7.45 -26.61
N VAL B 204 -20.95 -7.87 -25.37
CA VAL B 204 -21.25 -9.24 -24.93
C VAL B 204 -20.05 -10.18 -24.97
N THR B 205 -19.37 -10.30 -26.13
CA THR B 205 -18.44 -11.40 -26.37
C THR B 205 -16.99 -11.12 -25.95
N TYR B 206 -16.66 -9.93 -25.45
CA TYR B 206 -15.31 -9.62 -25.02
C TYR B 206 -15.38 -8.68 -23.83
N GLU B 207 -14.20 -8.33 -23.30
CA GLU B 207 -14.09 -7.59 -22.04
C GLU B 207 -14.94 -6.33 -22.03
N SER B 208 -15.81 -6.22 -21.04
CA SER B 208 -16.75 -5.11 -21.01
C SER B 208 -17.31 -5.02 -19.61
N MET B 209 -17.85 -3.84 -19.29
CA MET B 209 -18.34 -3.53 -17.96
C MET B 209 -19.18 -2.26 -18.07
N GLU B 210 -20.41 -2.29 -17.58
CA GLU B 210 -21.33 -1.19 -17.78
C GLU B 210 -21.41 -0.29 -16.55
N SER B 211 -21.85 0.96 -16.76
CA SER B 211 -21.95 1.94 -15.68
C SER B 211 -22.74 3.15 -16.15
N ASP B 212 -23.53 3.75 -15.25
CA ASP B 212 -23.94 5.14 -15.44
C ASP B 212 -23.05 5.99 -14.54
N GLY B 213 -23.34 7.30 -14.48
CA GLY B 213 -22.43 8.18 -13.76
C GLY B 213 -22.62 8.15 -12.27
N PHE B 214 -23.81 7.77 -11.81
CA PHE B 214 -23.98 7.58 -10.39
C PHE B 214 -23.15 6.39 -9.92
N GLN B 215 -23.26 5.26 -10.63
CA GLN B 215 -22.49 4.07 -10.31
C GLN B 215 -21.01 4.33 -10.45
N ALA B 216 -20.63 5.14 -11.45
CA ALA B 216 -19.21 5.41 -11.65
C ALA B 216 -18.65 6.21 -10.49
N LYS B 217 -19.42 7.19 -10.00
CA LYS B 217 -19.01 7.93 -8.80
C LYS B 217 -18.87 6.99 -7.60
N ASP B 218 -19.80 6.04 -7.46
CA ASP B 218 -19.71 5.10 -6.34
C ASP B 218 -18.38 4.36 -6.32
N PHE B 219 -17.78 4.13 -7.50
CA PHE B 219 -16.44 3.55 -7.56
C PHE B 219 -15.36 4.60 -7.48
N LEU B 220 -15.51 5.72 -8.19
CA LEU B 220 -14.45 6.71 -8.24
C LEU B 220 -14.16 7.30 -6.87
N GLU B 221 -15.18 7.41 -6.01
CA GLU B 221 -14.95 7.91 -4.66
C GLU B 221 -14.00 7.02 -3.88
N ILE B 222 -13.86 5.76 -4.28
N ILE B 222 -13.83 5.76 -4.29
CA ILE B 222 -12.90 4.84 -3.70
CA ILE B 222 -12.88 4.86 -3.67
C ILE B 222 -11.60 4.84 -4.48
C ILE B 222 -11.59 4.77 -4.48
N LEU B 223 -11.70 4.70 -5.80
CA LEU B 223 -10.50 4.63 -6.66
C LEU B 223 -9.61 5.86 -6.50
N TYR B 224 -10.21 7.04 -6.53
CA TYR B 224 -9.41 8.26 -6.62
C TYR B 224 -8.48 8.42 -5.42
N PRO B 225 -8.97 8.46 -4.18
CA PRO B 225 -8.03 8.55 -3.03
C PRO B 225 -7.10 7.37 -2.95
N THR B 226 -7.54 6.17 -3.38
CA THR B 226 -6.65 5.01 -3.36
C THR B 226 -5.47 5.23 -4.31
N VAL B 227 -5.75 5.72 -5.50
CA VAL B 227 -4.68 6.02 -6.47
C VAL B 227 -3.73 7.07 -5.91
N LYS B 228 -4.26 8.18 -5.40
CA LYS B 228 -3.37 9.27 -5.01
C LYS B 228 -2.47 8.89 -3.83
N LYS B 229 -2.92 7.96 -2.97
CA LYS B 229 -2.06 7.51 -1.88
C LYS B 229 -0.82 6.82 -2.42
N ALA B 230 -0.99 5.98 -3.43
CA ALA B 230 0.10 5.20 -4.00
C ALA B 230 0.90 5.96 -5.05
N PHE B 231 0.23 6.83 -5.82
CA PHE B 231 0.83 7.53 -6.95
C PHE B 231 0.22 8.93 -7.00
N PRO B 232 0.80 9.90 -6.29
CA PRO B 232 0.12 11.20 -6.13
C PRO B 232 -0.01 11.98 -7.42
N ASN B 233 0.77 11.65 -8.44
CA ASN B 233 0.75 12.37 -9.71
C ASN B 233 0.11 11.55 -10.82
N LEU B 234 -0.54 10.44 -10.50
CA LEU B 234 -1.24 9.65 -11.50
C LEU B 234 -2.64 10.20 -11.68
N ASP B 235 -2.96 10.60 -12.90
CA ASP B 235 -4.32 11.08 -13.20
C ASP B 235 -5.27 9.91 -13.39
N VAL B 236 -6.55 10.15 -13.06
CA VAL B 236 -7.63 9.17 -13.20
C VAL B 236 -8.61 9.68 -14.26
N SER B 237 -8.99 8.81 -15.19
CA SER B 237 -9.91 9.17 -16.27
C SER B 237 -11.34 8.77 -15.94
N CYS B 238 -12.27 9.39 -16.67
CA CYS B 238 -13.65 8.94 -16.79
C CYS B 238 -14.22 9.41 -18.13
N CYS B 239 -14.87 8.52 -18.89
CA CYS B 239 -15.03 7.08 -18.63
C CYS B 239 -14.99 6.28 -19.92
N ASP B 240 -14.33 6.81 -20.96
CA ASP B 240 -14.15 6.11 -22.23
C ASP B 240 -15.49 5.68 -22.84
N ALA B 241 -16.48 6.57 -22.79
CA ALA B 241 -17.76 6.30 -23.43
C ALA B 241 -17.58 6.13 -24.93
N THR B 242 -18.56 5.48 -25.57
CA THR B 242 -18.47 5.22 -27.00
C THR B 242 -18.59 6.46 -27.86
N GLY B 243 -19.07 7.56 -27.30
CA GLY B 243 -19.23 8.79 -28.06
C GLY B 243 -19.25 9.98 -27.13
N ALA B 244 -19.19 11.17 -27.74
CA ALA B 244 -19.15 12.41 -26.96
C ALA B 244 -20.41 12.60 -26.13
N ARG B 245 -21.59 12.36 -26.73
CA ARG B 245 -22.84 12.57 -25.98
C ARG B 245 -22.95 11.61 -24.80
N GLN B 246 -22.61 10.33 -25.02
CA GLN B 246 -22.62 9.36 -23.93
C GLN B 246 -21.65 9.76 -22.81
N GLU B 247 -20.49 10.29 -23.17
CA GLU B 247 -19.56 10.80 -22.17
C GLU B 247 -20.17 11.97 -21.39
N ARG B 248 -20.79 12.92 -22.09
CA ARG B 248 -21.39 14.07 -21.39
C ARG B 248 -22.42 13.61 -20.36
N ASN B 249 -23.20 12.57 -20.71
CA ASN B 249 -24.23 12.07 -19.80
C ASN B 249 -23.60 11.48 -18.54
N ILE B 250 -22.55 10.67 -18.71
CA ILE B 250 -21.85 10.07 -17.58
C ILE B 250 -21.18 11.15 -16.74
N LEU B 251 -20.54 12.13 -17.39
CA LEU B 251 -19.93 13.21 -16.63
C LEU B 251 -20.97 13.99 -15.84
N TYR B 252 -22.14 14.25 -16.44
CA TYR B 252 -23.23 14.91 -15.74
C TYR B 252 -23.61 14.14 -14.51
N GLU B 253 -23.77 12.82 -14.65
CA GLU B 253 -24.23 12.00 -13.55
C GLU B 253 -23.14 11.84 -12.50
N VAL B 254 -21.87 11.73 -12.90
CA VAL B 254 -20.79 11.74 -11.91
C VAL B 254 -20.87 12.99 -11.05
N GLN B 255 -21.10 14.16 -11.67
CA GLN B 255 -21.10 15.40 -10.92
C GLN B 255 -22.35 15.52 -10.05
N GLN B 256 -23.49 15.06 -10.57
CA GLN B 256 -24.72 15.04 -9.78
C GLN B 256 -24.58 14.16 -8.55
N ALA B 257 -23.86 13.04 -8.68
CA ALA B 257 -23.68 12.13 -7.58
C ALA B 257 -22.69 12.65 -6.55
N GLY B 258 -22.06 13.79 -6.81
CA GLY B 258 -21.05 14.35 -5.91
C GLY B 258 -19.62 14.01 -6.22
N GLY B 259 -19.33 13.55 -7.44
CA GLY B 259 -17.99 13.04 -7.77
C GLY B 259 -17.11 13.90 -8.66
N GLU B 260 -17.42 15.20 -8.73
CA GLU B 260 -16.65 16.13 -9.56
C GLU B 260 -15.15 16.02 -9.32
N HIS B 261 -14.72 15.83 -8.08
CA HIS B 261 -13.30 15.82 -7.78
C HIS B 261 -12.74 14.42 -7.57
N PHE B 262 -13.39 13.39 -8.13
CA PHE B 262 -12.87 12.03 -8.09
C PHE B 262 -12.41 11.54 -9.47
N PHE B 263 -12.12 12.45 -10.38
CA PHE B 263 -11.43 12.11 -11.61
C PHE B 263 -10.76 13.37 -12.16
N ASP B 264 -9.79 13.16 -13.04
CA ASP B 264 -8.92 14.22 -13.52
C ASP B 264 -9.07 14.56 -14.99
N VAL B 265 -9.40 13.57 -15.83
CA VAL B 265 -9.34 13.69 -17.28
C VAL B 265 -10.59 13.05 -17.85
N ALA B 266 -11.31 13.78 -18.69
CA ALA B 266 -12.46 13.21 -19.39
C ALA B 266 -11.98 12.46 -20.63
N THR B 267 -12.30 11.18 -20.73
CA THR B 267 -11.91 10.39 -21.89
C THR B 267 -13.14 9.90 -22.64
N TRP B 268 -13.01 9.80 -23.96
CA TRP B 268 -14.18 9.52 -24.78
C TRP B 268 -13.71 9.00 -26.12
N HIS B 269 -14.58 8.22 -26.77
CA HIS B 269 -14.33 7.66 -28.09
C HIS B 269 -15.23 8.36 -29.10
N ASN B 270 -14.86 8.26 -30.39
CA ASN B 270 -15.56 9.00 -31.44
C ASN B 270 -16.47 8.12 -32.31
N TYR B 271 -16.87 6.96 -31.79
CA TYR B 271 -17.66 6.02 -32.60
C TYR B 271 -19.12 6.41 -32.70
N GLN B 272 -19.73 6.81 -31.59
CA GLN B 272 -21.20 6.84 -31.53
C GLN B 272 -21.76 8.22 -31.25
N SER B 273 -20.91 9.26 -31.32
N SER B 273 -20.92 9.26 -31.33
CA SER B 273 -21.32 10.66 -31.23
CA SER B 273 -21.35 10.66 -31.34
C SER B 273 -20.06 11.52 -31.34
C SER B 273 -20.11 11.54 -31.35
N SER B 274 -20.09 12.54 -32.21
CA SER B 274 -18.94 13.42 -32.30
C SER B 274 -19.32 14.82 -31.86
N PRO B 275 -18.46 15.51 -31.13
CA PRO B 275 -18.79 16.84 -30.64
C PRO B 275 -18.48 17.93 -31.65
N GLU B 276 -19.17 19.06 -31.46
CA GLU B 276 -18.74 20.34 -32.02
C GLU B 276 -18.67 21.38 -30.91
N ARG B 277 -18.75 20.95 -29.66
CA ARG B 277 -18.86 21.80 -28.47
C ARG B 277 -18.04 21.19 -27.35
N PRO B 278 -17.60 22.00 -26.39
CA PRO B 278 -16.78 21.48 -25.29
C PRO B 278 -17.54 20.48 -24.42
N PHE B 279 -16.81 19.85 -23.52
CA PHE B 279 -17.44 18.93 -22.57
C PHE B 279 -17.87 19.65 -21.30
N ASN B 280 -18.76 19.00 -20.55
CA ASN B 280 -19.45 19.62 -19.42
C ASN B 280 -18.67 19.39 -18.13
N VAL B 281 -17.43 19.88 -18.14
CA VAL B 281 -16.48 19.64 -17.06
C VAL B 281 -15.60 20.90 -16.94
N VAL B 282 -15.34 21.32 -15.71
CA VAL B 282 -14.61 22.56 -15.46
C VAL B 282 -13.21 22.22 -14.96
N GLY B 283 -12.20 22.80 -15.61
CA GLY B 283 -10.82 22.62 -15.18
C GLY B 283 -10.27 21.22 -15.35
N LYS B 284 -10.79 20.45 -16.31
CA LYS B 284 -10.23 19.16 -16.63
C LYS B 284 -10.01 19.04 -18.13
N PRO B 285 -8.88 18.47 -18.55
CA PRO B 285 -8.66 18.22 -19.97
C PRO B 285 -9.51 17.04 -20.43
N ASN B 286 -9.63 16.91 -21.74
CA ASN B 286 -10.28 15.72 -22.30
C ASN B 286 -9.39 15.11 -23.39
N ILE B 287 -9.48 13.79 -23.53
CA ILE B 287 -8.74 13.07 -24.55
C ILE B 287 -9.70 12.19 -25.30
N MET B 288 -9.66 12.25 -26.63
CA MET B 288 -10.27 11.23 -27.49
C MET B 288 -9.38 10.00 -27.52
N THR B 289 -9.75 8.97 -26.76
CA THR B 289 -8.84 7.87 -26.49
C THR B 289 -9.00 6.68 -27.43
N GLU B 290 -9.95 6.71 -28.36
CA GLU B 290 -10.08 5.63 -29.34
C GLU B 290 -11.00 5.99 -30.49
N TRP B 291 -10.52 5.85 -31.72
CA TRP B 291 -11.38 5.85 -32.89
C TRP B 291 -10.64 5.15 -34.02
N ALA B 292 -11.40 4.67 -34.99
CA ALA B 292 -10.81 4.06 -36.18
C ALA B 292 -11.94 3.78 -37.16
N ASP B 293 -11.56 3.50 -38.40
CA ASP B 293 -12.47 2.93 -39.39
C ASP B 293 -12.65 1.45 -39.04
N GLY B 294 -13.72 1.14 -38.31
CA GLY B 294 -13.87 -0.21 -37.79
C GLY B 294 -14.28 -1.24 -38.81
N SER B 295 -14.82 -0.82 -39.95
CA SER B 295 -15.45 -1.75 -40.89
C SER B 295 -14.79 -1.83 -42.26
N GLY B 296 -14.09 -0.79 -42.71
CA GLY B 296 -13.61 -0.76 -44.07
C GLY B 296 -12.27 -1.47 -44.28
N PRO B 297 -11.93 -1.71 -45.54
CA PRO B 297 -10.63 -2.34 -45.83
C PRO B 297 -9.46 -1.47 -45.39
N TRP B 298 -8.31 -2.12 -45.21
CA TRP B 298 -7.06 -1.38 -45.02
C TRP B 298 -6.94 -0.26 -46.07
N ASN B 299 -6.54 0.91 -45.60
CA ASN B 299 -6.53 2.10 -46.45
C ASN B 299 -5.38 3.01 -46.03
N THR B 300 -4.64 3.48 -47.04
CA THR B 300 -3.51 4.39 -46.83
C THR B 300 -3.68 5.75 -47.46
N THR B 301 -4.71 5.98 -48.27
CA THR B 301 -4.73 7.17 -49.10
C THR B 301 -4.94 8.45 -48.28
N TRP B 302 -4.44 9.56 -48.83
CA TRP B 302 -4.57 10.88 -48.22
C TRP B 302 -5.86 11.58 -48.65
N ASP B 303 -6.04 11.78 -49.96
CA ASP B 303 -7.25 12.41 -50.46
C ASP B 303 -7.50 11.93 -51.88
N VAL B 304 -8.06 10.73 -51.98
CA VAL B 304 -8.45 10.14 -53.25
C VAL B 304 -9.96 9.95 -53.33
N SER B 305 -10.56 9.47 -52.24
CA SER B 305 -11.98 9.16 -52.22
C SER B 305 -12.81 10.17 -51.44
N GLY B 306 -12.24 10.82 -50.43
CA GLY B 306 -13.06 11.57 -49.49
C GLY B 306 -13.71 10.75 -48.42
N GLN B 307 -13.37 9.48 -48.29
CA GLN B 307 -13.96 8.64 -47.26
C GLN B 307 -13.26 8.88 -45.92
N LEU B 308 -14.00 8.58 -44.84
CA LEU B 308 -13.53 8.93 -43.49
C LEU B 308 -12.23 8.25 -43.09
N ALA B 309 -11.83 7.18 -43.78
CA ALA B 309 -10.58 6.50 -43.47
C ALA B 309 -9.35 7.29 -43.89
N GLU B 310 -9.52 8.30 -44.73
CA GLU B 310 -8.39 8.92 -45.40
C GLU B 310 -7.64 9.89 -44.49
N GLY B 311 -6.37 10.09 -44.82
CA GLY B 311 -5.54 10.95 -43.99
C GLY B 311 -6.03 12.39 -43.90
N LEU B 312 -6.47 12.97 -45.01
CA LEU B 312 -6.96 14.36 -44.96
C LEU B 312 -8.18 14.48 -44.06
N GLN B 313 -9.08 13.48 -44.11
CA GLN B 313 -10.23 13.51 -43.21
C GLN B 313 -9.80 13.47 -41.75
N TRP B 314 -8.80 12.64 -41.42
CA TRP B 314 -8.36 12.55 -40.03
C TRP B 314 -7.69 13.83 -39.57
N ALA B 315 -7.01 14.55 -40.46
CA ALA B 315 -6.50 15.87 -40.08
C ALA B 315 -7.66 16.81 -39.75
N LEU B 316 -8.75 16.73 -40.51
CA LEU B 316 -9.90 17.58 -40.28
C LEU B 316 -10.64 17.17 -39.01
N TYR B 317 -10.79 15.86 -38.76
CA TYR B 317 -11.42 15.41 -37.53
C TYR B 317 -10.65 15.88 -36.32
N MET B 318 -9.32 15.87 -36.42
CA MET B 318 -8.50 16.28 -35.29
C MET B 318 -8.61 17.78 -35.10
N HIS B 319 -8.57 18.54 -36.20
CA HIS B 319 -8.80 19.98 -36.10
C HIS B 319 -10.10 20.31 -35.37
N ASN B 320 -11.18 19.55 -35.66
CA ASN B 320 -12.46 19.84 -35.03
C ASN B 320 -12.38 19.61 -33.52
N ALA B 321 -11.81 18.47 -33.10
CA ALA B 321 -11.73 18.18 -31.68
C ALA B 321 -10.87 19.22 -30.97
N PHE B 322 -9.71 19.55 -31.55
CA PHE B 322 -8.79 20.44 -30.86
C PHE B 322 -9.32 21.87 -30.80
N THR B 323 -10.06 22.32 -31.83
CA THR B 323 -10.54 23.70 -31.78
C THR B 323 -11.97 23.85 -31.26
N ASN B 324 -12.82 22.83 -31.39
CA ASN B 324 -14.21 22.99 -30.97
C ASN B 324 -14.57 22.23 -29.70
N SER B 325 -13.74 21.27 -29.27
CA SER B 325 -13.99 20.65 -27.97
C SER B 325 -12.76 20.72 -27.06
N ASP B 326 -11.79 21.57 -27.40
CA ASP B 326 -10.61 21.79 -26.55
C ASP B 326 -9.88 20.48 -26.20
N THR B 327 -9.89 19.53 -27.12
CA THR B 327 -9.32 18.20 -26.86
C THR B 327 -7.79 18.22 -26.84
N SER B 328 -7.21 17.53 -25.85
CA SER B 328 -5.78 17.55 -25.61
C SER B 328 -5.02 16.37 -26.23
N GLY B 329 -5.70 15.29 -26.59
CA GLY B 329 -5.00 14.17 -27.18
C GLY B 329 -5.96 13.39 -28.05
N TYR B 330 -5.41 12.47 -28.84
CA TYR B 330 -6.20 11.81 -29.87
C TYR B 330 -5.54 10.48 -30.19
N ASN B 331 -6.31 9.40 -30.09
CA ASN B 331 -5.78 8.06 -30.31
C ASN B 331 -6.50 7.38 -31.46
N HIS B 332 -5.73 6.83 -32.40
CA HIS B 332 -6.22 5.70 -33.17
C HIS B 332 -6.58 4.54 -32.23
N TRP B 333 -7.32 3.56 -32.77
CA TRP B 333 -7.60 2.35 -32.00
C TRP B 333 -6.33 1.51 -31.85
N TRP B 334 -5.97 0.70 -32.85
CA TRP B 334 -4.74 -0.09 -32.75
C TRP B 334 -3.55 0.61 -33.42
N CYS B 335 -2.36 0.34 -32.89
CA CYS B 335 -1.12 0.83 -33.50
C CYS B 335 -0.80 0.08 -34.79
N ALA B 336 -0.62 -1.23 -34.70
CA ALA B 336 -0.06 -1.94 -35.86
C ALA B 336 -0.42 -3.42 -35.79
N GLY B 337 -0.66 -4.00 -36.98
CA GLY B 337 -0.91 -5.42 -37.12
C GLY B 337 -1.99 -5.65 -38.15
N GLY B 338 -2.84 -6.65 -37.90
CA GLY B 338 -3.97 -6.95 -38.76
C GLY B 338 -5.20 -6.14 -38.38
N GLY B 339 -6.37 -6.73 -38.60
CA GLY B 339 -7.58 -6.01 -38.28
C GLY B 339 -7.94 -4.94 -39.28
N ALA B 340 -7.60 -5.15 -40.56
CA ALA B 340 -7.99 -4.26 -41.65
C ALA B 340 -7.63 -2.79 -41.38
N ASP B 341 -8.62 -1.91 -41.31
CA ASP B 341 -8.34 -0.48 -41.18
C ASP B 341 -8.31 0.01 -39.74
N ASN B 342 -8.29 -0.90 -38.77
CA ASN B 342 -8.26 -0.53 -37.36
C ASN B 342 -6.87 -0.17 -36.86
N VAL B 343 -5.84 -0.24 -37.72
CA VAL B 343 -4.47 0.05 -37.32
C VAL B 343 -3.96 1.27 -38.08
N LEU B 344 -2.90 1.89 -37.52
CA LEU B 344 -2.15 2.91 -38.24
C LEU B 344 -1.14 2.30 -39.19
N ILE B 345 -0.60 1.12 -38.88
CA ILE B 345 0.39 0.44 -39.70
C ILE B 345 -0.04 -1.01 -39.87
N SER B 346 -0.28 -1.43 -41.11
CA SER B 346 -0.71 -2.80 -41.39
C SER B 346 0.50 -3.68 -41.59
N ILE B 347 0.46 -4.87 -40.99
CA ILE B 347 1.57 -5.83 -41.03
C ILE B 347 1.03 -7.15 -41.58
N THR B 348 1.68 -7.64 -42.65
CA THR B 348 1.43 -8.98 -43.18
C THR B 348 2.77 -9.67 -43.37
N GLY B 349 2.99 -10.76 -42.64
CA GLY B 349 4.28 -11.44 -42.70
C GLY B 349 5.38 -10.48 -42.34
N ASN B 350 6.44 -10.48 -43.14
CA ASN B 350 7.56 -9.56 -42.92
C ASN B 350 7.44 -8.32 -43.82
N SER B 351 6.26 -7.70 -43.83
CA SER B 351 6.07 -6.47 -44.60
C SER B 351 5.09 -5.58 -43.84
N TYR B 352 5.18 -4.28 -44.11
CA TYR B 352 4.27 -3.37 -43.45
C TYR B 352 3.95 -2.20 -44.38
N GLU B 353 2.79 -1.58 -44.15
CA GLU B 353 2.34 -0.40 -44.85
C GLU B 353 1.83 0.63 -43.84
N VAL B 354 2.14 1.90 -44.10
CA VAL B 354 1.76 3.02 -43.24
C VAL B 354 0.57 3.77 -43.85
N SER B 355 -0.49 3.94 -43.07
CA SER B 355 -1.59 4.77 -43.53
C SER B 355 -1.20 6.24 -43.42
N SER B 356 -1.62 7.04 -44.42
CA SER B 356 -1.35 8.47 -44.33
C SER B 356 -2.15 9.13 -43.23
N ARG B 357 -3.06 8.41 -42.56
CA ARG B 357 -3.54 8.90 -41.28
C ARG B 357 -2.39 9.27 -40.35
N LEU B 358 -1.28 8.53 -40.42
CA LEU B 358 -0.19 8.84 -39.50
C LEU B 358 0.40 10.20 -39.81
N TRP B 359 0.36 10.62 -41.07
CA TRP B 359 0.87 11.94 -41.40
C TRP B 359 -0.08 13.04 -40.97
N ALA B 360 -1.39 12.77 -40.87
CA ALA B 360 -2.29 13.70 -40.22
C ALA B 360 -1.92 13.86 -38.75
N PHE B 361 -1.70 12.74 -38.06
CA PHE B 361 -1.24 12.78 -36.67
C PHE B 361 0.07 13.56 -36.56
N ALA B 362 1.01 13.28 -37.46
CA ALA B 362 2.30 13.94 -37.33
C ALA B 362 2.21 15.43 -37.62
N SER B 363 1.31 15.84 -38.53
CA SER B 363 1.18 17.26 -38.83
C SER B 363 0.83 18.05 -37.59
N TYR B 364 0.13 17.40 -36.64
CA TYR B 364 -0.08 17.98 -35.32
C TYR B 364 1.08 17.68 -34.36
N PHE B 365 1.39 16.39 -34.14
CA PHE B 365 2.16 16.04 -32.94
C PHE B 365 3.66 15.91 -33.16
N ARG B 366 4.14 15.85 -34.40
CA ARG B 366 5.57 16.02 -34.66
C ARG B 366 6.05 17.37 -34.15
N PHE B 367 5.18 18.36 -34.15
CA PHE B 367 5.51 19.74 -33.85
C PHE B 367 4.93 20.25 -32.54
N ALA B 368 3.66 19.96 -32.25
CA ALA B 368 3.06 20.37 -30.98
C ALA B 368 3.32 19.23 -29.99
N ARG B 369 4.38 19.36 -29.21
CA ARG B 369 4.87 18.30 -28.35
C ARG B 369 4.14 18.32 -27.01
N PRO B 370 4.30 17.28 -26.19
CA PRO B 370 3.64 17.31 -24.88
C PRO B 370 3.94 18.60 -24.13
N GLY B 371 2.91 19.13 -23.48
CA GLY B 371 3.04 20.38 -22.76
C GLY B 371 2.82 21.62 -23.59
N SER B 372 2.80 21.51 -24.91
CA SER B 372 2.46 22.65 -25.75
C SER B 372 1.04 23.15 -25.44
N VAL B 373 0.79 24.41 -25.75
CA VAL B 373 -0.48 25.05 -25.42
C VAL B 373 -1.12 25.54 -26.71
N ARG B 374 -2.38 25.18 -26.93
CA ARG B 374 -3.06 25.69 -28.11
C ARG B 374 -3.30 27.20 -27.95
N ILE B 375 -3.01 27.96 -29.01
CA ILE B 375 -3.16 29.39 -28.96
C ILE B 375 -4.15 29.84 -30.05
N GLY B 376 -4.51 31.12 -29.99
CA GLY B 376 -5.54 31.64 -30.89
C GLY B 376 -5.11 31.57 -32.35
N ALA B 377 -6.06 31.17 -33.20
CA ALA B 377 -5.81 31.19 -34.65
C ALA B 377 -7.15 31.27 -35.37
N THR B 378 -7.34 32.30 -36.19
CA THR B 378 -8.56 32.44 -36.96
C THR B 378 -8.24 32.47 -38.45
N SER B 379 -9.23 32.11 -39.25
CA SER B 379 -9.14 32.09 -40.71
C SER B 379 -10.35 32.80 -41.29
N SER B 380 -10.12 33.61 -42.32
CA SER B 380 -11.21 34.34 -42.97
C SER B 380 -11.96 33.48 -43.97
N VAL B 381 -11.59 32.21 -44.12
CA VAL B 381 -12.18 31.33 -45.11
C VAL B 381 -12.61 30.05 -44.41
N GLU B 382 -13.89 29.69 -44.55
CA GLU B 382 -14.48 28.64 -43.73
C GLU B 382 -13.74 27.30 -43.84
N ASN B 383 -13.32 26.92 -45.05
CA ASN B 383 -12.71 25.62 -45.25
C ASN B 383 -11.22 25.73 -45.51
N VAL B 384 -10.60 26.84 -45.09
CA VAL B 384 -9.16 26.91 -44.85
C VAL B 384 -9.01 26.92 -43.33
N TYR B 385 -8.71 25.77 -42.78
CA TYR B 385 -8.75 25.58 -41.33
C TYR B 385 -7.38 25.87 -40.75
N VAL B 386 -7.36 26.35 -39.51
CA VAL B 386 -6.07 26.64 -38.87
C VAL B 386 -6.20 26.36 -37.38
N SER B 387 -5.11 25.90 -36.79
CA SER B 387 -4.93 25.91 -35.35
C SER B 387 -3.46 26.20 -35.11
N ALA B 388 -3.10 26.48 -33.86
CA ALA B 388 -1.73 26.85 -33.56
C ALA B 388 -1.37 26.41 -32.15
N TYR B 389 -0.10 26.09 -31.94
CA TYR B 389 0.35 25.52 -30.68
C TYR B 389 1.70 26.11 -30.34
N GLU B 390 1.88 26.49 -29.08
CA GLU B 390 3.14 27.03 -28.58
C GLU B 390 3.74 26.00 -27.64
N ASN B 391 4.93 25.49 -28.00
CA ASN B 391 5.63 24.58 -27.11
C ASN B 391 6.16 25.31 -25.88
N LYS B 392 6.49 24.50 -24.87
CA LYS B 392 7.05 25.05 -23.65
C LYS B 392 8.27 25.92 -23.93
N ASN B 393 9.07 25.54 -24.93
CA ASN B 393 10.31 26.28 -25.19
C ASN B 393 10.12 27.44 -26.15
N GLY B 394 8.88 27.76 -26.53
CA GLY B 394 8.58 28.96 -27.29
C GLY B 394 8.40 28.75 -28.77
N THR B 395 8.83 27.60 -29.31
CA THR B 395 8.56 27.35 -30.72
C THR B 395 7.06 27.21 -30.97
N VAL B 396 6.65 27.52 -32.19
CA VAL B 396 5.22 27.55 -32.52
C VAL B 396 4.97 26.74 -33.78
N SER B 397 3.88 25.96 -33.77
CA SER B 397 3.40 25.25 -34.95
C SER B 397 2.03 25.77 -35.37
N ILE B 398 1.85 25.94 -36.67
CA ILE B 398 0.59 26.42 -37.25
C ILE B 398 0.16 25.48 -38.37
N PRO B 399 -0.57 24.40 -38.07
CA PRO B 399 -1.10 23.52 -39.12
C PRO B 399 -2.31 24.13 -39.81
N VAL B 400 -2.14 24.47 -41.09
CA VAL B 400 -3.21 25.02 -41.93
C VAL B 400 -3.71 23.88 -42.81
N ILE B 401 -5.04 23.69 -42.85
CA ILE B 401 -5.64 22.70 -43.74
C ILE B 401 -6.40 23.43 -44.83
N ASN B 402 -5.91 23.31 -46.05
CA ASN B 402 -6.66 23.75 -47.21
C ASN B 402 -7.59 22.62 -47.64
N ALA B 403 -8.83 22.67 -47.20
CA ALA B 403 -9.81 21.65 -47.56
C ALA B 403 -10.45 21.92 -48.89
N ALA B 404 -10.11 23.04 -49.53
CA ALA B 404 -10.63 23.36 -50.86
C ALA B 404 -9.84 22.61 -51.91
N HIS B 405 -10.37 22.64 -53.13
CA HIS B 405 -9.85 21.87 -54.26
C HIS B 405 -9.05 22.73 -55.23
N PHE B 406 -8.48 23.83 -54.73
CA PHE B 406 -7.64 24.73 -55.50
C PHE B 406 -6.75 25.46 -54.51
N PRO B 407 -5.65 26.05 -54.98
CA PRO B 407 -4.69 26.65 -54.03
C PRO B 407 -5.20 27.95 -53.41
N TYR B 408 -4.79 28.16 -52.15
CA TYR B 408 -5.09 29.39 -51.43
C TYR B 408 -3.80 30.11 -51.11
N GLU B 409 -3.77 31.40 -51.42
CA GLU B 409 -2.69 32.29 -51.00
C GLU B 409 -3.03 32.80 -49.61
N VAL B 410 -2.33 32.30 -48.58
CA VAL B 410 -2.64 32.66 -47.21
C VAL B 410 -1.69 33.77 -46.76
N THR B 411 -2.21 34.70 -45.96
CA THR B 411 -1.41 35.68 -45.25
C THR B 411 -1.67 35.45 -43.77
N ILE B 412 -0.61 35.26 -43.00
CA ILE B 412 -0.71 34.93 -41.59
C ILE B 412 -0.09 36.07 -40.81
N ASP B 413 -0.91 36.78 -40.02
CA ASP B 413 -0.37 37.79 -39.13
C ASP B 413 -0.12 37.17 -37.76
N LEU B 414 1.05 37.43 -37.19
CA LEU B 414 1.50 36.83 -35.94
C LEU B 414 1.48 37.87 -34.83
N GLN B 415 0.79 37.56 -33.73
CA GLN B 415 0.75 38.45 -32.56
C GLN B 415 1.31 37.71 -31.36
N GLY B 416 2.20 38.38 -30.63
CA GLY B 416 2.83 37.80 -29.47
C GLY B 416 4.00 36.88 -29.77
N LEU B 417 4.53 36.92 -31.00
CA LEU B 417 5.61 36.05 -31.43
C LEU B 417 6.75 36.84 -32.08
N LYS B 418 7.08 38.03 -31.55
CA LYS B 418 8.19 38.77 -32.13
C LYS B 418 9.54 38.10 -31.90
N ALA B 419 9.62 37.16 -30.95
CA ALA B 419 10.86 36.49 -30.63
C ALA B 419 11.21 35.37 -31.62
N ARG B 420 10.31 35.01 -32.53
CA ARG B 420 10.56 33.96 -33.50
C ARG B 420 11.40 34.49 -34.66
N LYS B 421 12.44 33.74 -35.04
CA LYS B 421 13.41 34.19 -36.03
C LYS B 421 13.35 33.46 -37.36
N ARG B 422 12.77 32.26 -37.39
CA ARG B 422 12.88 31.35 -38.52
C ARG B 422 11.52 30.71 -38.75
N VAL B 423 11.24 30.38 -40.02
CA VAL B 423 10.03 29.64 -40.37
C VAL B 423 10.40 28.49 -41.30
N SER B 424 9.92 27.30 -40.98
CA SER B 424 10.03 26.13 -41.85
C SER B 424 8.64 25.68 -42.26
N THR B 425 8.50 25.31 -43.53
CA THR B 425 7.20 24.92 -44.08
C THR B 425 7.22 23.43 -44.41
N PHE B 426 6.25 22.68 -43.89
CA PHE B 426 6.09 21.26 -44.16
C PHE B 426 4.76 21.03 -44.86
N LEU B 427 4.72 20.02 -45.74
CA LEU B 427 3.54 19.79 -46.56
C LEU B 427 3.14 18.33 -46.55
N THR B 428 1.84 18.06 -46.38
CA THR B 428 1.28 16.74 -46.57
C THR B 428 0.12 16.83 -47.55
N ASP B 429 0.20 16.05 -48.62
CA ASP B 429 -0.90 15.91 -49.55
C ASP B 429 -0.70 14.57 -50.26
N ASN B 430 -1.31 14.41 -51.44
CA ASN B 430 -1.25 13.10 -52.08
C ASN B 430 0.16 12.72 -52.52
N SER B 431 1.12 13.66 -52.55
CA SER B 431 2.48 13.36 -52.99
C SER B 431 3.54 13.85 -52.01
N HIS B 432 3.16 14.15 -50.76
CA HIS B 432 4.09 14.61 -49.74
C HIS B 432 3.69 14.06 -48.38
N ASN B 433 4.67 13.56 -47.62
CA ASN B 433 4.45 13.05 -46.26
C ASN B 433 5.21 13.94 -45.29
N VAL B 434 4.57 15.01 -44.82
CA VAL B 434 5.20 16.00 -43.95
C VAL B 434 6.55 16.39 -44.54
N THR B 435 6.55 16.76 -45.83
CA THR B 435 7.79 17.07 -46.54
C THR B 435 8.24 18.50 -46.24
N LEU B 436 9.53 18.67 -45.96
CA LEU B 436 10.07 20.01 -45.73
C LEU B 436 10.18 20.73 -47.07
N MET B 437 9.44 21.84 -47.22
CA MET B 437 9.41 22.53 -48.50
C MET B 437 10.23 23.80 -48.54
N ASP B 438 10.37 24.49 -47.42
CA ASP B 438 11.07 25.77 -47.41
C ASP B 438 11.59 26.04 -46.01
N GLN B 439 12.71 26.75 -45.95
CA GLN B 439 13.17 27.32 -44.71
C GLN B 439 13.52 28.77 -45.01
N SER B 440 13.07 29.69 -44.15
CA SER B 440 13.32 31.11 -44.40
C SER B 440 13.47 31.85 -43.07
N GLU B 441 14.06 33.04 -43.15
CA GLU B 441 14.14 33.93 -42.01
C GLU B 441 12.83 34.68 -41.86
N LEU B 442 12.38 34.82 -40.61
CA LEU B 442 11.20 35.62 -40.32
C LEU B 442 11.53 37.09 -40.48
N HIS B 443 10.82 37.75 -41.40
CA HIS B 443 11.08 39.16 -41.73
C HIS B 443 9.81 39.94 -41.46
N GLY B 444 9.57 40.23 -40.19
CA GLY B 444 8.33 40.86 -39.76
C GLY B 444 7.45 39.88 -39.01
N SER B 445 6.19 40.27 -38.84
CA SER B 445 5.20 39.45 -38.17
C SER B 445 4.20 38.85 -39.15
N VAL B 446 4.56 38.78 -40.43
CA VAL B 446 3.64 38.33 -41.47
C VAL B 446 4.30 37.19 -42.24
N LEU B 447 3.58 36.09 -42.43
CA LEU B 447 3.97 35.01 -43.33
C LEU B 447 3.03 35.02 -44.54
N LYS B 448 3.60 34.87 -45.72
CA LYS B 448 2.81 34.67 -46.94
C LYS B 448 3.23 33.38 -47.62
N ALA B 449 2.24 32.55 -47.99
CA ALA B 449 2.53 31.28 -48.63
C ALA B 449 1.29 30.85 -49.41
N THR B 450 1.51 30.00 -50.41
CA THR B 450 0.45 29.33 -51.15
C THR B 450 0.33 27.91 -50.65
N VAL B 451 -0.84 27.56 -50.13
CA VAL B 451 -1.12 26.22 -49.63
C VAL B 451 -1.79 25.43 -50.74
N PRO B 452 -1.20 24.33 -51.19
CA PRO B 452 -1.80 23.55 -52.29
C PRO B 452 -3.16 22.98 -51.88
N PRO B 453 -3.97 22.59 -52.84
CA PRO B 453 -5.32 22.09 -52.53
C PRO B 453 -5.28 20.78 -51.74
N ARG B 454 -6.27 20.63 -50.85
CA ARG B 454 -6.52 19.36 -50.15
C ARG B 454 -5.27 18.89 -49.40
N ALA B 455 -4.67 19.81 -48.63
CA ALA B 455 -3.35 19.57 -48.04
C ALA B 455 -3.30 20.12 -46.61
N VAL B 456 -2.38 19.57 -45.82
CA VAL B 456 -2.02 20.15 -44.52
C VAL B 456 -0.64 20.76 -44.66
N GLN B 457 -0.55 22.07 -44.47
CA GLN B 457 0.72 22.78 -44.52
C GLN B 457 1.02 23.32 -43.12
N VAL B 458 2.11 22.86 -42.53
CA VAL B 458 2.49 23.29 -41.19
C VAL B 458 3.59 24.34 -41.28
N PHE B 459 3.37 25.47 -40.62
CA PHE B 459 4.37 26.50 -40.45
C PHE B 459 5.00 26.34 -39.08
N TRP B 460 6.32 26.11 -39.05
CA TRP B 460 7.07 25.79 -37.85
C TRP B 460 7.98 26.98 -37.54
N LEU B 461 7.66 27.69 -36.46
CA LEU B 461 8.32 28.94 -36.11
C LEU B 461 9.34 28.72 -35.00
N GLU B 462 10.58 29.15 -35.23
CA GLU B 462 11.65 29.02 -34.24
C GLU B 462 12.32 30.35 -33.96
N TRP C 17 31.08 -6.45 15.97
CA TRP C 17 31.01 -5.75 14.68
C TRP C 17 31.06 -4.23 14.87
N SER C 18 31.48 -3.50 13.84
CA SER C 18 31.58 -2.04 13.92
C SER C 18 31.41 -1.44 12.53
N TYR C 19 31.22 -0.13 12.47
CA TYR C 19 31.10 0.56 11.20
C TYR C 19 31.75 1.95 11.31
N SER C 20 31.78 2.66 10.17
CA SER C 20 32.43 3.96 10.08
C SER C 20 31.42 5.03 10.50
N GLN C 21 31.74 5.68 11.60
CA GLN C 21 31.03 6.79 12.18
C GLN C 21 31.87 7.24 13.36
N THR C 22 31.85 8.54 13.65
CA THR C 22 32.52 9.00 14.86
C THR C 22 31.63 10.00 15.57
N LEU C 23 31.54 9.86 16.88
CA LEU C 23 30.89 10.85 17.72
C LEU C 23 31.83 11.18 18.85
N SER C 24 31.42 12.14 19.67
N SER C 24 31.41 12.13 19.68
CA SER C 24 32.27 12.65 20.73
CA SER C 24 32.27 12.64 20.74
C SER C 24 31.60 12.48 22.09
C SER C 24 31.59 12.47 22.10
N ALA C 25 32.41 12.33 23.13
CA ALA C 25 31.93 12.15 24.49
C ALA C 25 32.77 13.03 25.39
N ASN C 26 32.11 13.69 26.34
CA ASN C 26 32.80 14.50 27.33
C ASN C 26 32.75 13.78 28.67
N ILE C 27 33.91 13.62 29.30
CA ILE C 27 34.05 12.92 30.57
C ILE C 27 34.66 13.86 31.58
N GLN C 28 34.11 13.85 32.80
CA GLN C 28 34.66 14.62 33.91
C GLN C 28 35.09 13.65 35.01
N VAL C 29 36.34 13.76 35.44
CA VAL C 29 36.88 12.96 36.55
C VAL C 29 37.23 13.92 37.67
N ASN C 30 36.78 13.61 38.90
CA ASN C 30 36.88 14.52 40.06
C ASN C 30 37.31 13.72 41.28
N ALA C 31 38.59 13.85 41.65
CA ALA C 31 39.15 13.13 42.80
C ALA C 31 38.62 13.66 44.13
N LEU C 32 37.95 14.82 44.13
CA LEU C 32 37.37 15.34 45.37
C LEU C 32 36.08 14.63 45.74
N GLN C 33 35.46 13.94 44.79
CA GLN C 33 34.26 13.13 44.99
C GLN C 33 34.70 11.68 45.19
N ARG C 34 34.37 11.10 46.35
CA ARG C 34 35.01 9.86 46.78
C ARG C 34 33.97 8.84 47.22
N TYR C 35 34.13 7.60 46.76
CA TYR C 35 33.18 6.54 47.07
C TYR C 35 33.86 5.38 47.78
N GLN C 36 33.65 4.16 47.28
CA GLN C 36 34.06 2.97 48.03
C GLN C 36 35.55 2.71 47.92
N GLU C 37 36.10 2.07 48.95
CA GLU C 37 37.47 1.56 48.90
C GLU C 37 37.47 0.20 48.23
N MET C 38 38.37 0.00 47.28
CA MET C 38 38.27 -1.17 46.43
C MET C 38 39.10 -2.27 47.07
N ILE C 39 38.71 -3.51 46.84
CA ILE C 39 39.42 -4.67 47.37
C ILE C 39 40.14 -5.44 46.26
N GLY C 40 39.43 -5.80 45.21
CA GLY C 40 40.05 -6.42 44.06
C GLY C 40 39.12 -7.40 43.36
N GLY C 41 39.69 -8.08 42.35
CA GLY C 41 39.02 -9.17 41.67
C GLY C 41 39.54 -10.53 42.12
N GLY C 42 38.76 -11.59 41.91
CA GLY C 42 39.27 -12.89 42.29
C GLY C 42 38.46 -14.07 41.79
N CYS C 43 38.63 -15.19 42.47
CA CYS C 43 38.05 -16.47 42.04
C CYS C 43 38.30 -17.50 43.14
N SER C 44 37.70 -18.69 42.95
CA SER C 44 37.73 -19.77 43.92
C SER C 44 38.33 -21.04 43.32
N GLY C 45 38.97 -21.85 44.17
CA GLY C 45 39.38 -23.18 43.76
C GLY C 45 38.66 -24.29 44.51
N ALA C 46 37.46 -23.96 45.01
CA ALA C 46 36.68 -24.89 45.82
C ALA C 46 36.33 -26.17 45.05
N PHE C 47 35.96 -27.20 45.83
CA PHE C 47 35.46 -28.47 45.29
C PHE C 47 36.48 -29.17 44.42
N GLY C 48 37.75 -28.96 44.73
CA GLY C 48 38.84 -29.62 44.03
C GLY C 48 39.32 -28.91 42.78
N TRP C 49 38.74 -27.77 42.41
CA TRP C 49 39.25 -27.04 41.25
C TRP C 49 40.67 -26.57 41.47
N ALA C 50 41.03 -26.26 42.72
CA ALA C 50 42.43 -25.98 43.04
C ALA C 50 43.34 -27.13 42.67
N CYS C 51 42.86 -28.38 42.78
CA CYS C 51 43.66 -29.53 42.42
C CYS C 51 43.77 -29.71 40.92
N GLN C 52 42.79 -29.20 40.17
CA GLN C 52 42.88 -29.22 38.71
C GLN C 52 43.88 -28.17 38.25
N GLN C 53 43.98 -27.06 38.98
CA GLN C 53 45.00 -26.08 38.74
C GLN C 53 46.37 -26.60 39.17
N PHE C 54 46.43 -27.43 40.23
CA PHE C 54 47.65 -28.03 40.73
C PHE C 54 47.53 -29.56 40.77
N PRO C 55 47.48 -30.22 39.60
CA PRO C 55 47.21 -31.67 39.57
C PRO C 55 48.43 -32.57 39.66
N THR C 56 49.61 -31.99 39.42
CA THR C 56 50.87 -32.71 39.23
C THR C 56 50.83 -33.52 37.92
N THR C 57 49.85 -34.41 37.74
CA THR C 57 49.72 -35.16 36.50
C THR C 57 48.91 -34.35 35.50
N GLY C 58 49.39 -34.31 34.25
CA GLY C 58 48.77 -33.46 33.25
C GLY C 58 49.48 -32.13 33.14
N LEU C 59 48.98 -31.13 33.85
CA LEU C 59 49.60 -29.80 33.81
C LEU C 59 50.92 -29.84 34.58
N THR C 60 52.00 -29.43 33.91
CA THR C 60 53.31 -29.42 34.54
C THR C 60 53.36 -28.37 35.65
N PRO C 61 54.23 -28.56 36.65
CA PRO C 61 54.41 -27.51 37.66
C PRO C 61 54.74 -26.15 37.07
N GLU C 62 55.62 -26.10 36.07
CA GLU C 62 55.89 -24.84 35.39
C GLU C 62 54.60 -24.20 34.88
N ASN C 63 53.74 -25.00 34.27
CA ASN C 63 52.47 -24.49 33.74
C ASN C 63 51.48 -24.18 34.88
N GLN C 64 51.52 -24.96 35.97
CA GLN C 64 50.69 -24.63 37.13
C GLN C 64 51.07 -23.27 37.70
N GLU C 65 52.38 -23.01 37.81
CA GLU C 65 52.83 -21.69 38.24
C GLU C 65 52.36 -20.63 37.28
N GLU C 66 52.57 -20.86 35.97
CA GLU C 66 52.22 -19.88 34.96
C GLU C 66 50.73 -19.52 34.99
N VAL C 67 49.86 -20.52 35.13
CA VAL C 67 48.42 -20.24 35.20
C VAL C 67 48.12 -19.38 36.42
N THR C 68 48.72 -19.72 37.57
CA THR C 68 48.50 -18.94 38.78
C THR C 68 49.10 -17.54 38.66
N LYS C 69 50.28 -17.44 38.06
CA LYS C 69 50.85 -16.13 37.77
C LYS C 69 49.95 -15.30 36.86
N ILE C 70 49.43 -15.92 35.77
CA ILE C 70 48.55 -15.17 34.87
C ILE C 70 47.38 -14.56 35.65
N LEU C 71 46.82 -15.32 36.60
CA LEU C 71 45.68 -14.80 37.35
C LEU C 71 46.09 -13.70 38.33
N PHE C 72 47.14 -13.92 39.11
CA PHE C 72 47.36 -13.08 40.29
C PHE C 72 48.53 -12.10 40.19
N ASP C 73 49.32 -12.16 39.13
CA ASP C 73 50.35 -11.15 38.88
C ASP C 73 49.68 -9.81 38.61
N GLU C 74 50.09 -8.78 39.35
CA GLU C 74 49.54 -7.44 39.18
C GLU C 74 49.60 -6.99 37.72
N ASN C 75 50.64 -7.40 37.00
CA ASN C 75 50.86 -6.99 35.62
C ASN C 75 50.07 -7.80 34.58
N ILE C 76 49.32 -8.82 34.99
CA ILE C 76 48.64 -9.64 34.01
C ILE C 76 47.15 -9.66 34.36
N GLY C 77 46.72 -10.69 35.09
CA GLY C 77 45.32 -10.76 35.45
C GLY C 77 44.92 -9.75 36.50
N GLY C 78 45.84 -9.39 37.40
CA GLY C 78 45.62 -8.38 38.42
C GLY C 78 44.73 -8.81 39.58
N LEU C 79 44.44 -10.09 39.72
CA LEU C 79 43.50 -10.51 40.74
C LEU C 79 44.15 -10.48 42.13
N SER C 80 43.31 -10.31 43.15
CA SER C 80 43.77 -10.29 44.54
C SER C 80 42.96 -11.16 45.48
N ILE C 81 41.75 -11.58 45.13
CA ILE C 81 40.90 -12.36 46.05
C ILE C 81 41.00 -13.84 45.72
N VAL C 82 41.34 -14.64 46.74
CA VAL C 82 41.17 -16.10 46.67
C VAL C 82 40.06 -16.45 47.64
N ARG C 83 39.00 -17.10 47.13
CA ARG C 83 37.84 -17.53 47.93
C ARG C 83 37.94 -19.03 48.15
N ASN C 84 38.17 -19.46 49.38
CA ASN C 84 38.35 -20.87 49.68
C ASN C 84 37.11 -21.41 50.37
N ASP C 85 36.76 -22.66 50.05
CA ASP C 85 35.67 -23.35 50.75
C ASP C 85 36.18 -23.95 52.05
N ILE C 86 35.63 -23.52 53.18
CA ILE C 86 35.84 -24.23 54.43
C ILE C 86 34.99 -25.49 54.33
N GLY C 87 35.63 -26.60 53.96
CA GLY C 87 34.88 -27.77 53.55
C GLY C 87 34.23 -28.50 54.72
N SER C 88 33.15 -29.20 54.41
CA SER C 88 32.40 -29.95 55.39
C SER C 88 32.09 -31.37 54.92
N SER C 89 32.75 -31.86 53.87
CA SER C 89 32.52 -33.17 53.28
C SER C 89 33.63 -34.12 53.66
N PRO C 90 33.42 -35.43 53.52
CA PRO C 90 34.50 -36.38 53.82
C PRO C 90 35.74 -36.08 53.01
N GLY C 91 36.88 -36.01 53.71
CA GLY C 91 38.14 -35.70 53.06
C GLY C 91 38.41 -34.24 52.82
N SER C 92 37.42 -33.35 53.01
CA SER C 92 37.65 -31.93 52.79
C SER C 92 37.45 -31.07 54.04
N THR C 93 37.17 -31.65 55.19
CA THR C 93 36.87 -30.89 56.40
C THR C 93 37.94 -31.07 57.48
N ILE C 94 38.15 -30.01 58.27
CA ILE C 94 39.06 -30.10 59.40
C ILE C 94 38.44 -30.84 60.59
N LEU C 95 37.16 -31.21 60.50
CA LEU C 95 36.48 -31.93 61.56
C LEU C 95 35.82 -33.17 60.97
N PRO C 96 36.62 -34.18 60.62
CA PRO C 96 36.05 -35.37 59.96
C PRO C 96 35.18 -36.19 60.89
N THR C 97 35.43 -36.12 62.20
CA THR C 97 34.63 -36.82 63.18
C THR C 97 34.19 -35.80 64.22
N CYS C 98 32.93 -35.80 64.53
CA CYS C 98 32.43 -34.86 65.50
C CYS C 98 32.36 -35.49 66.89
N PRO C 99 32.50 -34.66 67.93
CA PRO C 99 32.16 -35.13 69.28
C PRO C 99 30.65 -35.33 69.38
N ALA C 100 30.24 -36.00 70.45
CA ALA C 100 28.82 -36.26 70.65
C ALA C 100 28.05 -34.99 70.96
N THR C 101 28.71 -34.03 71.63
CA THR C 101 28.03 -32.82 72.08
C THR C 101 28.95 -31.61 71.86
N PRO C 102 28.41 -30.38 71.93
CA PRO C 102 29.28 -29.21 71.80
C PRO C 102 30.34 -29.12 72.85
N ALA C 103 30.26 -29.90 73.93
CA ALA C 103 31.32 -29.88 74.92
C ALA C 103 32.61 -30.51 74.41
N GLY C 104 32.58 -31.18 73.28
CA GLY C 104 33.77 -31.77 72.72
C GLY C 104 34.29 -32.94 73.53
N PRO C 105 35.61 -33.17 73.46
CA PRO C 105 36.61 -32.36 72.77
C PRO C 105 36.52 -32.51 71.26
N PHE C 106 37.12 -31.56 70.55
CA PHE C 106 37.13 -31.56 69.09
C PHE C 106 38.50 -31.99 68.58
N ASN C 107 38.50 -32.83 67.55
CA ASN C 107 39.71 -33.38 66.99
C ASN C 107 39.83 -32.74 65.60
N TYR C 108 40.58 -31.64 65.52
CA TYR C 108 40.78 -30.93 64.27
C TYR C 108 41.95 -31.54 63.49
N GLN C 109 41.75 -31.75 62.19
CA GLN C 109 42.76 -32.33 61.31
C GLN C 109 43.12 -31.36 60.19
N TRP C 110 44.42 -31.29 59.90
CA TRP C 110 44.93 -30.46 58.83
C TRP C 110 45.90 -31.31 58.02
N ASP C 111 45.66 -31.43 56.72
CA ASP C 111 46.48 -32.27 55.86
C ASP C 111 47.48 -31.47 55.05
N GLY C 112 47.56 -30.16 55.27
CA GLY C 112 48.53 -29.38 54.53
C GLY C 112 48.15 -29.16 53.08
N SER C 113 46.97 -29.60 52.66
CA SER C 113 46.50 -29.43 51.29
C SER C 113 45.21 -28.63 51.22
N ASP C 114 44.21 -29.00 52.03
CA ASP C 114 42.92 -28.33 52.07
C ASP C 114 42.27 -28.40 50.68
N SER C 115 42.22 -29.61 50.13
CA SER C 115 41.75 -29.85 48.76
C SER C 115 42.48 -28.95 47.78
N CYS C 116 43.80 -28.84 47.95
CA CYS C 116 44.73 -28.07 47.14
C CYS C 116 44.48 -26.58 47.26
N GLN C 117 43.56 -26.15 48.10
CA GLN C 117 43.35 -24.73 48.28
C GLN C 117 44.54 -24.07 48.97
N PHE C 118 45.28 -24.83 49.80
CA PHE C 118 46.46 -24.24 50.40
C PHE C 118 47.54 -23.99 49.35
N ASN C 119 47.62 -24.87 48.35
CA ASN C 119 48.53 -24.64 47.23
C ASN C 119 48.13 -23.41 46.43
N LEU C 120 46.85 -23.29 46.11
CA LEU C 120 46.36 -22.11 45.39
C LEU C 120 46.65 -20.83 46.16
N THR C 121 46.30 -20.81 47.45
CA THR C 121 46.49 -19.60 48.25
C THR C 121 47.96 -19.23 48.38
N LYS C 122 48.82 -20.21 48.70
CA LYS C 122 50.24 -19.96 48.86
C LYS C 122 50.88 -19.46 47.56
N THR C 123 50.50 -20.07 46.43
CA THR C 123 51.09 -19.66 45.15
C THR C 123 50.58 -18.30 44.72
N ALA C 124 49.29 -18.03 44.92
CA ALA C 124 48.77 -16.71 44.58
C ALA C 124 49.41 -15.62 45.42
N LEU C 125 49.69 -15.93 46.69
CA LEU C 125 50.35 -14.98 47.57
C LEU C 125 51.77 -14.69 47.09
N LYS C 126 52.43 -15.72 46.54
CA LYS C 126 53.76 -15.51 46.00
C LYS C 126 53.74 -14.46 44.89
N TYR C 127 52.70 -14.48 44.06
CA TYR C 127 52.61 -13.53 42.94
C TYR C 127 51.93 -12.22 43.33
N ASN C 128 51.15 -12.21 44.41
CA ASN C 128 50.46 -11.00 44.88
C ASN C 128 50.56 -10.96 46.40
N PRO C 129 51.54 -10.23 46.94
CA PRO C 129 51.69 -10.16 48.41
C PRO C 129 50.53 -9.48 49.09
N GLU C 130 49.66 -8.79 48.35
CA GLU C 130 48.48 -8.16 48.90
C GLU C 130 47.25 -9.03 48.77
N LEU C 131 47.44 -10.35 48.71
CA LEU C 131 46.32 -11.27 48.54
C LEU C 131 45.29 -11.05 49.64
N TYR C 132 44.02 -11.13 49.26
CA TYR C 132 42.88 -10.98 50.16
C TYR C 132 42.20 -12.33 50.18
N VAL C 133 42.42 -13.10 51.23
CA VAL C 133 41.90 -14.47 51.29
C VAL C 133 40.54 -14.44 51.97
N TYR C 134 39.53 -14.97 51.29
CA TYR C 134 38.18 -15.08 51.84
C TYR C 134 37.94 -16.55 52.13
N ALA C 135 37.82 -16.89 53.41
CA ALA C 135 37.52 -18.25 53.84
C ALA C 135 36.02 -18.35 54.08
N ASN C 136 35.35 -19.21 53.33
CA ASN C 136 33.89 -19.20 53.21
C ASN C 136 33.40 -20.65 53.37
N ALA C 137 32.65 -20.94 54.44
CA ALA C 137 32.02 -22.26 54.56
C ALA C 137 30.77 -22.33 53.69
N TRP C 138 30.61 -23.45 52.98
CA TRP C 138 29.35 -23.70 52.28
C TRP C 138 28.33 -24.33 53.19
N SER C 139 28.78 -25.00 54.25
CA SER C 139 27.93 -25.63 55.25
C SER C 139 28.74 -25.81 56.51
N ALA C 140 28.03 -25.82 57.64
CA ALA C 140 28.59 -26.36 58.86
C ALA C 140 28.80 -27.87 58.71
N PRO C 141 29.64 -28.48 59.55
CA PRO C 141 29.69 -29.96 59.58
C PRO C 141 28.30 -30.52 59.87
N GLY C 142 28.02 -31.69 59.30
CA GLY C 142 26.67 -32.24 59.38
C GLY C 142 26.18 -32.41 60.80
N CYS C 143 27.07 -32.84 61.70
CA CYS C 143 26.68 -33.03 63.09
C CYS C 143 26.16 -31.76 63.75
N MET C 144 26.44 -30.59 63.18
CA MET C 144 26.06 -29.30 63.76
C MET C 144 24.77 -28.77 63.16
N LYS C 145 24.10 -29.56 62.31
CA LYS C 145 22.98 -29.09 61.51
C LYS C 145 21.71 -29.89 61.78
N THR C 146 20.57 -29.22 61.54
CA THR C 146 19.28 -29.87 61.73
C THR C 146 19.15 -31.15 60.91
N VAL C 147 19.79 -31.20 59.74
CA VAL C 147 19.64 -32.34 58.82
C VAL C 147 20.72 -33.38 59.03
N GLY C 148 21.71 -33.12 59.88
CA GLY C 148 22.71 -34.11 60.20
C GLY C 148 23.66 -34.45 59.08
N THR C 149 23.66 -33.65 58.02
CA THR C 149 24.55 -33.81 56.88
C THR C 149 24.97 -32.43 56.37
N GLU C 150 26.13 -32.40 55.70
CA GLU C 150 26.61 -31.16 55.10
C GLU C 150 25.86 -30.82 53.83
N ASN C 151 25.18 -31.79 53.24
CA ASN C 151 24.35 -31.57 52.05
C ASN C 151 22.95 -31.16 52.47
N ASP C 152 22.09 -30.90 51.47
CA ASP C 152 20.64 -30.78 51.64
C ASP C 152 20.22 -29.67 52.60
N GLY C 153 20.90 -28.50 52.53
CA GLY C 153 20.38 -27.32 53.22
C GLY C 153 20.36 -27.52 54.72
N GLY C 154 19.24 -27.17 55.35
CA GLY C 154 19.17 -27.26 56.80
C GLY C 154 19.85 -26.06 57.46
N GLN C 155 19.74 -26.04 58.79
CA GLN C 155 20.13 -24.87 59.58
C GLN C 155 21.16 -25.25 60.63
N ILE C 156 21.99 -24.28 61.02
CA ILE C 156 22.82 -24.44 62.21
C ILE C 156 21.93 -24.76 63.41
N CYS C 157 22.26 -25.84 64.12
CA CYS C 157 21.56 -26.19 65.35
C CYS C 157 21.75 -25.10 66.39
N GLY C 158 20.64 -24.56 66.89
CA GLY C 158 20.67 -23.54 67.92
C GLY C 158 20.10 -22.22 67.50
N VAL C 159 20.00 -21.95 66.19
CA VAL C 159 19.35 -20.72 65.74
C VAL C 159 17.85 -20.91 65.88
N ARG C 160 17.07 -19.83 65.81
CA ARG C 160 15.64 -19.98 66.00
C ARG C 160 15.06 -20.85 64.91
N GLY C 161 13.93 -21.47 65.20
CA GLY C 161 13.34 -22.36 64.22
C GLY C 161 13.99 -23.72 64.11
N THR C 162 14.87 -24.07 65.05
CA THR C 162 15.51 -25.38 65.09
C THR C 162 15.20 -26.05 66.42
N ASN C 163 15.29 -27.39 66.43
CA ASN C 163 15.19 -28.16 67.66
C ASN C 163 16.14 -29.36 67.56
N CYS C 164 17.43 -29.09 67.69
CA CYS C 164 18.43 -30.14 67.83
C CYS C 164 18.60 -30.53 69.29
N THR C 165 19.32 -31.64 69.50
CA THR C 165 19.56 -32.08 70.87
C THR C 165 20.51 -31.15 71.62
N TYR C 166 21.31 -30.36 70.90
CA TYR C 166 22.20 -29.38 71.49
C TYR C 166 22.30 -28.17 70.60
N ASP C 167 22.71 -27.05 71.21
CA ASP C 167 22.97 -25.80 70.52
C ASP C 167 24.44 -25.81 70.10
N TRP C 168 24.67 -25.85 68.78
CA TRP C 168 26.01 -26.01 68.20
C TRP C 168 26.63 -24.70 67.71
N ARG C 169 26.03 -23.55 68.03
CA ARG C 169 26.51 -22.30 67.45
C ARG C 169 27.93 -21.98 67.91
N GLN C 170 28.18 -22.00 69.24
CA GLN C 170 29.54 -21.74 69.69
C GLN C 170 30.53 -22.71 69.05
N ALA C 171 30.16 -23.99 68.98
CA ALA C 171 31.04 -24.98 68.36
C ALA C 171 31.32 -24.66 66.90
N TYR C 172 30.29 -24.24 66.16
CA TYR C 172 30.52 -23.90 64.76
C TYR C 172 31.43 -22.67 64.65
N ALA C 173 31.22 -21.68 65.52
CA ALA C 173 32.08 -20.51 65.48
C ALA C 173 33.52 -20.88 65.77
N ASP C 174 33.74 -21.72 66.80
CA ASP C 174 35.10 -22.15 67.17
C ASP C 174 35.74 -22.93 66.03
N TYR C 175 34.93 -23.72 65.32
CA TYR C 175 35.44 -24.51 64.20
C TYR C 175 35.91 -23.62 63.07
N LEU C 176 35.14 -22.56 62.77
CA LEU C 176 35.56 -21.63 61.73
C LEU C 176 36.83 -20.93 62.11
N VAL C 177 36.96 -20.54 63.39
CA VAL C 177 38.16 -19.87 63.83
C VAL C 177 39.34 -20.82 63.77
N GLN C 178 39.12 -22.11 64.00
CA GLN C 178 40.23 -23.06 63.94
C GLN C 178 40.74 -23.21 62.51
N TYR C 179 39.82 -23.20 61.53
CA TYR C 179 40.25 -23.18 60.13
C TYR C 179 41.19 -22.00 59.86
N VAL C 180 40.81 -20.82 60.35
CA VAL C 180 41.66 -19.64 60.17
C VAL C 180 43.02 -19.85 60.84
N LYS C 181 43.04 -20.47 62.03
CA LYS C 181 44.30 -20.69 62.72
C LYS C 181 45.26 -21.59 61.92
N PHE C 182 44.73 -22.57 61.18
CA PHE C 182 45.61 -23.39 60.37
C PHE C 182 46.35 -22.55 59.32
N TYR C 183 45.64 -21.63 58.66
CA TYR C 183 46.28 -20.80 57.64
C TYR C 183 47.26 -19.82 58.28
N GLN C 184 46.89 -19.28 59.45
CA GLN C 184 47.78 -18.34 60.13
C GLN C 184 49.09 -19.00 60.54
N ALA C 185 49.01 -20.25 61.02
CA ALA C 185 50.20 -20.96 61.43
C ALA C 185 51.15 -21.25 60.27
N GLU C 186 50.62 -21.28 59.04
CA GLU C 186 51.42 -21.40 57.82
C GLU C 186 51.87 -20.05 57.29
N GLY C 187 51.57 -18.97 57.98
CA GLY C 187 51.99 -17.65 57.56
C GLY C 187 51.05 -16.96 56.59
N ILE C 188 49.82 -17.41 56.46
CA ILE C 188 48.87 -16.81 55.53
C ILE C 188 47.74 -16.19 56.34
N ASP C 189 47.54 -14.89 56.18
CA ASP C 189 46.51 -14.19 56.92
C ASP C 189 45.21 -14.19 56.12
N ILE C 190 44.12 -14.60 56.77
CA ILE C 190 42.78 -14.53 56.19
C ILE C 190 42.23 -13.13 56.39
N SER C 191 41.60 -12.59 55.35
CA SER C 191 41.03 -11.26 55.41
C SER C 191 39.54 -11.24 55.65
N LEU C 192 38.83 -12.31 55.29
CA LEU C 192 37.38 -12.32 55.42
C LEU C 192 36.94 -13.75 55.73
N LEU C 193 35.94 -13.85 56.60
CA LEU C 193 35.40 -15.12 57.06
C LEU C 193 33.89 -15.15 56.88
N GLY C 194 33.39 -16.21 56.23
CA GLY C 194 31.96 -16.34 55.97
C GLY C 194 31.46 -17.71 56.38
N ALA C 195 30.21 -17.74 56.90
CA ALA C 195 29.66 -18.95 57.48
C ALA C 195 28.59 -19.62 56.63
N TRP C 196 28.13 -18.99 55.55
CA TRP C 196 27.14 -19.60 54.68
C TRP C 196 27.53 -19.38 53.24
N ASN C 197 27.02 -20.25 52.38
CA ASN C 197 27.00 -20.04 50.94
C ASN C 197 25.57 -20.16 50.48
N GLU C 198 25.08 -19.16 49.76
CA GLU C 198 23.75 -19.17 49.16
C GLU C 198 22.68 -19.72 50.11
N PRO C 199 22.55 -19.14 51.31
CA PRO C 199 21.56 -19.64 52.29
C PRO C 199 20.12 -19.53 51.86
N ASP C 200 19.84 -18.81 50.77
CA ASP C 200 18.53 -18.73 50.17
C ASP C 200 18.24 -19.87 49.20
N PHE C 201 19.15 -20.83 49.08
CA PHE C 201 19.06 -21.85 48.03
C PHE C 201 19.49 -23.21 48.58
N ASN C 202 18.74 -24.25 48.22
CA ASN C 202 19.09 -25.63 48.55
C ASN C 202 19.38 -26.40 47.26
N PRO C 203 20.65 -26.59 46.90
CA PRO C 203 20.99 -27.43 45.75
C PRO C 203 20.87 -28.92 46.02
N VAL C 204 20.59 -29.32 47.26
CA VAL C 204 20.40 -30.70 47.73
C VAL C 204 21.67 -31.54 47.71
N THR C 205 22.34 -31.66 46.56
CA THR C 205 23.32 -32.72 46.38
C THR C 205 24.75 -32.33 46.77
N TYR C 206 25.02 -31.10 47.23
CA TYR C 206 26.37 -30.74 47.64
C TYR C 206 26.28 -29.80 48.84
N GLU C 207 27.44 -29.40 49.36
CA GLU C 207 27.51 -28.59 50.58
C GLU C 207 26.58 -27.40 50.51
N SER C 208 25.69 -27.29 51.50
CA SER C 208 24.70 -26.24 51.50
C SER C 208 24.13 -26.13 52.90
N MET C 209 23.51 -24.98 53.17
CA MET C 209 22.95 -24.69 54.49
C MET C 209 22.13 -23.42 54.39
N GLU C 210 20.89 -23.47 54.87
CA GLU C 210 19.88 -22.44 54.65
C GLU C 210 19.79 -21.50 55.86
N SER C 211 19.35 -20.27 55.61
CA SER C 211 19.19 -19.29 56.69
C SER C 211 18.32 -18.14 56.19
N ASP C 212 17.49 -17.58 57.08
CA ASP C 212 16.99 -16.23 56.88
C ASP C 212 17.86 -15.30 57.73
N GLY C 213 17.51 -14.00 57.75
CA GLY C 213 18.36 -13.06 58.46
C GLY C 213 18.19 -13.10 59.97
N PHE C 214 17.01 -13.48 60.44
CA PHE C 214 16.84 -13.65 61.88
C PHE C 214 17.73 -14.77 62.39
N GLN C 215 17.68 -15.92 61.71
CA GLN C 215 18.52 -17.05 62.05
C GLN C 215 19.99 -16.73 61.87
N ALA C 216 20.31 -15.93 60.86
CA ALA C 216 21.71 -15.61 60.63
C ALA C 216 22.24 -14.75 61.76
N LYS C 217 21.43 -13.78 62.22
CA LYS C 217 21.82 -12.98 63.37
C LYS C 217 22.00 -13.85 64.62
N ASP C 218 21.13 -14.85 64.79
CA ASP C 218 21.30 -15.76 65.93
C ASP C 218 22.65 -16.46 65.90
N PHE C 219 23.23 -16.67 64.71
CA PHE C 219 24.58 -17.21 64.70
C PHE C 219 25.64 -16.12 64.77
N LEU C 220 25.45 -15.01 64.06
CA LEU C 220 26.47 -13.98 63.98
C LEU C 220 26.74 -13.33 65.34
N GLU C 221 25.74 -13.32 66.23
CA GLU C 221 25.93 -12.75 67.55
C GLU C 221 26.91 -13.59 68.38
N ILE C 222 27.09 -14.85 68.00
N ILE C 222 27.12 -14.85 68.00
CA ILE C 222 28.09 -15.73 68.58
CA ILE C 222 28.13 -15.68 68.63
C ILE C 222 29.39 -15.66 67.80
C ILE C 222 29.41 -15.71 67.79
N LEU C 223 29.27 -15.78 66.47
CA LEU C 223 30.46 -15.81 65.61
C LEU C 223 31.28 -14.53 65.73
N TYR C 224 30.62 -13.37 65.65
CA TYR C 224 31.34 -12.10 65.55
C TYR C 224 32.26 -11.85 66.74
N PRO C 225 31.77 -11.85 67.99
CA PRO C 225 32.72 -11.68 69.11
C PRO C 225 33.70 -12.83 69.24
N THR C 226 33.33 -14.05 68.87
CA THR C 226 34.30 -15.14 68.93
C THR C 226 35.46 -14.88 67.99
N VAL C 227 35.16 -14.38 66.79
CA VAL C 227 36.21 -14.09 65.81
C VAL C 227 37.11 -12.97 66.29
N LYS C 228 36.51 -11.87 66.78
CA LYS C 228 37.33 -10.71 67.14
C LYS C 228 38.23 -10.99 68.33
N LYS C 229 37.85 -11.94 69.20
CA LYS C 229 38.75 -12.38 70.28
C LYS C 229 40.04 -12.94 69.72
N ALA C 230 39.94 -13.81 68.73
CA ALA C 230 41.10 -14.49 68.19
C ALA C 230 41.82 -13.66 67.14
N PHE C 231 41.04 -12.91 66.35
CA PHE C 231 41.57 -12.19 65.17
C PHE C 231 40.87 -10.84 65.10
N PRO C 232 41.35 -9.84 65.84
CA PRO C 232 40.61 -8.57 65.91
C PRO C 232 40.48 -7.87 64.58
N ASN C 233 41.30 -8.21 63.60
CA ASN C 233 41.28 -7.55 62.31
C ASN C 233 40.64 -8.41 61.23
N LEU C 234 40.04 -9.55 61.58
CA LEU C 234 39.41 -10.42 60.60
C LEU C 234 37.97 -9.98 60.41
N ASP C 235 37.64 -9.57 59.18
CA ASP C 235 36.27 -9.17 58.86
C ASP C 235 35.38 -10.39 58.69
N VAL C 236 34.10 -10.21 58.99
CA VAL C 236 33.08 -11.25 58.90
C VAL C 236 32.07 -10.83 57.82
N SER C 237 31.71 -11.77 56.95
CA SER C 237 30.78 -11.47 55.86
C SER C 237 29.36 -11.91 56.19
N CYS C 238 28.41 -11.38 55.42
CA CYS C 238 27.04 -11.90 55.35
C CYS C 238 26.47 -11.53 53.99
N CYS C 239 25.92 -12.51 53.27
CA CYS C 239 25.80 -13.93 53.60
C CYS C 239 25.88 -14.75 52.32
N ASP C 240 26.46 -14.17 51.27
CA ASP C 240 26.67 -14.86 49.99
C ASP C 240 25.36 -15.38 49.38
N ALA C 241 24.31 -14.56 49.42
CA ALA C 241 23.05 -14.94 48.79
C ALA C 241 23.21 -15.15 47.29
N THR C 242 22.29 -15.91 46.69
CA THR C 242 22.38 -16.20 45.25
C THR C 242 22.22 -14.97 44.37
N GLY C 243 21.65 -13.89 44.90
CA GLY C 243 21.35 -12.72 44.10
C GLY C 243 21.28 -11.51 44.99
N ALA C 244 21.25 -10.33 44.35
CA ALA C 244 21.32 -9.10 45.13
C ALA C 244 20.05 -8.90 45.95
N ARG C 245 18.88 -9.17 45.37
CA ARG C 245 17.63 -9.03 46.12
C ARG C 245 17.61 -9.95 47.33
N GLN C 246 18.00 -11.22 47.14
CA GLN C 246 18.03 -12.17 48.25
C GLN C 246 19.00 -11.71 49.33
N GLU C 247 20.12 -11.10 48.92
CA GLU C 247 21.05 -10.55 49.91
C GLU C 247 20.43 -9.39 50.66
N ARG C 248 19.73 -8.49 49.96
CA ARG C 248 19.09 -7.36 50.63
C ARG C 248 18.08 -7.85 51.67
N ASN C 249 17.31 -8.90 51.34
CA ASN C 249 16.35 -9.42 52.30
C ASN C 249 17.03 -9.97 53.55
N ILE C 250 18.16 -10.68 53.38
CA ILE C 250 18.86 -11.23 54.55
C ILE C 250 19.47 -10.10 55.37
N LEU C 251 20.08 -9.12 54.70
CA LEU C 251 20.61 -7.95 55.40
C LEU C 251 19.53 -7.25 56.21
N TYR C 252 18.35 -7.04 55.60
CA TYR C 252 17.23 -6.43 56.31
C TYR C 252 16.90 -7.19 57.57
N GLU C 253 16.78 -8.52 57.45
CA GLU C 253 16.37 -9.31 58.61
C GLU C 253 17.47 -9.38 59.66
N VAL C 254 18.73 -9.45 59.25
CA VAL C 254 19.83 -9.37 60.23
C VAL C 254 19.72 -8.10 61.05
N GLN C 255 19.52 -6.96 60.37
CA GLN C 255 19.40 -5.72 61.10
C GLN C 255 18.12 -5.65 61.92
N GLN C 256 17.03 -6.23 61.43
CA GLN C 256 15.80 -6.21 62.22
C GLN C 256 15.93 -7.04 63.48
N ALA C 257 16.71 -8.12 63.42
CA ALA C 257 16.95 -8.99 64.55
C ALA C 257 17.94 -8.40 65.55
N GLY C 258 18.54 -7.24 65.25
CA GLY C 258 19.49 -6.61 66.16
C GLY C 258 20.95 -6.89 65.85
N GLY C 259 21.25 -7.38 64.66
CA GLY C 259 22.59 -7.84 64.34
C GLY C 259 23.39 -6.96 63.40
N GLU C 260 23.01 -5.68 63.29
CA GLU C 260 23.71 -4.74 62.42
C GLU C 260 25.22 -4.74 62.64
N HIS C 261 25.65 -4.87 63.89
CA HIS C 261 27.08 -4.82 64.20
C HIS C 261 27.71 -6.18 64.43
N PHE C 262 27.12 -7.24 63.86
CA PHE C 262 27.68 -8.58 63.92
C PHE C 262 28.14 -9.09 62.56
N PHE C 263 28.41 -8.19 61.61
CA PHE C 263 29.12 -8.55 60.39
C PHE C 263 29.73 -7.28 59.83
N ASP C 264 30.71 -7.43 58.95
CA ASP C 264 31.47 -6.29 58.45
C ASP C 264 31.32 -6.01 56.96
N VAL C 265 31.05 -7.03 56.14
CA VAL C 265 31.07 -6.92 54.69
C VAL C 265 29.85 -7.63 54.16
N ALA C 266 29.11 -6.98 53.25
CA ALA C 266 27.99 -7.65 52.58
C ALA C 266 28.50 -8.44 51.38
N THR C 267 28.23 -9.74 51.33
CA THR C 267 28.63 -10.56 50.20
C THR C 267 27.42 -11.11 49.46
N TRP C 268 27.54 -11.21 48.13
CA TRP C 268 26.38 -11.58 47.33
C TRP C 268 26.88 -12.14 46.01
N HIS C 269 26.05 -12.97 45.39
CA HIS C 269 26.33 -13.54 44.09
C HIS C 269 25.39 -12.93 43.05
N ASN C 270 25.78 -13.02 41.77
CA ASN C 270 25.02 -12.38 40.71
C ASN C 270 24.13 -13.35 39.92
N TYR C 271 23.87 -14.56 40.45
CA TYR C 271 23.13 -15.54 39.65
C TYR C 271 21.64 -15.22 39.56
N GLN C 272 21.01 -14.83 40.67
CA GLN C 272 19.56 -14.86 40.75
C GLN C 272 18.93 -13.51 41.01
N SER C 273 19.71 -12.42 40.89
N SER C 273 19.70 -12.42 40.87
CA SER C 273 19.22 -11.05 40.87
CA SER C 273 19.19 -11.06 40.77
C SER C 273 20.42 -10.13 40.74
C SER C 273 20.37 -10.11 40.74
N SER C 274 20.37 -9.18 39.81
CA SER C 274 21.45 -8.22 39.66
C SER C 274 20.97 -6.83 40.04
N PRO C 275 21.80 -6.08 40.77
CA PRO C 275 21.39 -4.77 41.26
C PRO C 275 21.65 -3.67 40.24
N GLU C 276 20.93 -2.55 40.43
CA GLU C 276 21.30 -1.27 39.85
C GLU C 276 21.24 -0.18 40.90
N ARG C 277 21.18 -0.56 42.17
CA ARG C 277 21.06 0.29 43.34
C ARG C 277 21.94 -0.26 44.45
N PRO C 278 22.35 0.59 45.40
CA PRO C 278 23.24 0.12 46.48
C PRO C 278 22.52 -0.84 47.42
N PHE C 279 23.30 -1.41 48.34
CA PHE C 279 22.76 -2.33 49.33
C PHE C 279 22.26 -1.60 50.57
N ASN C 280 21.38 -2.26 51.30
CA ASN C 280 20.70 -1.67 52.46
C ASN C 280 21.53 -1.89 53.73
N VAL C 281 22.71 -1.29 53.73
CA VAL C 281 23.67 -1.40 54.81
C VAL C 281 24.44 -0.08 54.87
N VAL C 282 24.69 0.41 56.08
CA VAL C 282 25.34 1.71 56.28
C VAL C 282 26.74 1.45 56.82
N GLY C 283 27.74 2.01 56.16
CA GLY C 283 29.11 1.87 56.61
C GLY C 283 29.75 0.51 56.41
N LYS C 284 29.23 -0.31 55.49
CA LYS C 284 29.87 -1.57 55.22
C LYS C 284 30.06 -1.72 53.72
N PRO C 285 31.21 -2.20 53.28
CA PRO C 285 31.41 -2.44 51.85
C PRO C 285 30.70 -3.71 51.42
N ASN C 286 30.60 -3.90 50.12
CA ASN C 286 30.04 -5.15 49.60
C ASN C 286 30.96 -5.73 48.52
N ILE C 287 30.94 -7.06 48.41
CA ILE C 287 31.73 -7.79 47.43
C ILE C 287 30.80 -8.74 46.69
N MET C 288 30.90 -8.76 45.37
CA MET C 288 30.18 -9.74 44.57
C MET C 288 31.11 -10.94 44.51
N THR C 289 30.83 -11.98 45.30
CA THR C 289 31.82 -13.00 45.60
C THR C 289 31.75 -14.24 44.69
N GLU C 290 30.79 -14.29 43.76
CA GLU C 290 30.73 -15.44 42.86
C GLU C 290 29.77 -15.20 41.71
N TRP C 291 30.27 -15.36 40.49
CA TRP C 291 29.41 -15.40 39.32
C TRP C 291 30.18 -16.07 38.20
N ALA C 292 29.44 -16.66 37.26
CA ALA C 292 30.03 -17.29 36.09
C ALA C 292 28.91 -17.65 35.14
N ASP C 293 29.28 -17.90 33.90
CA ASP C 293 28.40 -18.55 32.93
C ASP C 293 28.33 -20.03 33.31
N GLY C 294 27.30 -20.41 34.06
CA GLY C 294 27.26 -21.75 34.61
C GLY C 294 26.81 -22.84 33.67
N SER C 295 26.30 -22.49 32.49
CA SER C 295 25.74 -23.51 31.59
C SER C 295 26.34 -23.55 30.20
N GLY C 296 26.97 -22.48 29.72
CA GLY C 296 27.44 -22.44 28.36
C GLY C 296 28.79 -23.10 28.20
N PRO C 297 29.15 -23.36 26.95
CA PRO C 297 30.47 -23.92 26.65
C PRO C 297 31.57 -22.97 27.05
N TRP C 298 32.78 -23.52 27.25
CA TRP C 298 33.98 -22.71 27.39
C TRP C 298 34.03 -21.62 26.32
N ASN C 299 34.38 -20.42 26.74
CA ASN C 299 34.33 -19.26 25.85
C ASN C 299 35.45 -18.29 26.22
N THR C 300 36.13 -17.78 25.19
CA THR C 300 37.21 -16.83 25.36
C THR C 300 36.97 -15.50 24.67
N THR C 301 35.92 -15.38 23.85
CA THR C 301 35.82 -14.20 23.00
C THR C 301 35.55 -12.94 23.80
N TRP C 302 35.97 -11.82 23.23
CA TRP C 302 35.79 -10.50 23.83
C TRP C 302 34.47 -9.88 23.39
N ASP C 303 34.26 -9.72 22.07
CA ASP C 303 33.00 -9.16 21.58
C ASP C 303 32.73 -9.70 20.18
N VAL C 304 32.25 -10.94 20.12
CA VAL C 304 31.87 -11.56 18.86
C VAL C 304 30.38 -11.85 18.80
N SER C 305 29.83 -12.36 19.89
CA SER C 305 28.43 -12.76 19.94
C SER C 305 27.54 -11.75 20.66
N GLY C 306 28.11 -11.03 21.63
CA GLY C 306 27.30 -10.24 22.53
C GLY C 306 26.67 -11.02 23.66
N GLN C 307 27.01 -12.30 23.80
CA GLN C 307 26.48 -13.15 24.86
C GLN C 307 27.17 -12.83 26.19
N LEU C 308 26.44 -13.11 27.29
CA LEU C 308 26.90 -12.68 28.62
C LEU C 308 28.26 -13.26 29.04
N ALA C 309 28.71 -14.35 28.40
CA ALA C 309 30.00 -14.93 28.79
C ALA C 309 31.19 -14.13 28.32
N GLU C 310 31.01 -13.19 27.39
CA GLU C 310 32.15 -12.60 26.71
C GLU C 310 32.83 -11.55 27.58
N GLY C 311 34.09 -11.27 27.23
CA GLY C 311 34.87 -10.33 28.04
C GLY C 311 34.27 -8.95 28.10
N LEU C 312 33.76 -8.43 26.98
CA LEU C 312 33.23 -7.07 26.98
C LEU C 312 32.01 -6.98 27.90
N GLN C 313 31.16 -8.01 27.87
CA GLN C 313 30.01 -8.03 28.76
C GLN C 313 30.44 -7.99 30.22
N TRP C 314 31.50 -8.71 30.56
CA TRP C 314 31.97 -8.73 31.95
C TRP C 314 32.56 -7.39 32.36
N ALA C 315 33.26 -6.71 31.46
CA ALA C 315 33.66 -5.33 31.75
C ALA C 315 32.46 -4.45 32.10
N LEU C 316 31.34 -4.62 31.36
CA LEU C 316 30.16 -3.82 31.60
C LEU C 316 29.43 -4.22 32.88
N TYR C 317 29.31 -5.53 33.15
CA TYR C 317 28.73 -5.96 34.42
C TYR C 317 29.49 -5.41 35.61
N MET C 318 30.81 -5.36 35.51
CA MET C 318 31.60 -4.85 36.62
C MET C 318 31.39 -3.35 36.78
N HIS C 319 31.42 -2.62 35.67
CA HIS C 319 31.14 -1.18 35.72
C HIS C 319 29.82 -0.92 36.43
N ASN C 320 28.78 -1.70 36.13
CA ASN C 320 27.50 -1.53 36.79
C ASN C 320 27.62 -1.74 38.30
N ALA C 321 28.25 -2.83 38.72
CA ALA C 321 28.38 -3.09 40.16
C ALA C 321 29.20 -2.01 40.84
N PHE C 322 30.32 -1.59 40.23
CA PHE C 322 31.19 -0.63 40.91
C PHE C 322 30.56 0.76 40.96
N THR C 323 29.81 1.16 39.93
CA THR C 323 29.23 2.51 39.91
C THR C 323 27.81 2.59 40.43
N ASN C 324 27.03 1.51 40.38
CA ASN C 324 25.64 1.60 40.79
C ASN C 324 25.32 0.89 42.10
N SER C 325 26.18 -0.02 42.56
CA SER C 325 25.97 -0.62 43.87
C SER C 325 27.20 -0.45 44.76
N ASP C 326 28.11 0.45 44.38
N ASP C 326 28.12 0.46 44.39
CA ASP C 326 29.31 0.78 45.15
CA ASP C 326 29.29 0.80 45.21
C ASP C 326 30.07 -0.47 45.59
C ASP C 326 30.14 -0.43 45.56
N THR C 327 30.12 -1.45 44.70
CA THR C 327 30.79 -2.71 44.99
C THR C 327 32.32 -2.59 44.98
N SER C 328 32.96 -3.20 45.98
CA SER C 328 34.41 -3.11 46.18
C SER C 328 35.20 -4.27 45.59
N GLY C 329 34.55 -5.39 45.27
CA GLY C 329 35.29 -6.51 44.72
C GLY C 329 34.38 -7.38 43.89
N TYR C 330 34.98 -8.25 43.09
CA TYR C 330 34.21 -9.02 42.12
C TYR C 330 34.94 -10.32 41.85
N ASN C 331 34.24 -11.45 41.96
CA ASN C 331 34.84 -12.77 41.80
C ASN C 331 34.16 -13.53 40.68
N HIS C 332 34.98 -14.08 39.76
CA HIS C 332 34.54 -15.25 39.02
C HIS C 332 34.27 -16.41 39.98
N TRP C 333 33.58 -17.44 39.48
CA TRP C 333 33.35 -18.64 40.28
C TRP C 333 34.65 -19.40 40.47
N TRP C 334 35.05 -20.24 39.52
CA TRP C 334 36.33 -20.93 39.66
C TRP C 334 37.46 -20.19 38.95
N CYS C 335 38.68 -20.40 39.45
CA CYS C 335 39.87 -19.80 38.83
C CYS C 335 40.21 -20.53 37.54
N ALA C 336 40.49 -21.83 37.63
CA ALA C 336 41.07 -22.54 36.51
C ALA C 336 40.81 -24.03 36.64
N GLY C 337 40.68 -24.69 35.47
CA GLY C 337 40.43 -26.12 35.40
C GLY C 337 39.35 -26.48 34.40
N GLY C 338 38.57 -27.51 34.71
CA GLY C 338 37.44 -27.94 33.90
C GLY C 338 36.19 -27.17 34.25
N GLY C 339 35.04 -27.81 34.10
CA GLY C 339 33.80 -27.11 34.37
C GLY C 339 33.35 -26.15 33.29
N ALA C 340 33.78 -26.36 32.05
CA ALA C 340 33.30 -25.59 30.89
C ALA C 340 33.54 -24.10 31.14
N ASP C 341 32.51 -23.26 31.20
CA ASP C 341 32.72 -21.82 31.26
C ASP C 341 32.73 -21.29 32.69
N ASN C 342 32.79 -22.16 33.69
CA ASN C 342 32.82 -21.72 35.08
C ASN C 342 34.20 -21.26 35.55
N VAL C 343 35.21 -21.29 34.68
CA VAL C 343 36.58 -20.94 35.04
C VAL C 343 37.03 -19.71 34.24
N LEU C 344 38.06 -19.04 34.75
CA LEU C 344 38.71 -17.98 33.99
C LEU C 344 39.76 -18.55 33.04
N ILE C 345 40.35 -19.68 33.39
CA ILE C 345 41.35 -20.35 32.56
C ILE C 345 40.98 -21.83 32.46
N SER C 346 40.73 -22.28 31.25
CA SER C 346 40.36 -23.66 31.00
C SER C 346 41.63 -24.50 30.86
N ILE C 347 41.68 -25.63 31.56
CA ILE C 347 42.84 -26.53 31.54
C ILE C 347 42.39 -27.89 31.04
N THR C 348 43.12 -28.44 30.07
CA THR C 348 42.87 -29.78 29.56
C THR C 348 44.22 -30.44 29.39
N GLY C 349 44.52 -31.46 30.20
CA GLY C 349 45.83 -32.08 30.14
C GLY C 349 46.90 -31.07 30.47
N ASN C 350 47.97 -31.03 29.66
CA ASN C 350 49.03 -30.04 29.83
C ASN C 350 48.82 -28.80 28.95
N SER C 351 47.58 -28.41 28.72
CA SER C 351 47.29 -27.24 27.90
C SER C 351 46.27 -26.38 28.63
N TYR C 352 46.29 -25.08 28.33
CA TYR C 352 45.32 -24.17 28.92
C TYR C 352 44.99 -23.03 27.96
N GLU C 353 43.84 -22.41 28.21
CA GLU C 353 43.33 -21.26 27.48
C GLU C 353 42.79 -20.23 28.46
N VAL C 354 43.03 -18.95 28.16
CA VAL C 354 42.57 -17.84 29.00
C VAL C 354 41.35 -17.21 28.35
N SER C 355 40.28 -17.07 29.12
CA SER C 355 39.14 -16.32 28.61
C SER C 355 39.45 -14.83 28.69
N SER C 356 38.99 -14.08 27.68
CA SER C 356 39.18 -12.63 27.74
C SER C 356 38.38 -11.97 28.83
N ARG C 357 37.48 -12.69 29.52
CA ARG C 357 36.96 -12.18 30.79
C ARG C 357 38.08 -11.71 31.69
N LEU C 358 39.23 -12.38 31.66
CA LEU C 358 40.31 -11.98 32.55
C LEU C 358 40.83 -10.60 32.20
N TRP C 359 40.76 -10.21 30.92
CA TRP C 359 41.19 -8.87 30.56
C TRP C 359 40.18 -7.82 30.96
N ALA C 360 38.89 -8.17 31.06
CA ALA C 360 37.92 -7.29 31.71
C ALA C 360 38.31 -7.06 33.17
N PHE C 361 38.61 -8.14 33.90
CA PHE C 361 39.10 -8.02 35.27
C PHE C 361 40.36 -7.16 35.34
N ALA C 362 41.34 -7.43 34.49
CA ALA C 362 42.62 -6.72 34.55
C ALA C 362 42.43 -5.24 34.24
N SER C 363 41.54 -4.91 33.29
CA SER C 363 41.26 -3.51 32.97
C SER C 363 40.91 -2.70 34.20
N TYR C 364 40.22 -3.31 35.16
CA TYR C 364 39.98 -2.66 36.44
C TYR C 364 41.15 -2.85 37.41
N PHE C 365 41.53 -4.11 37.67
CA PHE C 365 42.27 -4.43 38.88
C PHE C 365 43.79 -4.50 38.69
N ARG C 366 44.28 -4.56 37.44
CA ARG C 366 45.72 -4.34 37.24
C ARG C 366 46.12 -2.92 37.66
N PHE C 367 45.17 -1.98 37.59
CA PHE C 367 45.46 -0.56 37.81
C PHE C 367 44.84 0.00 39.07
N ALA C 368 43.61 -0.38 39.40
CA ALA C 368 43.02 0.00 40.68
C ALA C 368 43.35 -1.11 41.69
N ARG C 369 44.42 -0.91 42.47
CA ARG C 369 44.95 -1.94 43.36
C ARG C 369 44.21 -1.93 44.69
N PRO C 370 44.41 -2.93 45.55
CA PRO C 370 43.75 -2.91 46.86
C PRO C 370 44.01 -1.58 47.58
N GLY C 371 42.97 -1.05 48.21
CA GLY C 371 43.08 0.22 48.90
C GLY C 371 42.75 1.42 48.05
N SER C 372 42.66 1.26 46.73
CA SER C 372 42.23 2.36 45.88
C SER C 372 40.81 2.76 46.25
N VAL C 373 40.48 4.01 45.96
CA VAL C 373 39.16 4.58 46.25
C VAL C 373 38.55 5.02 44.93
N ARG C 374 37.33 4.57 44.66
CA ARG C 374 36.63 5.03 43.49
C ARG C 374 36.31 6.51 43.61
N ILE C 375 36.49 7.25 42.52
CA ILE C 375 36.26 8.69 42.54
C ILE C 375 35.26 9.07 41.45
N GLY C 376 34.86 10.34 41.48
CA GLY C 376 33.79 10.78 40.59
C GLY C 376 34.22 10.72 39.15
N ALA C 377 33.31 10.22 38.30
CA ALA C 377 33.55 10.13 36.86
C ALA C 377 32.20 10.13 36.17
N THR C 378 31.97 11.09 35.28
CA THR C 378 30.71 11.20 34.56
C THR C 378 31.00 11.19 33.06
N SER C 379 30.04 10.70 32.29
CA SER C 379 30.13 10.71 30.83
C SER C 379 28.88 11.34 30.23
N SER C 380 29.05 12.10 29.15
CA SER C 380 27.90 12.73 28.51
C SER C 380 27.18 11.78 27.54
N VAL C 381 27.65 10.54 27.41
CA VAL C 381 27.11 9.58 26.46
C VAL C 381 26.74 8.31 27.23
N GLU C 382 25.50 7.88 27.09
N GLU C 382 25.48 7.90 27.14
CA GLU C 382 24.95 6.85 27.96
CA GLU C 382 24.96 6.84 27.99
C GLU C 382 25.71 5.53 27.86
C GLU C 382 25.78 5.56 27.89
N ASN C 383 26.18 5.18 26.67
CA ASN C 383 26.89 3.91 26.49
C ASN C 383 28.37 4.09 26.21
N VAL C 384 28.93 5.24 26.57
CA VAL C 384 30.37 5.39 26.80
C VAL C 384 30.52 5.49 28.31
N TYR C 385 30.86 4.38 28.92
CA TYR C 385 30.86 4.22 30.36
C TYR C 385 32.22 4.59 30.93
N VAL C 386 32.23 5.20 32.10
CA VAL C 386 33.49 5.56 32.75
C VAL C 386 33.33 5.30 34.24
N SER C 387 34.42 4.86 34.86
CA SER C 387 34.63 4.99 36.29
C SER C 387 36.10 5.34 36.49
N ALA C 388 36.46 5.64 37.74
CA ALA C 388 37.83 6.08 38.01
C ALA C 388 38.20 5.72 39.43
N TYR C 389 39.50 5.47 39.66
CA TYR C 389 39.99 4.95 40.94
C TYR C 389 41.31 5.62 41.26
N GLU C 390 41.49 6.01 42.51
CA GLU C 390 42.72 6.65 42.94
C GLU C 390 43.41 5.74 43.94
N ASN C 391 44.60 5.26 43.58
CA ASN C 391 45.37 4.40 44.47
C ASN C 391 45.84 5.17 45.70
N LYS C 392 46.21 4.42 46.73
CA LYS C 392 46.72 5.04 47.94
C LYS C 392 47.90 5.97 47.63
N ASN C 393 48.68 5.64 46.60
CA ASN C 393 49.88 6.40 46.31
C ASN C 393 49.66 7.55 45.31
N GLY C 394 48.41 7.82 44.95
CA GLY C 394 48.05 8.98 44.16
C GLY C 394 47.85 8.72 42.68
N THR C 395 48.31 7.57 42.18
CA THR C 395 48.09 7.25 40.77
C THR C 395 46.61 6.96 40.54
N VAL C 396 46.13 7.25 39.34
CA VAL C 396 44.71 7.22 39.03
C VAL C 396 44.48 6.38 37.80
N SER C 397 43.47 5.50 37.83
CA SER C 397 43.05 4.73 36.69
C SER C 397 41.67 5.15 36.24
N ILE C 398 41.49 5.32 34.93
CA ILE C 398 40.21 5.69 34.35
C ILE C 398 39.85 4.69 33.26
N PRO C 399 39.18 3.59 33.60
CA PRO C 399 38.70 2.64 32.57
C PRO C 399 37.46 3.17 31.87
N VAL C 400 37.57 3.44 30.56
CA VAL C 400 36.45 3.88 29.74
C VAL C 400 35.98 2.71 28.89
N ILE C 401 34.68 2.47 28.84
CA ILE C 401 34.13 1.41 28.01
C ILE C 401 33.35 2.06 26.88
N ASN C 402 33.82 1.88 25.65
CA ASN C 402 33.03 2.31 24.50
C ASN C 402 32.19 1.11 24.10
N ALA C 403 30.95 1.09 24.58
CA ALA C 403 30.02 0.02 24.26
C ALA C 403 29.32 0.22 22.92
N ALA C 404 29.63 1.31 22.22
CA ALA C 404 29.07 1.56 20.90
C ALA C 404 29.88 0.81 19.85
N HIS C 405 29.31 0.76 18.64
CA HIS C 405 29.86 0.00 17.53
C HIS C 405 30.63 0.88 16.55
N PHE C 406 31.16 2.00 17.02
CA PHE C 406 31.96 2.93 16.23
C PHE C 406 32.83 3.72 17.19
N PRO C 407 33.89 4.38 16.71
CA PRO C 407 34.80 5.07 17.63
C PRO C 407 34.17 6.32 18.24
N TYR C 408 34.55 6.60 19.49
CA TYR C 408 34.22 7.86 20.14
C TYR C 408 35.49 8.65 20.43
N GLU C 409 35.45 9.94 20.11
CA GLU C 409 36.50 10.89 20.49
C GLU C 409 36.10 11.41 21.87
N VAL C 410 36.85 10.99 22.91
CA VAL C 410 36.55 11.39 24.28
C VAL C 410 37.46 12.55 24.67
N THR C 411 36.91 13.48 25.44
CA THR C 411 37.63 14.55 26.10
C THR C 411 37.41 14.35 27.58
N ILE C 412 38.50 14.23 28.34
CA ILE C 412 38.46 13.92 29.78
C ILE C 412 39.00 15.13 30.53
N ASP C 413 38.14 15.79 31.29
CA ASP C 413 38.57 16.88 32.16
C ASP C 413 38.90 16.32 33.54
N LEU C 414 40.09 16.64 34.04
CA LEU C 414 40.58 16.14 35.32
C LEU C 414 40.49 17.23 36.37
N GLN C 415 39.80 16.97 37.47
CA GLN C 415 39.75 17.89 38.60
C GLN C 415 40.37 17.21 39.81
N GLY C 416 41.16 17.96 40.57
CA GLY C 416 41.77 17.43 41.77
C GLY C 416 42.99 16.57 41.52
N LEU C 417 43.53 16.61 40.30
CA LEU C 417 44.64 15.78 39.87
C LEU C 417 45.77 16.60 39.24
N LYS C 418 45.96 17.85 39.68
CA LYS C 418 47.02 18.66 39.07
C LYS C 418 48.42 18.13 39.37
N ALA C 419 48.58 17.17 40.27
CA ALA C 419 49.89 16.61 40.55
C ALA C 419 50.32 15.55 39.55
N ARG C 420 49.43 15.11 38.66
CA ARG C 420 49.76 14.04 37.72
C ARG C 420 50.57 14.56 36.54
N LYS C 421 51.57 13.77 36.11
CA LYS C 421 52.56 14.18 35.12
C LYS C 421 52.48 13.41 33.81
N ARG C 422 52.08 12.14 33.84
CA ARG C 422 52.18 11.24 32.70
C ARG C 422 50.87 10.47 32.54
N VAL C 423 50.54 10.14 31.30
CA VAL C 423 49.38 9.29 31.01
C VAL C 423 49.82 8.13 30.13
N SER C 424 49.40 6.92 30.50
CA SER C 424 49.59 5.72 29.70
C SER C 424 48.22 5.18 29.31
N THR C 425 48.08 4.81 28.05
CA THR C 425 46.80 4.35 27.53
C THR C 425 46.87 2.86 27.23
N PHE C 426 45.91 2.10 27.75
CA PHE C 426 45.83 0.65 27.56
C PHE C 426 44.51 0.31 26.88
N LEU C 427 44.53 -0.70 26.01
CA LEU C 427 43.39 -1.02 25.16
C LEU C 427 43.06 -2.51 25.22
N THR C 428 41.79 -2.83 25.40
CA THR C 428 41.34 -4.20 25.26
C THR C 428 40.18 -4.23 24.28
N ASP C 429 40.30 -5.04 23.24
CA ASP C 429 39.22 -5.30 22.31
C ASP C 429 39.50 -6.64 21.63
N ASN C 430 38.89 -6.89 20.48
CA ASN C 430 39.01 -8.22 19.88
C ASN C 430 40.44 -8.53 19.44
N SER C 431 41.31 -7.52 19.33
CA SER C 431 42.69 -7.77 18.92
C SER C 431 43.72 -7.21 19.90
N HIS C 432 43.31 -6.89 21.13
CA HIS C 432 44.23 -6.31 22.13
C HIS C 432 43.88 -6.84 23.51
N ASN C 433 44.90 -7.24 24.27
CA ASN C 433 44.72 -7.71 25.64
C ASN C 433 45.46 -6.74 26.57
N VAL C 434 44.77 -5.69 27.00
CA VAL C 434 45.35 -4.65 27.85
C VAL C 434 46.67 -4.18 27.25
N THR C 435 46.65 -3.89 25.95
CA THR C 435 47.85 -3.50 25.23
C THR C 435 48.17 -2.03 25.50
N LEU C 436 49.43 -1.76 25.85
CA LEU C 436 49.89 -0.37 25.93
C LEU C 436 49.87 0.27 24.54
N MET C 437 49.08 1.33 24.39
CA MET C 437 48.91 2.02 23.11
C MET C 437 49.72 3.31 22.99
N ASP C 438 49.85 4.06 24.09
CA ASP C 438 50.45 5.39 24.04
C ASP C 438 50.97 5.76 25.42
N GLN C 439 52.00 6.59 25.45
CA GLN C 439 52.54 7.17 26.69
C GLN C 439 52.96 8.60 26.41
N SER C 440 52.40 9.54 27.15
CA SER C 440 52.67 10.95 26.91
C SER C 440 52.73 11.71 28.22
N GLU C 441 53.32 12.91 28.16
CA GLU C 441 53.32 13.82 29.30
C GLU C 441 51.97 14.53 29.40
N LEU C 442 51.49 14.69 30.62
CA LEU C 442 50.32 15.53 30.86
C LEU C 442 50.77 16.98 30.91
N HIS C 443 50.28 17.80 29.98
CA HIS C 443 50.62 19.21 29.94
C HIS C 443 49.41 20.10 30.25
N GLY C 444 48.41 19.54 30.91
CA GLY C 444 47.27 20.30 31.38
C GLY C 444 46.40 19.37 32.19
N SER C 445 45.12 19.69 32.29
CA SER C 445 44.18 18.82 32.99
C SER C 445 43.14 18.23 32.05
N VAL C 446 43.41 18.18 30.76
CA VAL C 446 42.47 17.65 29.78
C VAL C 446 43.17 16.57 28.98
N LEU C 447 42.52 15.42 28.84
CA LEU C 447 42.95 14.30 28.00
C LEU C 447 42.01 14.19 26.81
N LYS C 448 42.58 13.93 25.63
CA LYS C 448 41.79 13.65 24.43
C LYS C 448 42.33 12.37 23.81
N ALA C 449 41.42 11.47 23.43
CA ALA C 449 41.83 10.23 22.79
C ALA C 449 40.65 9.68 22.02
N THR C 450 40.92 8.86 21.01
CA THR C 450 39.86 8.13 20.32
C THR C 450 39.81 6.71 20.85
N VAL C 451 38.66 6.34 21.42
CA VAL C 451 38.45 5.00 21.95
C VAL C 451 37.81 4.16 20.85
N PRO C 452 38.42 3.05 20.45
CA PRO C 452 37.83 2.19 19.38
C PRO C 452 36.49 1.61 19.80
N PRO C 453 35.70 1.12 18.84
CA PRO C 453 34.42 0.48 19.16
C PRO C 453 34.56 -0.75 20.05
N ARG C 454 33.61 -0.90 20.97
CA ARG C 454 33.40 -2.15 21.68
C ARG C 454 34.66 -2.55 22.44
N ALA C 455 35.23 -1.58 23.15
CA ALA C 455 36.56 -1.69 23.72
C ALA C 455 36.57 -1.08 25.12
N VAL C 456 37.52 -1.53 25.94
CA VAL C 456 37.86 -0.90 27.21
C VAL C 456 39.22 -0.23 27.06
N GLN C 457 39.27 1.07 27.26
CA GLN C 457 40.52 1.79 27.17
C GLN C 457 40.77 2.39 28.54
N VAL C 458 41.93 2.07 29.13
CA VAL C 458 42.27 2.52 30.48
C VAL C 458 43.29 3.65 30.36
N PHE C 459 42.97 4.79 30.95
CA PHE C 459 43.91 5.89 31.08
C PHE C 459 44.55 5.80 32.44
N TRP C 460 45.88 5.63 32.45
CA TRP C 460 46.66 5.37 33.66
C TRP C 460 47.51 6.62 33.93
N LEU C 461 47.18 7.32 35.02
CA LEU C 461 47.75 8.63 35.32
C LEU C 461 48.76 8.51 36.46
N GLU C 462 49.97 9.02 36.23
CA GLU C 462 51.03 8.98 37.23
C GLU C 462 51.64 10.36 37.45
N TRP D 17 -30.35 -2.03 -19.37
CA TRP D 17 -30.42 -2.32 -17.93
C TRP D 17 -30.90 -1.10 -17.14
N SER D 18 -31.39 -1.33 -15.93
CA SER D 18 -31.84 -0.24 -15.09
C SER D 18 -31.71 -0.68 -13.64
N TYR D 19 -31.89 0.28 -12.72
CA TYR D 19 -31.90 -0.03 -11.31
C TYR D 19 -32.88 0.89 -10.60
N SER D 20 -33.05 0.63 -9.30
CA SER D 20 -34.08 1.28 -8.50
C SER D 20 -33.49 2.56 -7.91
N GLN D 21 -34.01 3.68 -8.36
CA GLN D 21 -33.64 5.00 -7.89
C GLN D 21 -34.63 5.94 -8.58
N THR D 22 -35.04 7.03 -7.94
CA THR D 22 -35.92 7.99 -8.58
C THR D 22 -35.37 9.39 -8.34
N LEU D 23 -35.22 10.15 -9.41
CA LEU D 23 -34.91 11.57 -9.33
C LEU D 23 -35.97 12.36 -10.09
N SER D 24 -35.87 13.67 -10.04
N SER D 24 -35.88 13.68 -10.05
CA SER D 24 -36.85 14.57 -10.63
CA SER D 24 -36.89 14.54 -10.64
C SER D 24 -36.20 15.41 -11.73
C SER D 24 -36.24 15.47 -11.66
N ALA D 25 -37.03 15.87 -12.65
CA ALA D 25 -36.58 16.78 -13.69
C ALA D 25 -37.72 17.76 -13.95
N ASN D 26 -37.36 19.02 -14.17
CA ASN D 26 -38.32 20.07 -14.46
C ASN D 26 -38.17 20.44 -15.92
N ILE D 27 -39.29 20.51 -16.63
CA ILE D 27 -39.32 20.78 -18.07
C ILE D 27 -40.23 21.98 -18.31
N GLN D 28 -39.77 22.91 -19.16
CA GLN D 28 -40.53 24.10 -19.54
C GLN D 28 -40.77 24.05 -21.04
N VAL D 29 -42.04 24.05 -21.45
CA VAL D 29 -42.43 24.12 -22.85
C VAL D 29 -43.08 25.48 -23.10
N ASN D 30 -42.61 26.18 -24.13
CA ASN D 30 -43.03 27.55 -24.41
C ASN D 30 -43.38 27.67 -25.88
N ALA D 31 -44.68 27.74 -26.17
CA ALA D 31 -45.11 27.85 -27.57
C ALA D 31 -44.82 29.22 -28.18
N LEU D 32 -44.42 30.21 -27.38
CA LEU D 32 -44.04 31.50 -27.95
C LEU D 32 -42.61 31.52 -28.47
N GLN D 33 -41.77 30.57 -28.08
CA GLN D 33 -40.45 30.38 -28.69
C GLN D 33 -40.64 29.44 -29.87
N ARG D 34 -40.29 29.88 -31.06
CA ARG D 34 -40.59 29.11 -32.27
C ARG D 34 -39.33 28.94 -33.11
N TYR D 35 -39.19 27.75 -33.68
CA TYR D 35 -37.97 27.43 -34.39
C TYR D 35 -38.33 26.94 -35.79
N GLN D 36 -37.80 25.80 -36.20
CA GLN D 36 -37.95 25.40 -37.60
C GLN D 36 -39.31 24.74 -37.85
N GLU D 37 -39.73 24.79 -39.13
CA GLU D 37 -40.90 24.06 -39.61
C GLU D 37 -40.50 22.62 -39.96
N MET D 38 -41.22 21.65 -39.42
CA MET D 38 -40.84 20.27 -39.62
C MET D 38 -41.37 19.75 -40.95
N ILE D 39 -40.61 18.88 -41.58
CA ILE D 39 -41.09 18.22 -42.80
C ILE D 39 -41.49 16.78 -42.51
N GLY D 40 -40.60 15.98 -41.93
CA GLY D 40 -40.95 14.63 -41.54
C GLY D 40 -39.77 13.70 -41.54
N GLY D 41 -40.08 12.41 -41.36
CA GLY D 41 -39.07 11.38 -41.45
C GLY D 41 -39.24 10.54 -42.70
N GLY D 42 -38.22 9.80 -43.12
CA GLY D 42 -38.38 9.06 -44.35
C GLY D 42 -37.25 8.11 -44.64
N CYS D 43 -37.21 7.66 -45.90
CA CYS D 43 -36.28 6.64 -46.35
C CYS D 43 -36.29 6.57 -47.88
N SER D 44 -35.39 5.75 -48.43
CA SER D 44 -35.24 5.59 -49.88
C SER D 44 -35.46 4.15 -50.30
N GLY D 45 -35.91 3.98 -51.54
CA GLY D 45 -35.88 2.65 -52.14
C GLY D 45 -34.91 2.54 -53.30
N ALA D 46 -33.88 3.38 -53.29
CA ALA D 46 -32.95 3.48 -54.42
C ALA D 46 -32.19 2.17 -54.64
N PHE D 47 -31.65 2.04 -55.85
CA PHE D 47 -30.77 0.93 -56.24
C PHE D 47 -31.50 -0.42 -56.17
N GLY D 48 -32.80 -0.40 -56.45
CA GLY D 48 -33.59 -1.61 -56.49
C GLY D 48 -34.18 -2.02 -55.15
N TRP D 49 -33.87 -1.32 -54.06
CA TRP D 49 -34.51 -1.69 -52.80
C TRP D 49 -36.04 -1.54 -52.90
N ALA D 50 -36.53 -0.59 -53.68
CA ALA D 50 -37.97 -0.53 -53.89
C ALA D 50 -38.50 -1.82 -54.50
N CYS D 51 -37.72 -2.47 -55.38
CA CYS D 51 -38.17 -3.74 -55.95
C CYS D 51 -38.10 -4.87 -54.93
N GLN D 52 -37.21 -4.77 -53.94
CA GLN D 52 -37.22 -5.75 -52.86
C GLN D 52 -38.42 -5.55 -51.95
N GLN D 53 -38.90 -4.32 -51.82
CA GLN D 53 -40.13 -4.04 -51.09
C GLN D 53 -41.36 -4.43 -51.90
N PHE D 54 -41.28 -4.41 -53.23
CA PHE D 54 -42.37 -4.81 -54.11
C PHE D 54 -41.89 -5.87 -55.09
N PRO D 55 -41.54 -7.06 -54.60
CA PRO D 55 -40.88 -8.06 -55.43
C PRO D 55 -41.86 -8.86 -56.27
N THR D 56 -41.32 -9.40 -57.36
CA THR D 56 -42.11 -10.23 -58.28
C THR D 56 -42.48 -11.56 -57.65
N THR D 57 -41.60 -12.09 -56.80
CA THR D 57 -41.87 -13.31 -56.06
C THR D 57 -41.36 -13.11 -54.64
N GLY D 58 -41.86 -13.94 -53.72
CA GLY D 58 -41.49 -13.79 -52.33
C GLY D 58 -42.54 -13.08 -51.51
N LEU D 59 -42.28 -11.84 -51.12
CA LEU D 59 -43.25 -11.10 -50.30
C LEU D 59 -44.55 -10.96 -51.08
N THR D 60 -45.65 -11.43 -50.49
CA THR D 60 -46.95 -11.34 -51.15
C THR D 60 -47.36 -9.89 -51.37
N PRO D 61 -48.19 -9.63 -52.39
CA PRO D 61 -48.74 -8.29 -52.58
C PRO D 61 -49.40 -7.73 -51.32
N GLU D 62 -50.13 -8.58 -50.59
CA GLU D 62 -50.72 -8.14 -49.33
C GLU D 62 -49.64 -7.70 -48.33
N ASN D 63 -48.54 -8.47 -48.24
CA ASN D 63 -47.48 -8.07 -47.32
C ASN D 63 -46.70 -6.87 -47.82
N GLN D 64 -46.62 -6.67 -49.14
CA GLN D 64 -46.01 -5.45 -49.67
C GLN D 64 -46.80 -4.23 -49.21
N GLU D 65 -48.13 -4.33 -49.24
CA GLU D 65 -48.98 -3.28 -48.72
C GLU D 65 -48.75 -3.07 -47.22
N GLU D 66 -48.72 -4.15 -46.44
N GLU D 66 -48.74 -4.16 -46.43
CA GLU D 66 -48.58 -4.01 -44.98
CA GLU D 66 -48.56 -4.06 -44.98
C GLU D 66 -47.27 -3.33 -44.62
C GLU D 66 -47.27 -3.34 -44.64
N VAL D 67 -46.17 -3.69 -45.31
CA VAL D 67 -44.88 -3.08 -45.03
C VAL D 67 -44.91 -1.60 -45.31
N THR D 68 -45.50 -1.21 -46.45
CA THR D 68 -45.54 0.20 -46.81
C THR D 68 -46.43 0.97 -45.86
N LYS D 69 -47.53 0.34 -45.41
CA LYS D 69 -48.42 0.96 -44.45
C LYS D 69 -47.73 1.17 -43.11
N ILE D 70 -46.96 0.19 -42.64
CA ILE D 70 -46.22 0.35 -41.39
C ILE D 70 -45.28 1.56 -41.47
N LEU D 71 -44.64 1.78 -42.62
CA LEU D 71 -43.72 2.90 -42.73
C LEU D 71 -44.47 4.23 -42.77
N PHE D 72 -45.52 4.33 -43.60
CA PHE D 72 -46.05 5.63 -44.00
C PHE D 72 -47.43 5.97 -43.45
N ASP D 73 -48.13 5.03 -42.84
CA ASP D 73 -49.37 5.34 -42.12
C ASP D 73 -49.06 6.30 -40.98
N GLU D 74 -49.84 7.39 -40.89
N GLU D 74 -49.85 7.37 -40.88
CA GLU D 74 -49.64 8.35 -39.81
CA GLU D 74 -49.65 8.37 -39.82
C GLU D 74 -49.70 7.69 -38.44
C GLU D 74 -49.88 7.79 -38.42
N ASN D 75 -50.50 6.63 -38.32
CA ASN D 75 -50.77 5.98 -37.05
C ASN D 75 -49.74 4.92 -36.68
N ILE D 76 -48.80 4.61 -37.57
CA ILE D 76 -47.79 3.60 -37.29
C ILE D 76 -46.41 4.25 -37.36
N GLY D 77 -45.67 4.06 -38.46
CA GLY D 77 -44.35 4.66 -38.57
C GLY D 77 -44.38 6.18 -38.67
N GLY D 78 -45.41 6.74 -39.28
CA GLY D 78 -45.53 8.18 -39.35
C GLY D 78 -44.63 8.88 -40.35
N LEU D 79 -43.96 8.14 -41.25
CA LEU D 79 -43.01 8.74 -42.17
C LEU D 79 -43.75 9.50 -43.29
N SER D 80 -43.06 10.50 -43.85
CA SER D 80 -43.59 11.33 -44.92
C SER D 80 -42.63 11.56 -46.08
N ILE D 81 -41.34 11.32 -45.93
CA ILE D 81 -40.41 11.59 -47.03
C ILE D 81 -40.06 10.29 -47.75
N VAL D 82 -40.23 10.28 -49.07
CA VAL D 82 -39.66 9.23 -49.93
C VAL D 82 -38.56 9.88 -50.78
N ARG D 83 -37.34 9.33 -50.70
CA ARG D 83 -36.19 9.83 -51.45
C ARG D 83 -35.89 8.85 -52.58
N ASN D 84 -36.04 9.31 -53.82
CA ASN D 84 -35.85 8.46 -54.99
C ASN D 84 -34.57 8.86 -55.68
N ASP D 85 -33.88 7.86 -56.23
CA ASP D 85 -32.70 8.07 -57.06
C ASP D 85 -33.14 8.35 -58.49
N ILE D 86 -32.81 9.53 -59.01
CA ILE D 86 -32.87 9.82 -60.44
C ILE D 86 -31.70 9.08 -61.06
N GLY D 87 -31.99 7.90 -61.60
CA GLY D 87 -30.93 6.96 -61.94
C GLY D 87 -30.18 7.36 -63.19
N SER D 88 -28.94 6.86 -63.26
CA SER D 88 -28.04 7.17 -64.35
C SER D 88 -27.34 5.92 -64.89
N SER D 89 -27.71 4.76 -64.44
CA SER D 89 -27.11 3.52 -64.90
C SER D 89 -27.95 2.90 -65.99
N PRO D 90 -27.39 1.96 -66.76
CA PRO D 90 -28.20 1.23 -67.74
C PRO D 90 -29.36 0.50 -67.08
N GLY D 91 -30.55 0.70 -67.63
CA GLY D 91 -31.73 0.08 -67.09
C GLY D 91 -32.42 0.87 -66.00
N SER D 92 -31.80 1.94 -65.48
CA SER D 92 -32.44 2.73 -64.44
C SER D 92 -32.52 4.22 -64.75
N THR D 93 -32.09 4.66 -65.94
CA THR D 93 -32.06 6.07 -66.28
C THR D 93 -33.13 6.40 -67.31
N ILE D 94 -33.64 7.64 -67.24
CA ILE D 94 -34.57 8.11 -68.26
C ILE D 94 -33.87 8.53 -69.54
N LEU D 95 -32.53 8.52 -69.58
CA LEU D 95 -31.78 8.83 -70.79
C LEU D 95 -30.76 7.72 -71.04
N PRO D 96 -31.21 6.54 -71.46
CA PRO D 96 -30.27 5.43 -71.68
C PRO D 96 -29.31 5.67 -72.82
N THR D 97 -29.72 6.44 -73.83
CA THR D 97 -28.87 6.84 -74.96
C THR D 97 -28.85 8.35 -75.07
N CYS D 98 -27.65 8.93 -75.08
CA CYS D 98 -27.50 10.37 -75.17
C CYS D 98 -27.39 10.83 -76.63
N PRO D 99 -27.84 12.03 -76.94
CA PRO D 99 -27.50 12.64 -78.23
C PRO D 99 -26.01 12.93 -78.28
N ALA D 100 -25.53 13.21 -79.49
CA ALA D 100 -24.11 13.52 -79.67
C ALA D 100 -23.74 14.84 -78.99
N THR D 101 -24.66 15.79 -78.96
CA THR D 101 -24.42 17.14 -78.47
C THR D 101 -25.58 17.57 -77.60
N PRO D 102 -25.41 18.64 -76.81
CA PRO D 102 -26.54 19.15 -76.01
C PRO D 102 -27.67 19.72 -76.84
N ALA D 103 -27.50 19.86 -78.16
CA ALA D 103 -28.61 20.26 -79.01
C ALA D 103 -29.72 19.22 -78.99
N GLY D 104 -29.40 17.97 -78.65
CA GLY D 104 -30.37 16.92 -78.66
C GLY D 104 -30.45 16.23 -80.02
N PRO D 105 -31.57 15.55 -80.30
CA PRO D 105 -32.79 15.43 -79.50
C PRO D 105 -32.56 14.53 -78.29
N PHE D 106 -33.28 14.77 -77.20
CA PHE D 106 -33.22 13.92 -76.03
C PHE D 106 -34.40 12.97 -76.08
N ASN D 107 -34.13 11.71 -76.37
CA ASN D 107 -35.18 10.71 -76.49
C ASN D 107 -35.26 9.95 -75.16
N TYR D 108 -36.00 10.56 -74.24
CA TYR D 108 -36.13 10.01 -72.91
C TYR D 108 -36.91 8.72 -72.93
N GLN D 109 -36.74 7.92 -71.88
CA GLN D 109 -37.54 6.72 -71.70
C GLN D 109 -38.20 6.76 -70.33
N TRP D 110 -39.43 6.24 -70.26
CA TRP D 110 -40.16 6.18 -68.99
C TRP D 110 -40.92 4.86 -69.01
N ASP D 111 -40.58 3.93 -68.13
CA ASP D 111 -41.19 2.60 -68.11
C ASP D 111 -42.28 2.46 -67.05
N GLY D 112 -42.63 3.56 -66.36
CA GLY D 112 -43.66 3.50 -65.34
C GLY D 112 -43.28 2.78 -64.07
N SER D 113 -42.05 2.29 -63.97
CA SER D 113 -41.55 1.61 -62.77
C SER D 113 -40.48 2.42 -62.05
N ASP D 114 -39.47 2.89 -62.79
CA ASP D 114 -38.38 3.66 -62.21
C ASP D 114 -37.70 2.83 -61.11
N SER D 115 -37.32 1.60 -61.46
CA SER D 115 -36.74 0.63 -60.52
C SER D 115 -37.64 0.44 -59.30
N CYS D 116 -38.94 0.31 -59.56
CA CYS D 116 -40.01 0.14 -58.55
C CYS D 116 -40.18 1.34 -57.65
N GLN D 117 -39.41 2.41 -57.88
CA GLN D 117 -39.58 3.59 -57.03
C GLN D 117 -40.91 4.29 -57.29
N PHE D 118 -41.44 4.19 -58.51
CA PHE D 118 -42.77 4.74 -58.73
C PHE D 118 -43.80 4.00 -57.87
N ASN D 119 -43.69 2.69 -57.81
CA ASN D 119 -44.62 1.90 -57.00
C ASN D 119 -44.47 2.25 -55.52
N LEU D 120 -43.23 2.41 -55.06
CA LEU D 120 -43.03 2.83 -53.68
C LEU D 120 -43.69 4.18 -53.42
N THR D 121 -43.45 5.15 -54.31
CA THR D 121 -43.98 6.49 -54.12
C THR D 121 -45.49 6.50 -54.18
N LYS D 122 -46.06 5.86 -55.23
CA LYS D 122 -47.50 5.70 -55.37
C LYS D 122 -48.15 5.10 -54.12
N THR D 123 -47.59 4.01 -53.62
CA THR D 123 -48.19 3.31 -52.48
C THR D 123 -48.02 4.10 -51.19
N ALA D 124 -46.85 4.72 -51.02
CA ALA D 124 -46.65 5.56 -49.84
C ALA D 124 -47.62 6.73 -49.85
N LEU D 125 -47.87 7.32 -51.03
CA LEU D 125 -48.82 8.44 -51.14
C LEU D 125 -50.23 8.00 -50.74
N LYS D 126 -50.60 6.77 -51.08
CA LYS D 126 -51.92 6.28 -50.71
C LYS D 126 -52.11 6.29 -49.20
N TYR D 127 -51.06 5.90 -48.45
CA TYR D 127 -51.13 5.89 -47.00
C TYR D 127 -50.87 7.26 -46.40
N ASN D 128 -50.14 8.13 -47.09
CA ASN D 128 -49.83 9.46 -46.57
C ASN D 128 -50.04 10.50 -47.67
N PRO D 129 -51.22 11.13 -47.73
CA PRO D 129 -51.48 12.14 -48.77
C PRO D 129 -50.55 13.33 -48.70
N GLU D 130 -49.87 13.52 -47.57
CA GLU D 130 -48.95 14.62 -47.39
C GLU D 130 -47.53 14.25 -47.76
N LEU D 131 -47.35 13.20 -48.56
CA LEU D 131 -46.02 12.69 -48.89
C LEU D 131 -45.16 13.80 -49.48
N TYR D 132 -43.92 13.87 -49.00
CA TYR D 132 -42.90 14.77 -49.49
C TYR D 132 -41.90 13.92 -50.25
N VAL D 133 -41.93 13.98 -51.58
CA VAL D 133 -41.06 13.16 -52.40
C VAL D 133 -39.84 13.98 -52.75
N TYR D 134 -38.66 13.41 -52.50
CA TYR D 134 -37.37 14.03 -52.82
C TYR D 134 -36.76 13.22 -53.95
N ALA D 135 -36.66 13.83 -55.12
CA ALA D 135 -35.96 13.24 -56.27
C ALA D 135 -34.54 13.77 -56.30
N ASN D 136 -33.58 12.84 -56.25
CA ASN D 136 -32.18 13.13 -55.95
C ASN D 136 -31.36 12.31 -56.94
N ALA D 137 -30.63 12.97 -57.83
CA ALA D 137 -29.67 12.27 -58.69
C ALA D 137 -28.41 11.94 -57.91
N TRP D 138 -27.93 10.69 -58.05
CA TRP D 138 -26.59 10.33 -57.56
C TRP D 138 -25.51 10.72 -58.56
N SER D 139 -25.85 10.80 -59.84
CA SER D 139 -24.92 11.17 -60.89
C SER D 139 -25.72 11.66 -62.08
N ALA D 140 -25.13 12.58 -62.83
CA ALA D 140 -25.62 12.86 -64.18
C ALA D 140 -25.36 11.64 -65.07
N PRO D 141 -26.07 11.54 -66.19
CA PRO D 141 -25.69 10.54 -67.21
C PRO D 141 -24.21 10.69 -67.57
N GLY D 142 -23.56 9.55 -67.85
CA GLY D 142 -22.13 9.56 -68.09
C GLY D 142 -21.71 10.45 -69.25
N CYS D 143 -22.56 10.55 -70.27
CA CYS D 143 -22.27 11.40 -71.43
C CYS D 143 -22.17 12.88 -71.09
N MET D 144 -22.67 13.29 -69.92
CA MET D 144 -22.63 14.67 -69.49
C MET D 144 -21.48 14.93 -68.52
N LYS D 145 -20.65 13.94 -68.26
CA LYS D 145 -19.63 14.05 -67.23
C LYS D 145 -18.21 14.01 -67.81
N THR D 146 -17.27 14.58 -67.04
CA THR D 146 -15.86 14.52 -67.41
C THR D 146 -15.38 13.08 -67.59
N VAL D 147 -15.90 12.15 -66.78
CA VAL D 147 -15.42 10.77 -66.81
C VAL D 147 -16.18 9.88 -67.79
N GLY D 148 -17.25 10.37 -68.40
CA GLY D 148 -17.91 9.58 -69.44
C GLY D 148 -18.73 8.41 -68.92
N THR D 149 -18.91 8.30 -67.61
CA THR D 149 -19.63 7.21 -66.99
C THR D 149 -20.37 7.77 -65.78
N GLU D 150 -21.46 7.11 -65.39
CA GLU D 150 -22.19 7.50 -64.19
C GLU D 150 -21.46 7.08 -62.91
N ASN D 151 -20.48 6.20 -63.03
CA ASN D 151 -19.68 5.79 -61.88
C ASN D 151 -18.47 6.72 -61.74
N ASP D 152 -17.67 6.46 -60.71
CA ASP D 152 -16.31 7.00 -60.60
C ASP D 152 -16.27 8.52 -60.51
N GLY D 153 -17.26 9.10 -59.83
CA GLY D 153 -17.16 10.52 -59.50
C GLY D 153 -17.09 11.38 -60.74
N GLY D 154 -16.17 12.34 -60.75
CA GLY D 154 -16.10 13.25 -61.88
C GLY D 154 -17.16 14.34 -61.80
N GLN D 155 -17.13 15.23 -62.79
CA GLN D 155 -17.86 16.49 -62.74
C GLN D 155 -18.82 16.65 -63.92
N ILE D 156 -19.89 17.41 -63.67
CA ILE D 156 -20.75 17.89 -64.76
C ILE D 156 -19.93 18.68 -65.77
N CYS D 157 -20.00 18.28 -67.05
CA CYS D 157 -19.32 19.03 -68.10
C CYS D 157 -19.85 20.45 -68.17
N GLY D 158 -18.95 21.43 -68.03
CA GLY D 158 -19.31 22.82 -68.14
C GLY D 158 -19.07 23.63 -66.89
N VAL D 159 -18.94 23.00 -65.73
CA VAL D 159 -18.60 23.74 -64.53
C VAL D 159 -17.12 24.05 -64.58
N ARG D 160 -16.66 24.95 -63.71
CA ARG D 160 -15.24 25.27 -63.73
C ARG D 160 -14.39 24.04 -63.41
N GLY D 161 -13.18 24.03 -63.96
CA GLY D 161 -12.28 22.92 -63.76
C GLY D 161 -12.62 21.70 -64.60
N THR D 162 -13.37 21.87 -65.68
CA THR D 162 -13.65 20.81 -66.64
C THR D 162 -13.25 21.23 -68.05
N ASN D 163 -13.00 20.23 -68.89
CA ASN D 163 -12.74 20.47 -70.31
C ASN D 163 -13.37 19.35 -71.12
N CYS D 164 -14.69 19.40 -71.26
CA CYS D 164 -15.39 18.46 -72.11
C CYS D 164 -15.57 19.04 -73.51
N THR D 165 -16.00 18.20 -74.45
CA THR D 165 -16.27 18.68 -75.80
C THR D 165 -17.45 19.66 -75.82
N TYR D 166 -18.39 19.54 -74.88
CA TYR D 166 -19.55 20.42 -74.82
C TYR D 166 -19.87 20.75 -73.36
N ASP D 167 -20.61 21.83 -73.20
CA ASP D 167 -21.16 22.23 -71.90
C ASP D 167 -22.54 21.59 -71.75
N TRP D 168 -22.66 20.61 -70.84
CA TRP D 168 -23.91 19.87 -70.67
C TRP D 168 -24.77 20.36 -69.50
N ARG D 169 -24.49 21.54 -68.96
CA ARG D 169 -25.22 21.96 -67.77
C ARG D 169 -26.70 22.16 -68.06
N GLN D 170 -27.04 22.89 -69.12
CA GLN D 170 -28.45 23.07 -69.43
C GLN D 170 -29.11 21.72 -69.71
N ALA D 171 -28.40 20.84 -70.42
CA ALA D 171 -28.95 19.52 -70.74
C ALA D 171 -29.22 18.72 -69.47
N TYR D 172 -28.30 18.80 -68.50
CA TYR D 172 -28.52 18.08 -67.25
C TYR D 172 -29.69 18.67 -66.47
N ALA D 173 -29.80 20.00 -66.42
CA ALA D 173 -30.94 20.62 -65.75
C ALA D 173 -32.26 20.22 -66.41
N ASP D 174 -32.30 20.22 -67.75
CA ASP D 174 -33.53 19.83 -68.45
C ASP D 174 -33.87 18.37 -68.19
N TYR D 175 -32.85 17.52 -68.05
CA TYR D 175 -33.06 16.11 -67.78
C TYR D 175 -33.63 15.91 -66.37
N LEU D 176 -33.09 16.63 -65.38
CA LEU D 176 -33.67 16.56 -64.04
C LEU D 176 -35.13 16.98 -64.04
N VAL D 177 -35.44 18.07 -64.74
CA VAL D 177 -36.82 18.54 -64.79
C VAL D 177 -37.69 17.52 -65.52
N GLN D 178 -37.14 16.84 -66.54
CA GLN D 178 -37.94 15.83 -67.25
C GLN D 178 -38.31 14.68 -66.33
N TYR D 179 -37.41 14.30 -65.44
CA TYR D 179 -37.76 13.26 -64.48
C TYR D 179 -38.93 13.70 -63.63
N VAL D 180 -38.92 14.95 -63.16
CA VAL D 180 -40.04 15.48 -62.39
C VAL D 180 -41.31 15.50 -63.23
N LYS D 181 -41.20 15.82 -64.53
CA LYS D 181 -42.39 15.85 -65.38
C LYS D 181 -43.02 14.47 -65.53
N PHE D 182 -42.18 13.42 -65.61
CA PHE D 182 -42.76 12.07 -65.69
C PHE D 182 -43.57 11.74 -64.45
N TYR D 183 -43.06 12.09 -63.27
CA TYR D 183 -43.84 11.86 -62.05
C TYR D 183 -45.10 12.71 -62.04
N GLN D 184 -45.01 13.99 -62.43
CA GLN D 184 -46.19 14.85 -62.41
C GLN D 184 -47.27 14.32 -63.34
N ALA D 185 -46.87 13.83 -64.52
CA ALA D 185 -47.83 13.32 -65.48
C ALA D 185 -48.49 12.03 -65.01
N GLU D 186 -47.93 11.39 -63.98
CA GLU D 186 -48.50 10.22 -63.34
C GLU D 186 -49.21 10.55 -62.03
N GLY D 187 -49.48 11.83 -61.78
CA GLY D 187 -50.24 12.23 -60.61
C GLY D 187 -49.46 12.40 -59.33
N ILE D 188 -48.14 12.52 -59.39
CA ILE D 188 -47.32 12.63 -58.19
C ILE D 188 -46.49 13.90 -58.29
N ASP D 189 -46.72 14.83 -57.36
CA ASP D 189 -45.99 16.10 -57.31
C ASP D 189 -44.78 15.94 -56.41
N ILE D 190 -43.61 16.23 -56.94
CA ILE D 190 -42.35 16.09 -56.21
C ILE D 190 -42.11 17.40 -55.45
N SER D 191 -41.53 17.30 -54.24
CA SER D 191 -41.35 18.47 -53.39
C SER D 191 -39.93 19.01 -53.40
N LEU D 192 -38.94 18.19 -53.74
CA LEU D 192 -37.54 18.59 -53.63
C LEU D 192 -36.76 17.89 -54.72
N LEU D 193 -35.84 18.63 -55.35
CA LEU D 193 -35.00 18.14 -56.43
C LEU D 193 -33.54 18.34 -56.08
N GLY D 194 -32.76 17.27 -56.19
CA GLY D 194 -31.34 17.33 -55.90
C GLY D 194 -30.53 16.77 -57.05
N ALA D 195 -29.38 17.39 -57.32
CA ALA D 195 -28.54 17.08 -58.49
C ALA D 195 -27.27 16.30 -58.16
N TRP D 196 -26.91 16.16 -56.89
CA TRP D 196 -25.75 15.38 -56.48
C TRP D 196 -26.10 14.50 -55.28
N ASN D 197 -25.32 13.43 -55.12
CA ASN D 197 -25.25 12.66 -53.89
C ASN D 197 -23.79 12.58 -53.43
N GLU D 198 -23.53 12.94 -52.17
CA GLU D 198 -22.20 12.84 -51.57
C GLU D 198 -21.13 13.33 -52.56
N PRO D 199 -21.22 14.59 -53.01
CA PRO D 199 -20.26 15.10 -53.99
C PRO D 199 -18.87 15.25 -53.40
N ASP D 200 -18.74 15.10 -52.07
CA ASP D 200 -17.43 15.10 -51.44
C ASP D 200 -16.77 13.73 -51.43
N PHE D 201 -17.39 12.72 -52.07
CA PHE D 201 -16.98 11.32 -51.91
C PHE D 201 -17.06 10.62 -53.27
N ASN D 202 -16.00 9.88 -53.61
CA ASN D 202 -16.01 9.01 -54.79
C ASN D 202 -16.01 7.54 -54.36
N PRO D 203 -17.14 6.85 -54.44
CA PRO D 203 -17.18 5.41 -54.16
C PRO D 203 -16.64 4.52 -55.30
N VAL D 204 -16.38 5.10 -56.47
CA VAL D 204 -15.81 4.45 -57.64
C VAL D 204 -16.83 3.54 -58.33
N THR D 205 -17.38 2.57 -57.60
CA THR D 205 -18.05 1.43 -58.23
C THR D 205 -19.55 1.62 -58.45
N TYR D 206 -20.15 2.74 -58.03
CA TYR D 206 -21.56 2.97 -58.29
C TYR D 206 -21.79 4.45 -58.56
N GLU D 207 -23.05 4.79 -58.87
CA GLU D 207 -23.44 6.14 -59.28
C GLU D 207 -22.87 7.19 -58.34
N SER D 208 -22.08 8.10 -58.89
CA SER D 208 -21.41 9.09 -58.06
C SER D 208 -20.98 10.26 -58.95
N MET D 209 -20.78 11.41 -58.32
CA MET D 209 -20.36 12.58 -59.09
C MET D 209 -19.92 13.64 -58.09
N GLU D 210 -18.76 14.24 -58.32
CA GLU D 210 -18.08 15.10 -57.36
C GLU D 210 -18.32 16.57 -57.69
N SER D 211 -18.16 17.40 -56.66
CA SER D 211 -18.29 18.85 -56.82
C SER D 211 -17.74 19.53 -55.58
N ASP D 212 -17.13 20.71 -55.77
CA ASP D 212 -17.01 21.64 -54.67
C ASP D 212 -18.15 22.66 -54.79
N GLY D 213 -18.17 23.67 -53.92
CA GLY D 213 -19.28 24.60 -53.97
C GLY D 213 -19.22 25.62 -55.10
N PHE D 214 -18.01 25.94 -55.58
CA PHE D 214 -17.90 26.83 -56.73
C PHE D 214 -18.45 26.14 -57.98
N GLN D 215 -18.02 24.89 -58.19
CA GLN D 215 -18.57 24.10 -59.29
C GLN D 215 -20.06 23.83 -59.11
N ALA D 216 -20.51 23.64 -57.86
CA ALA D 216 -21.94 23.46 -57.63
C ALA D 216 -22.71 24.69 -58.06
N LYS D 217 -22.24 25.88 -57.66
CA LYS D 217 -22.86 27.13 -58.07
C LYS D 217 -22.92 27.25 -59.58
N ASP D 218 -21.84 26.82 -60.26
CA ASP D 218 -21.81 26.87 -61.71
C ASP D 218 -22.95 26.09 -62.34
N PHE D 219 -23.37 25.00 -61.71
CA PHE D 219 -24.56 24.30 -62.20
C PHE D 219 -25.85 24.90 -61.65
N LEU D 220 -25.91 25.23 -60.36
CA LEU D 220 -27.15 25.69 -59.77
C LEU D 220 -27.65 26.99 -60.41
N GLU D 221 -26.75 27.84 -60.89
CA GLU D 221 -27.17 29.07 -61.55
C GLU D 221 -27.97 28.75 -62.81
N ILE D 222 -27.78 27.56 -63.37
N ILE D 222 -27.83 27.55 -63.36
CA ILE D 222 -28.56 27.06 -64.50
CA ILE D 222 -28.61 27.12 -64.50
C ILE D 222 -29.79 26.30 -64.02
C ILE D 222 -29.79 26.27 -64.06
N LEU D 223 -29.56 25.31 -63.15
CA LEU D 223 -30.65 24.45 -62.67
C LEU D 223 -31.79 25.24 -62.04
N TYR D 224 -31.46 26.14 -61.13
CA TYR D 224 -32.51 26.78 -60.33
C TYR D 224 -33.51 27.56 -61.18
N PRO D 225 -33.11 28.48 -62.07
CA PRO D 225 -34.13 29.13 -62.91
C PRO D 225 -34.83 28.16 -63.86
N THR D 226 -34.12 27.15 -64.37
CA THR D 226 -34.78 26.15 -65.22
C THR D 226 -35.89 25.43 -64.46
N VAL D 227 -35.64 25.11 -63.19
CA VAL D 227 -36.65 24.42 -62.37
C VAL D 227 -37.86 25.32 -62.12
N LYS D 228 -37.60 26.57 -61.71
CA LYS D 228 -38.72 27.45 -61.36
C LYS D 228 -39.58 27.79 -62.58
N LYS D 229 -38.99 27.82 -63.78
CA LYS D 229 -39.80 27.99 -64.98
C LYS D 229 -40.81 26.86 -65.14
N ALA D 230 -40.37 25.63 -64.91
CA ALA D 230 -41.23 24.47 -65.14
C ALA D 230 -42.10 24.15 -63.92
N PHE D 231 -41.62 24.48 -62.73
CA PHE D 231 -42.26 24.07 -61.49
C PHE D 231 -41.98 25.13 -60.44
N PRO D 232 -42.78 26.21 -60.42
CA PRO D 232 -42.44 27.37 -59.59
C PRO D 232 -42.35 27.06 -58.12
N ASN D 233 -42.96 25.98 -57.65
CA ASN D 233 -43.01 25.62 -56.23
C ASN D 233 -42.11 24.44 -55.87
N LEU D 234 -41.29 23.96 -56.79
CA LEU D 234 -40.40 22.83 -56.52
C LEU D 234 -39.10 23.38 -55.90
N ASP D 235 -38.81 22.93 -54.69
CA ASP D 235 -37.59 23.34 -54.02
C ASP D 235 -36.39 22.58 -54.57
N VAL D 236 -35.22 23.22 -54.49
CA VAL D 236 -33.95 22.68 -54.97
C VAL D 236 -33.02 22.50 -53.79
N SER D 237 -32.40 21.34 -53.69
CA SER D 237 -31.52 21.03 -52.55
C SER D 237 -30.06 21.27 -52.90
N CYS D 238 -29.23 21.38 -51.85
CA CYS D 238 -27.77 21.33 -51.98
C CYS D 238 -27.20 20.87 -50.65
N CYS D 239 -26.33 19.86 -50.67
CA CYS D 239 -25.87 19.05 -51.79
C CYS D 239 -25.64 17.58 -51.36
N ASP D 240 -26.26 17.14 -50.26
CA ASP D 240 -26.23 15.73 -49.81
C ASP D 240 -24.79 15.26 -49.54
N ALA D 241 -23.99 16.12 -48.89
CA ALA D 241 -22.64 15.75 -48.52
C ALA D 241 -22.65 14.57 -47.55
N THR D 242 -21.52 13.85 -47.46
CA THR D 242 -21.43 12.69 -46.58
C THR D 242 -21.54 13.07 -45.10
N GLY D 243 -21.32 14.34 -44.78
CA GLY D 243 -21.31 14.78 -43.40
C GLY D 243 -21.62 16.26 -43.26
N ALA D 244 -21.89 16.68 -42.01
CA ALA D 244 -22.28 18.07 -41.77
C ALA D 244 -21.17 19.04 -42.14
N ARG D 245 -19.93 18.73 -41.74
CA ARG D 245 -18.81 19.61 -42.07
C ARG D 245 -18.62 19.73 -43.57
N GLN D 246 -18.66 18.60 -44.28
CA GLN D 246 -18.51 18.64 -45.72
C GLN D 246 -19.62 19.46 -46.38
N GLU D 247 -20.84 19.33 -45.83
CA GLU D 247 -21.96 20.16 -46.28
C GLU D 247 -21.71 21.64 -45.98
N ARG D 248 -21.21 21.98 -44.78
CA ARG D 248 -20.90 23.37 -44.50
C ARG D 248 -19.89 23.92 -45.49
N ASN D 249 -18.90 23.10 -45.86
CA ASN D 249 -17.89 23.58 -46.79
C ASN D 249 -18.52 23.94 -48.12
N ILE D 250 -19.37 23.04 -48.65
CA ILE D 250 -20.01 23.28 -49.94
C ILE D 250 -20.92 24.49 -49.87
N LEU D 251 -21.69 24.63 -48.78
CA LEU D 251 -22.58 25.77 -48.63
C LEU D 251 -21.79 27.06 -48.61
N TYR D 252 -20.69 27.09 -47.86
CA TYR D 252 -19.82 28.26 -47.86
C TYR D 252 -19.39 28.62 -49.27
N GLU D 253 -18.92 27.62 -50.03
CA GLU D 253 -18.36 27.90 -51.36
C GLU D 253 -19.46 28.30 -52.34
N VAL D 254 -20.65 27.68 -52.23
CA VAL D 254 -21.76 28.13 -53.08
C VAL D 254 -22.03 29.61 -52.88
N GLN D 255 -22.10 30.03 -51.61
CA GLN D 255 -22.38 31.44 -51.33
C GLN D 255 -21.23 32.34 -51.77
N GLN D 256 -20.00 31.90 -51.53
CA GLN D 256 -18.83 32.67 -51.97
C GLN D 256 -18.82 32.85 -53.48
N ALA D 257 -19.31 31.86 -54.21
CA ALA D 257 -19.35 31.92 -55.66
C ALA D 257 -20.53 32.73 -56.18
N GLY D 258 -21.41 33.18 -55.30
CA GLY D 258 -22.56 33.98 -55.71
C GLY D 258 -23.88 33.24 -55.82
N GLY D 259 -23.98 32.03 -55.26
CA GLY D 259 -25.13 31.17 -55.49
C GLY D 259 -26.07 31.01 -54.31
N GLU D 260 -26.00 31.93 -53.35
CA GLU D 260 -26.88 31.88 -52.18
C GLU D 260 -28.35 31.69 -52.56
N HIS D 261 -28.78 32.27 -53.67
CA HIS D 261 -30.19 32.23 -54.02
C HIS D 261 -30.47 31.21 -55.12
N PHE D 262 -29.58 30.24 -55.30
CA PHE D 262 -29.80 29.20 -56.31
C PHE D 262 -30.04 27.83 -55.71
N PHE D 263 -30.44 27.78 -54.43
CA PHE D 263 -30.95 26.55 -53.83
C PHE D 263 -31.85 26.95 -52.67
N ASP D 264 -32.69 26.02 -52.24
CA ASP D 264 -33.70 26.30 -51.22
C ASP D 264 -33.53 25.55 -49.91
N VAL D 265 -32.97 24.33 -49.94
CA VAL D 265 -32.90 23.45 -48.78
C VAL D 265 -31.49 22.89 -48.68
N ALA D 266 -30.89 22.95 -47.50
CA ALA D 266 -29.58 22.32 -47.29
C ALA D 266 -29.78 20.86 -46.93
N THR D 267 -29.21 19.95 -47.70
CA THR D 267 -29.31 18.53 -47.42
C THR D 267 -27.96 17.94 -47.06
N TRP D 268 -27.95 17.02 -46.08
CA TRP D 268 -26.70 16.45 -45.60
C TRP D 268 -26.91 15.04 -45.06
N HIS D 269 -25.83 14.26 -45.04
CA HIS D 269 -25.86 12.92 -44.48
C HIS D 269 -25.05 12.90 -43.19
N ASN D 270 -25.32 11.90 -42.35
CA ASN D 270 -24.72 11.79 -41.02
C ASN D 270 -23.58 10.78 -40.95
N TYR D 271 -23.02 10.38 -42.08
CA TYR D 271 -22.00 9.34 -42.04
C TYR D 271 -20.63 9.87 -41.60
N GLN D 272 -20.19 11.03 -42.09
CA GLN D 272 -18.78 11.40 -41.98
C GLN D 272 -18.56 12.69 -41.21
N SER D 273 -19.60 13.20 -40.54
N SER D 273 -19.60 13.22 -40.57
CA SER D 273 -19.52 14.33 -39.63
CA SER D 273 -19.47 14.22 -39.51
C SER D 273 -20.91 14.59 -39.06
C SER D 273 -20.86 14.60 -39.03
N SER D 274 -21.03 14.66 -37.74
CA SER D 274 -22.32 14.97 -37.15
C SER D 274 -22.28 16.35 -36.54
N PRO D 275 -23.37 17.10 -36.64
CA PRO D 275 -23.35 18.47 -36.13
C PRO D 275 -23.81 18.53 -34.68
N GLU D 276 -23.34 19.56 -33.99
CA GLU D 276 -23.96 20.03 -32.75
C GLU D 276 -24.32 21.50 -32.84
N ARG D 277 -24.29 22.07 -34.04
CA ARG D 277 -24.44 23.49 -34.29
C ARG D 277 -25.20 23.68 -35.59
N PRO D 278 -25.83 24.83 -35.80
CA PRO D 278 -26.62 25.03 -37.03
C PRO D 278 -25.72 25.09 -38.25
N PHE D 279 -26.38 25.15 -39.41
CA PHE D 279 -25.69 25.23 -40.69
C PHE D 279 -25.53 26.69 -41.11
N ASN D 280 -24.56 26.93 -41.98
CA ASN D 280 -24.16 28.28 -42.37
C ASN D 280 -25.01 28.76 -43.54
N VAL D 281 -26.33 28.83 -43.28
CA VAL D 281 -27.31 29.27 -44.26
C VAL D 281 -28.33 30.14 -43.53
N VAL D 282 -28.94 31.06 -44.27
CA VAL D 282 -29.89 32.01 -43.70
C VAL D 282 -31.21 31.85 -44.44
N GLY D 283 -32.28 31.62 -43.69
CA GLY D 283 -33.58 31.46 -44.31
C GLY D 283 -33.75 30.20 -45.13
N LYS D 284 -33.01 29.15 -44.84
CA LYS D 284 -33.17 27.88 -45.56
C LYS D 284 -33.25 26.75 -44.54
N PRO D 285 -34.22 25.86 -44.64
CA PRO D 285 -34.25 24.68 -43.78
C PRO D 285 -33.21 23.66 -44.19
N ASN D 286 -32.97 22.69 -43.30
CA ASN D 286 -32.08 21.60 -43.63
C ASN D 286 -32.74 20.27 -43.29
N ILE D 287 -32.36 19.24 -44.06
CA ILE D 287 -32.87 17.87 -43.92
C ILE D 287 -31.67 16.93 -43.88
N MET D 288 -31.64 16.04 -42.89
CA MET D 288 -30.61 15.00 -42.85
C MET D 288 -31.19 13.90 -43.72
N THR D 289 -30.71 13.78 -44.96
CA THR D 289 -31.43 13.00 -45.95
C THR D 289 -30.96 11.57 -46.07
N GLU D 290 -29.95 11.14 -45.30
CA GLU D 290 -29.52 9.74 -45.37
C GLU D 290 -28.60 9.34 -44.23
N TRP D 291 -28.96 8.30 -43.48
CA TRP D 291 -28.02 7.68 -42.55
C TRP D 291 -28.52 6.27 -42.24
N ALA D 292 -27.59 5.41 -41.84
CA ALA D 292 -27.94 4.06 -41.40
C ALA D 292 -26.70 3.45 -40.74
N ASP D 293 -26.92 2.34 -40.04
CA ASP D 293 -25.83 1.46 -39.66
C ASP D 293 -25.43 0.69 -40.92
N GLY D 294 -24.36 1.15 -41.57
CA GLY D 294 -23.98 0.58 -42.85
C GLY D 294 -23.22 -0.74 -42.79
N SER D 295 -22.74 -1.15 -41.62
CA SER D 295 -21.85 -2.31 -41.51
C SER D 295 -22.36 -3.43 -40.61
N GLY D 296 -23.23 -3.14 -39.64
CA GLY D 296 -23.62 -4.13 -38.68
C GLY D 296 -24.75 -5.01 -39.16
N PRO D 297 -24.97 -6.11 -38.45
CA PRO D 297 -26.06 -7.03 -38.80
C PRO D 297 -27.42 -6.38 -38.60
N TRP D 298 -28.43 -6.97 -39.23
CA TRP D 298 -29.80 -6.57 -39.00
C TRP D 298 -30.06 -6.48 -37.50
N ASN D 299 -30.69 -5.38 -37.08
CA ASN D 299 -30.91 -5.14 -35.67
C ASN D 299 -32.26 -4.49 -35.42
N THR D 300 -32.95 -4.95 -34.37
CA THR D 300 -34.27 -4.43 -34.04
C THR D 300 -34.38 -3.89 -32.62
N THR D 301 -33.39 -4.10 -31.77
CA THR D 301 -33.56 -3.82 -30.35
C THR D 301 -33.64 -2.32 -30.09
N TRP D 302 -34.24 -1.99 -28.95
CA TRP D 302 -34.45 -0.61 -28.53
C TRP D 302 -33.33 -0.14 -27.61
N ASP D 303 -33.10 -0.86 -26.50
CA ASP D 303 -31.97 -0.53 -25.62
C ASP D 303 -31.51 -1.80 -24.90
N VAL D 304 -30.73 -2.59 -25.61
CA VAL D 304 -30.10 -3.76 -25.04
C VAL D 304 -28.59 -3.58 -24.99
N SER D 305 -27.98 -3.22 -26.11
CA SER D 305 -26.53 -3.11 -26.17
C SER D 305 -25.99 -1.71 -25.96
N GLY D 306 -26.77 -0.68 -26.29
CA GLY D 306 -26.26 0.68 -26.37
C GLY D 306 -25.54 0.99 -27.65
N GLN D 307 -25.63 0.12 -28.65
CA GLN D 307 -24.93 0.37 -29.91
C GLN D 307 -25.73 1.30 -30.79
N LEU D 308 -25.04 2.00 -31.70
CA LEU D 308 -25.68 3.06 -32.48
C LEU D 308 -26.84 2.57 -33.35
N ALA D 309 -26.95 1.26 -33.61
CA ALA D 309 -28.07 0.79 -34.43
C ALA D 309 -29.40 0.84 -33.71
N GLU D 310 -29.40 0.96 -32.38
CA GLU D 310 -30.60 0.68 -31.62
C GLU D 310 -31.59 1.85 -31.62
N GLY D 311 -32.86 1.52 -31.35
CA GLY D 311 -33.92 2.52 -31.45
C GLY D 311 -33.73 3.68 -30.50
N LEU D 312 -33.30 3.40 -29.26
CA LEU D 312 -33.09 4.50 -28.32
C LEU D 312 -32.02 5.45 -28.82
N GLN D 313 -30.93 4.91 -29.37
CA GLN D 313 -29.89 5.78 -29.89
C GLN D 313 -30.43 6.65 -31.02
N TRP D 314 -31.28 6.08 -31.88
CA TRP D 314 -31.82 6.87 -32.97
C TRP D 314 -32.75 7.97 -32.47
N ALA D 315 -33.47 7.73 -31.38
CA ALA D 315 -34.28 8.80 -30.80
C ALA D 315 -33.39 9.95 -30.35
N LEU D 316 -32.25 9.63 -29.76
CA LEU D 316 -31.32 10.64 -29.27
C LEU D 316 -30.61 11.34 -30.42
N TYR D 317 -30.23 10.59 -31.46
CA TYR D 317 -29.58 11.24 -32.60
C TYR D 317 -30.53 12.24 -33.25
N MET D 318 -31.81 11.90 -33.32
CA MET D 318 -32.77 12.81 -33.92
C MET D 318 -33.00 14.02 -33.01
N HIS D 319 -33.07 13.78 -31.70
CA HIS D 319 -33.16 14.92 -30.78
C HIS D 319 -32.04 15.90 -31.03
N ASN D 320 -30.83 15.40 -31.25
CA ASN D 320 -29.69 16.29 -31.43
C ASN D 320 -29.86 17.12 -32.70
N ALA D 321 -30.26 16.46 -33.80
CA ALA D 321 -30.46 17.19 -35.05
C ALA D 321 -31.54 18.26 -34.91
N PHE D 322 -32.69 17.89 -34.33
CA PHE D 322 -33.80 18.82 -34.32
C PHE D 322 -33.57 20.00 -33.38
N THR D 323 -32.87 19.79 -32.27
CA THR D 323 -32.68 20.86 -31.29
C THR D 323 -31.37 21.63 -31.43
N ASN D 324 -30.33 21.01 -31.98
CA ASN D 324 -29.01 21.65 -32.05
C ASN D 324 -28.60 22.06 -33.45
N SER D 325 -29.26 21.54 -34.49
N SER D 325 -29.18 21.47 -34.50
CA SER D 325 -29.05 21.98 -35.86
CA SER D 325 -28.89 21.91 -35.86
C SER D 325 -30.35 22.47 -36.51
C SER D 325 -30.17 22.26 -36.61
N ASP D 326 -31.44 22.57 -35.74
N ASP D 326 -31.25 22.57 -35.90
CA ASP D 326 -32.73 23.05 -36.23
CA ASP D 326 -32.43 23.19 -36.50
C ASP D 326 -33.20 22.27 -37.46
C ASP D 326 -33.04 22.32 -37.60
N THR D 327 -32.81 21.00 -37.54
CA THR D 327 -33.11 20.14 -38.69
C THR D 327 -34.60 19.82 -38.80
N SER D 328 -35.12 19.88 -40.03
CA SER D 328 -36.53 19.76 -40.32
C SER D 328 -36.94 18.34 -40.72
N GLY D 329 -35.99 17.49 -41.11
CA GLY D 329 -36.36 16.17 -41.55
C GLY D 329 -35.21 15.20 -41.38
N TYR D 330 -35.53 13.91 -41.40
CA TYR D 330 -34.55 12.90 -41.04
C TYR D 330 -34.89 11.60 -41.75
N ASN D 331 -33.93 11.08 -42.52
CA ASN D 331 -34.12 9.88 -43.34
C ASN D 331 -33.19 8.76 -42.91
N HIS D 332 -33.76 7.57 -42.73
CA HIS D 332 -32.98 6.36 -42.84
C HIS D 332 -32.47 6.23 -44.28
N TRP D 333 -31.54 5.31 -44.46
CA TRP D 333 -31.05 5.11 -45.83
C TRP D 333 -32.13 4.36 -46.60
N TRP D 334 -32.24 3.05 -46.48
CA TRP D 334 -33.31 2.36 -47.18
C TRP D 334 -34.55 2.14 -46.32
N CYS D 335 -35.69 2.03 -47.00
CA CYS D 335 -36.99 1.74 -46.36
C CYS D 335 -37.09 0.27 -45.97
N ALA D 336 -37.08 -0.63 -46.95
CA ALA D 336 -37.32 -2.03 -46.65
C ALA D 336 -36.61 -2.93 -47.65
N GLY D 337 -36.19 -4.10 -47.18
CA GLY D 337 -35.58 -5.07 -48.06
C GLY D 337 -34.40 -5.78 -47.43
N GLY D 338 -33.41 -6.13 -48.25
CA GLY D 338 -32.18 -6.74 -47.76
C GLY D 338 -31.20 -5.68 -47.28
N GLY D 339 -29.91 -6.01 -47.38
CA GLY D 339 -28.88 -5.04 -47.03
C GLY D 339 -28.66 -4.89 -45.55
N ALA D 340 -28.85 -5.98 -44.79
CA ALA D 340 -28.53 -6.04 -43.38
C ALA D 340 -29.23 -4.92 -42.63
N ASP D 341 -28.47 -4.04 -41.96
CA ASP D 341 -29.07 -3.03 -41.09
C ASP D 341 -29.34 -1.72 -41.82
N ASN D 342 -29.30 -1.73 -43.15
CA ASN D 342 -29.47 -0.50 -43.90
C ASN D 342 -30.93 -0.14 -44.14
N VAL D 343 -31.88 -0.94 -43.65
CA VAL D 343 -33.32 -0.75 -43.85
C VAL D 343 -34.00 -0.55 -42.50
N LEU D 344 -35.21 0.04 -42.56
CA LEU D 344 -36.08 0.10 -41.38
C LEU D 344 -36.84 -1.20 -41.20
N ILE D 345 -37.17 -1.88 -42.29
CA ILE D 345 -37.92 -3.13 -42.26
C ILE D 345 -37.16 -4.14 -43.11
N SER D 346 -36.68 -5.20 -42.48
CA SER D 346 -35.95 -6.25 -43.17
C SER D 346 -36.93 -7.25 -43.78
N ILE D 347 -36.71 -7.59 -45.06
CA ILE D 347 -37.56 -8.53 -45.79
C ILE D 347 -36.71 -9.72 -46.20
N THR D 348 -37.18 -10.93 -45.87
CA THR D 348 -36.57 -12.15 -46.40
C THR D 348 -37.69 -13.07 -46.87
N GLY D 349 -37.71 -13.37 -48.17
CA GLY D 349 -38.82 -14.11 -48.75
C GLY D 349 -40.13 -13.45 -48.37
N ASN D 350 -41.07 -14.25 -47.90
CA ASN D 350 -42.38 -13.72 -47.48
C ASN D 350 -42.43 -13.50 -45.97
N SER D 351 -41.42 -12.84 -45.41
CA SER D 351 -41.44 -12.47 -44.01
C SER D 351 -40.77 -11.11 -43.86
N TYR D 352 -41.15 -10.39 -42.81
CA TYR D 352 -40.51 -9.12 -42.54
C TYR D 352 -40.39 -8.90 -41.04
N GLU D 353 -39.38 -8.12 -40.66
CA GLU D 353 -39.16 -7.67 -39.30
C GLU D 353 -38.98 -6.15 -39.32
N VAL D 354 -39.51 -5.49 -38.29
CA VAL D 354 -39.40 -4.05 -38.11
C VAL D 354 -38.37 -3.75 -37.04
N SER D 355 -37.41 -2.89 -37.35
CA SER D 355 -36.49 -2.39 -36.33
C SER D 355 -37.17 -1.39 -35.42
N SER D 356 -36.82 -1.41 -34.12
CA SER D 356 -37.41 -0.39 -33.26
C SER D 356 -36.86 1.00 -33.55
N ARG D 357 -35.89 1.15 -34.45
CA ARG D 357 -35.59 2.47 -34.98
C ARG D 357 -36.86 3.14 -35.51
N LEU D 358 -37.78 2.35 -36.09
CA LEU D 358 -38.97 2.98 -36.63
C LEU D 358 -39.82 3.59 -35.52
N TRP D 359 -39.77 3.01 -34.30
CA TRP D 359 -40.53 3.58 -33.20
C TRP D 359 -39.90 4.84 -32.65
N ALA D 360 -38.58 5.02 -32.86
CA ALA D 360 -37.97 6.33 -32.61
C ALA D 360 -38.49 7.35 -33.61
N PHE D 361 -38.49 6.97 -34.89
CA PHE D 361 -39.06 7.86 -35.91
C PHE D 361 -40.49 8.23 -35.55
N ALA D 362 -41.30 7.24 -35.15
CA ALA D 362 -42.72 7.49 -34.90
C ALA D 362 -42.93 8.37 -33.68
N SER D 363 -42.10 8.19 -32.64
CA SER D 363 -42.21 9.03 -31.45
C SER D 363 -42.12 10.51 -31.82
N TYR D 364 -41.39 10.82 -32.88
CA TYR D 364 -41.37 12.19 -33.40
C TYR D 364 -42.52 12.46 -34.36
N PHE D 365 -42.63 11.66 -35.42
CA PHE D 365 -43.36 12.07 -36.60
C PHE D 365 -44.78 11.53 -36.69
N ARG D 366 -45.14 10.51 -35.88
CA ARG D 366 -46.55 10.18 -35.73
C ARG D 366 -47.32 11.37 -35.15
N PHE D 367 -46.63 12.20 -34.37
CA PHE D 367 -47.29 13.29 -33.68
C PHE D 367 -46.94 14.66 -34.24
N ALA D 368 -45.67 14.90 -34.60
CA ALA D 368 -45.28 16.15 -35.25
C ALA D 368 -45.41 15.94 -36.75
N ARG D 369 -46.55 16.35 -37.29
CA ARG D 369 -46.88 16.12 -38.69
C ARG D 369 -46.26 17.20 -39.57
N PRO D 370 -46.23 17.00 -40.89
CA PRO D 370 -45.72 18.04 -41.79
C PRO D 370 -46.33 19.41 -41.51
N GLY D 371 -45.46 20.43 -41.46
CA GLY D 371 -45.90 21.78 -41.17
C GLY D 371 -45.95 22.13 -39.70
N SER D 372 -45.73 21.16 -38.82
CA SER D 372 -45.56 21.47 -37.41
C SER D 372 -44.32 22.35 -37.23
N VAL D 373 -44.31 23.13 -36.15
CA VAL D 373 -43.19 24.02 -35.84
C VAL D 373 -42.60 23.60 -34.50
N ARG D 374 -41.28 23.44 -34.46
CA ARG D 374 -40.61 23.17 -33.19
C ARG D 374 -40.70 24.39 -32.28
N ILE D 375 -41.05 24.15 -31.01
CA ILE D 375 -41.23 25.24 -30.05
C ILE D 375 -40.27 25.03 -28.88
N GLY D 376 -40.20 26.04 -28.02
CA GLY D 376 -39.29 25.99 -26.90
C GLY D 376 -39.55 24.84 -25.93
N ALA D 377 -38.50 24.11 -25.57
CA ALA D 377 -38.57 23.09 -24.52
C ALA D 377 -37.21 22.95 -23.85
N THR D 378 -37.18 23.17 -22.53
CA THR D 378 -35.95 23.01 -21.76
C THR D 378 -36.15 21.92 -20.71
N SER D 379 -35.04 21.32 -20.30
CA SER D 379 -35.02 20.33 -19.25
C SER D 379 -33.95 20.70 -18.22
N SER D 380 -34.27 20.51 -16.94
CA SER D 380 -33.30 20.79 -15.89
C SER D 380 -32.25 19.69 -15.72
N VAL D 381 -32.38 18.57 -16.44
CA VAL D 381 -31.52 17.40 -16.29
C VAL D 381 -30.89 17.09 -17.64
N GLU D 382 -29.56 17.03 -17.66
CA GLU D 382 -28.82 16.97 -18.92
C GLU D 382 -29.24 15.78 -19.78
N ASN D 383 -29.48 14.63 -19.17
CA ASN D 383 -29.79 13.44 -19.97
C ASN D 383 -31.25 13.00 -19.83
N VAL D 384 -32.13 13.91 -19.41
CA VAL D 384 -33.56 13.83 -19.68
C VAL D 384 -33.81 14.85 -20.79
N TYR D 385 -33.88 14.37 -22.01
CA TYR D 385 -33.99 15.24 -23.17
C TYR D 385 -35.43 15.57 -23.51
N VAL D 386 -35.64 16.75 -24.10
CA VAL D 386 -36.98 17.14 -24.49
C VAL D 386 -36.92 18.00 -25.75
N SER D 387 -37.91 17.79 -26.62
CA SER D 387 -38.25 18.75 -27.66
C SER D 387 -39.78 18.81 -27.74
N ALA D 388 -40.28 19.81 -28.48
CA ALA D 388 -41.72 20.00 -28.55
C ALA D 388 -42.09 20.57 -29.91
N TYR D 389 -43.28 20.21 -30.38
CA TYR D 389 -43.75 20.58 -31.72
C TYR D 389 -45.22 20.95 -31.67
N GLU D 390 -45.56 22.03 -32.35
CA GLU D 390 -46.93 22.49 -32.47
C GLU D 390 -47.40 22.29 -33.91
N ASN D 391 -48.39 21.43 -34.09
CA ASN D 391 -48.98 21.23 -35.41
C ASN D 391 -49.72 22.49 -35.86
N LYS D 392 -49.99 22.56 -37.18
CA LYS D 392 -50.73 23.70 -37.72
C LYS D 392 -52.06 23.90 -37.02
N ASN D 393 -52.67 22.81 -36.56
CA ASN D 393 -54.00 22.88 -35.96
C ASN D 393 -53.96 23.06 -34.44
N GLY D 394 -52.80 23.32 -33.87
CA GLY D 394 -52.68 23.67 -32.47
C GLY D 394 -52.36 22.51 -31.53
N THR D 395 -52.53 21.26 -31.98
CA THR D 395 -52.10 20.15 -31.14
C THR D 395 -50.59 20.20 -30.95
N VAL D 396 -50.13 19.67 -29.82
CA VAL D 396 -48.73 19.80 -29.45
C VAL D 396 -48.18 18.44 -29.01
N SER D 397 -46.99 18.12 -29.48
CA SER D 397 -46.30 16.90 -29.08
C SER D 397 -45.05 17.25 -28.29
N ILE D 398 -44.83 16.54 -27.18
CA ILE D 398 -43.63 16.71 -26.35
C ILE D 398 -42.93 15.37 -26.14
N PRO D 399 -42.04 14.96 -27.05
CA PRO D 399 -41.28 13.71 -26.83
C PRO D 399 -40.15 13.92 -25.83
N VAL D 400 -40.28 13.27 -24.68
CA VAL D 400 -39.26 13.27 -23.62
C VAL D 400 -38.48 11.97 -23.70
N ILE D 401 -37.15 12.07 -23.64
CA ILE D 401 -36.26 10.91 -23.66
C ILE D 401 -35.58 10.81 -22.30
N ASN D 402 -35.92 9.76 -21.55
CA ASN D 402 -35.20 9.46 -20.32
C ASN D 402 -34.04 8.56 -20.73
N ALA D 403 -32.88 9.16 -20.95
CA ALA D 403 -31.68 8.41 -21.27
C ALA D 403 -30.97 7.91 -20.02
N ALA D 404 -31.52 8.14 -18.83
CA ALA D 404 -30.95 7.57 -17.61
C ALA D 404 -31.42 6.14 -17.40
N HIS D 405 -30.77 5.46 -16.45
CA HIS D 405 -31.02 4.05 -16.18
C HIS D 405 -31.91 3.85 -14.97
N PHE D 406 -32.75 4.83 -14.67
CA PHE D 406 -33.70 4.75 -13.57
C PHE D 406 -34.85 5.73 -13.85
N PRO D 407 -35.99 5.59 -13.20
CA PRO D 407 -37.13 6.44 -13.53
C PRO D 407 -36.92 7.89 -13.11
N TYR D 408 -37.45 8.80 -13.92
CA TYR D 408 -37.49 10.24 -13.61
C TYR D 408 -38.93 10.70 -13.43
N GLU D 409 -39.19 11.40 -12.33
CA GLU D 409 -40.46 12.09 -12.11
C GLU D 409 -40.34 13.46 -12.76
N VAL D 410 -41.02 13.66 -13.87
CA VAL D 410 -40.92 14.93 -14.58
C VAL D 410 -42.14 15.79 -14.26
N THR D 411 -41.89 17.09 -14.21
CA THR D 411 -42.90 18.12 -14.10
C THR D 411 -42.77 19.04 -15.30
N ILE D 412 -43.81 19.12 -16.12
CA ILE D 412 -43.76 19.88 -17.36
C ILE D 412 -44.65 21.11 -17.21
N ASP D 413 -44.05 22.28 -17.30
CA ASP D 413 -44.78 23.54 -17.25
C ASP D 413 -45.08 23.96 -18.68
N LEU D 414 -46.34 24.25 -18.96
CA LEU D 414 -46.79 24.60 -20.30
C LEU D 414 -47.05 26.10 -20.36
N GLN D 415 -46.48 26.77 -21.36
CA GLN D 415 -46.64 28.19 -21.56
C GLN D 415 -47.15 28.44 -22.97
N GLY D 416 -48.16 29.30 -23.09
CA GLY D 416 -48.73 29.59 -24.40
C GLY D 416 -49.56 28.47 -24.97
N LEU D 417 -50.14 27.62 -24.10
CA LEU D 417 -50.90 26.44 -24.49
C LEU D 417 -52.16 26.26 -23.66
N LYS D 418 -52.79 27.35 -23.23
CA LYS D 418 -53.96 27.22 -22.37
C LYS D 418 -55.21 26.77 -23.14
N ALA D 419 -55.12 26.64 -24.46
CA ALA D 419 -56.24 26.12 -25.24
C ALA D 419 -56.24 24.59 -25.32
N ARG D 420 -55.19 23.93 -24.83
CA ARG D 420 -55.20 22.48 -24.76
C ARG D 420 -56.10 22.02 -23.61
N LYS D 421 -56.77 20.89 -23.81
CA LYS D 421 -57.74 20.39 -22.82
C LYS D 421 -57.58 18.91 -22.50
N ARG D 422 -56.69 18.19 -23.17
CA ARG D 422 -56.56 16.77 -22.92
C ARG D 422 -55.11 16.36 -23.25
N VAL D 423 -54.59 15.40 -22.49
CA VAL D 423 -53.24 14.89 -22.68
C VAL D 423 -53.28 13.38 -22.81
N SER D 424 -52.63 12.86 -23.85
CA SER D 424 -52.44 11.43 -24.04
C SER D 424 -50.95 11.13 -23.91
N THR D 425 -50.63 10.03 -23.24
CA THR D 425 -49.25 9.65 -22.95
C THR D 425 -48.90 8.37 -23.71
N PHE D 426 -47.84 8.43 -24.51
CA PHE D 426 -47.35 7.28 -25.27
C PHE D 426 -45.96 6.89 -24.81
N LEU D 427 -45.67 5.59 -24.83
CA LEU D 427 -44.40 5.07 -24.31
C LEU D 427 -43.69 4.16 -25.31
N THR D 428 -42.39 4.36 -25.49
CA THR D 428 -41.53 3.43 -26.23
C THR D 428 -40.34 3.05 -25.36
N ASP D 429 -40.16 1.75 -25.15
CA ASP D 429 -38.97 1.21 -24.48
C ASP D 429 -38.86 -0.25 -24.88
N ASN D 430 -38.14 -1.05 -24.09
CA ASN D 430 -37.89 -2.42 -24.53
C ASN D 430 -39.16 -3.25 -24.60
N SER D 431 -40.26 -2.81 -23.98
CA SER D 431 -41.49 -3.58 -23.99
C SER D 431 -42.70 -2.77 -24.45
N HIS D 432 -42.48 -1.63 -25.11
CA HIS D 432 -43.58 -0.80 -25.61
C HIS D 432 -43.21 -0.19 -26.94
N ASN D 433 -44.10 -0.27 -27.92
CA ASN D 433 -43.91 0.36 -29.22
C ASN D 433 -44.94 1.47 -29.38
N VAL D 434 -44.56 2.69 -28.93
CA VAL D 434 -45.46 3.84 -28.94
C VAL D 434 -46.81 3.43 -28.40
N THR D 435 -46.82 2.85 -27.20
CA THR D 435 -48.05 2.36 -26.60
C THR D 435 -48.79 3.48 -25.88
N LEU D 436 -50.10 3.54 -26.08
CA LEU D 436 -50.93 4.48 -25.33
C LEU D 436 -51.04 4.04 -23.87
N MET D 437 -50.49 4.85 -22.97
CA MET D 437 -50.44 4.47 -21.56
C MET D 437 -51.51 5.14 -20.71
N ASP D 438 -51.98 6.32 -21.12
CA ASP D 438 -52.88 7.11 -20.30
C ASP D 438 -53.52 8.19 -21.15
N GLN D 439 -54.76 8.50 -20.84
CA GLN D 439 -55.46 9.66 -21.42
C GLN D 439 -56.18 10.38 -20.29
N SER D 440 -55.89 11.67 -20.12
CA SER D 440 -56.43 12.43 -19.00
C SER D 440 -56.90 13.79 -19.48
N GLU D 441 -57.85 14.36 -18.74
CA GLU D 441 -58.20 15.76 -18.99
C GLU D 441 -57.09 16.67 -18.50
N LEU D 442 -56.95 17.81 -19.18
CA LEU D 442 -55.93 18.80 -18.86
C LEU D 442 -56.60 19.87 -18.02
N HIS D 443 -56.27 19.89 -16.73
CA HIS D 443 -56.77 20.92 -15.83
C HIS D 443 -55.54 21.65 -15.29
N GLY D 444 -55.33 22.86 -15.77
CA GLY D 444 -54.13 23.62 -15.47
C GLY D 444 -53.10 23.48 -16.57
N SER D 445 -51.95 24.09 -16.32
CA SER D 445 -50.87 24.14 -17.31
C SER D 445 -49.64 23.39 -16.83
N VAL D 446 -49.83 22.34 -16.02
CA VAL D 446 -48.72 21.57 -15.45
C VAL D 446 -48.99 20.09 -15.65
N LEU D 447 -48.00 19.38 -16.17
CA LEU D 447 -48.02 17.93 -16.36
C LEU D 447 -47.05 17.28 -15.41
N LYS D 448 -47.49 16.19 -14.77
CA LYS D 448 -46.61 15.38 -13.94
C LYS D 448 -46.74 13.92 -14.37
N ALA D 449 -45.61 13.27 -14.55
CA ALA D 449 -45.59 11.86 -14.91
C ALA D 449 -44.24 11.29 -14.56
N THR D 450 -44.19 9.97 -14.39
CA THR D 450 -42.93 9.26 -14.23
C THR D 450 -42.55 8.62 -15.55
N VAL D 451 -41.36 8.92 -16.03
CA VAL D 451 -40.87 8.41 -17.30
C VAL D 451 -39.96 7.24 -17.02
N PRO D 452 -40.26 6.04 -17.55
CA PRO D 452 -39.45 4.86 -17.24
C PRO D 452 -38.03 5.02 -17.75
N PRO D 453 -37.08 4.22 -17.25
CA PRO D 453 -35.70 4.34 -17.72
C PRO D 453 -35.57 4.00 -19.20
N ARG D 454 -34.62 4.67 -19.84
CA ARG D 454 -34.15 4.34 -21.19
C ARG D 454 -35.33 4.26 -22.15
N ALA D 455 -36.15 5.32 -22.13
CA ALA D 455 -37.44 5.29 -22.79
C ALA D 455 -37.73 6.62 -23.45
N VAL D 456 -38.57 6.60 -24.48
CA VAL D 456 -39.16 7.82 -25.02
C VAL D 456 -40.63 7.86 -24.63
N GLN D 457 -41.03 8.95 -23.99
CA GLN D 457 -42.40 9.16 -23.53
C GLN D 457 -42.92 10.42 -24.20
N VAL D 458 -43.99 10.29 -24.96
CA VAL D 458 -44.53 11.39 -25.75
C VAL D 458 -45.81 11.87 -25.10
N PHE D 459 -45.85 13.16 -24.77
CA PHE D 459 -47.06 13.79 -24.26
C PHE D 459 -47.77 14.49 -25.42
N TRP D 460 -48.99 14.03 -25.71
CA TRP D 460 -49.76 14.47 -26.86
C TRP D 460 -50.91 15.33 -26.36
N LEU D 461 -50.86 16.63 -26.66
CA LEU D 461 -51.79 17.61 -26.11
C LEU D 461 -52.81 18.02 -27.16
N GLU D 462 -54.08 17.94 -26.81
CA GLU D 462 -55.15 18.29 -27.75
C GLU D 462 -56.14 19.28 -27.14
C1 NAG E . -14.47 -5.41 36.84
C2 NAG E . -15.79 -6.19 37.00
C3 NAG E . -15.54 -7.56 37.61
C4 NAG E . -14.49 -8.31 36.80
C5 NAG E . -13.22 -7.48 36.77
C6 NAG E . -12.06 -8.11 36.02
C7 NAG E . -17.57 -4.52 37.32
C8 NAG E . -18.47 -3.84 38.31
N2 NAG E . -16.74 -5.43 37.82
O3 NAG E . -16.76 -8.29 37.63
O4 NAG E . -14.26 -9.57 37.40
O5 NAG E . -13.50 -6.22 36.14
O6 NAG E . -12.36 -8.35 34.65
O7 NAG E . -17.60 -4.25 36.12
C1 NAG E . -14.19 -10.60 36.40
C2 NAG E . -14.21 -11.94 37.14
C3 NAG E . -14.16 -13.08 36.14
C4 NAG E . -15.23 -12.92 35.05
C5 NAG E . -15.19 -11.52 34.45
C6 NAG E . -16.30 -11.23 33.46
C7 NAG E . -13.22 -11.99 39.39
C8 NAG E . -11.94 -12.10 40.17
N2 NAG E . -13.09 -12.03 38.06
O3 NAG E . -14.35 -14.30 36.84
O4 NAG E . -14.93 -13.84 34.01
O5 NAG E . -15.31 -10.55 35.49
O6 NAG E . -17.57 -11.54 34.03
O7 NAG E . -14.31 -11.87 39.94
C1 BMA E . -16.04 -14.67 33.66
C2 BMA E . -15.89 -14.98 32.17
C3 BMA E . -16.94 -15.99 31.75
C4 BMA E . -16.91 -17.19 32.67
C5 BMA E . -17.10 -16.76 34.10
C6 BMA E . -17.01 -17.95 35.01
O2 BMA E . -14.63 -15.60 31.95
O3 BMA E . -16.71 -16.46 30.44
O4 BMA E . -17.95 -18.12 32.32
O5 BMA E . -16.04 -15.83 34.43
O6 BMA E . -17.36 -17.54 36.32
C1 MAN E . -17.47 -15.73 29.47
C2 MAN E . -17.67 -16.67 28.27
C3 MAN E . -16.31 -16.97 27.68
C4 MAN E . -15.66 -15.66 27.23
C5 MAN E . -15.50 -14.72 28.43
C6 MAN E . -14.96 -13.34 28.05
O2 MAN E . -18.36 -16.01 27.22
O3 MAN E . -16.42 -17.84 26.58
O4 MAN E . -14.37 -15.92 26.65
O5 MAN E . -16.79 -14.54 29.10
O6 MAN E . -14.87 -12.53 29.23
C1 MAN E . -19.78 -16.26 27.32
C2 MAN E . -20.35 -16.00 25.92
C3 MAN E . -20.09 -14.53 25.58
C4 MAN E . -20.69 -13.59 26.65
C5 MAN E . -20.24 -13.99 28.09
C6 MAN E . -21.02 -13.29 29.19
O2 MAN E . -21.80 -16.17 25.90
O3 MAN E . -20.56 -14.19 24.27
O4 MAN E . -20.28 -12.25 26.40
O5 MAN E . -20.39 -15.42 28.29
O6 MAN E . -20.78 -13.99 30.43
C1 MAN E . -22.15 -17.55 25.62
C2 MAN E . -23.61 -17.59 25.13
C3 MAN E . -24.55 -17.20 26.28
C4 MAN E . -24.29 -18.07 27.53
C5 MAN E . -22.80 -17.97 27.91
C6 MAN E . -22.42 -18.84 29.09
O2 MAN E . -23.99 -18.93 24.78
O3 MAN E . -25.92 -17.26 25.92
O4 MAN E . -25.08 -17.58 28.61
O5 MAN E . -21.99 -18.38 26.77
O6 MAN E . -21.15 -18.39 29.58
C1 MAN E . -17.36 -18.75 37.12
C2 MAN E . -18.19 -18.46 38.37
C3 MAN E . -17.49 -17.43 39.23
C4 MAN E . -16.03 -17.81 39.52
C5 MAN E . -15.27 -18.17 38.25
C6 MAN E . -13.94 -18.80 38.57
O2 MAN E . -18.28 -19.64 39.18
O3 MAN E . -18.18 -17.28 40.46
O4 MAN E . -15.36 -16.69 40.12
O5 MAN E . -16.03 -19.16 37.47
O6 MAN E . -14.20 -19.92 39.41
C1 MAN E . -18.38 -15.89 40.72
C2 MAN E . -18.79 -15.82 42.20
C3 MAN E . -20.19 -16.41 42.39
C4 MAN E . -21.19 -15.72 41.47
C5 MAN E . -20.74 -15.87 40.02
C6 MAN E . -21.66 -15.16 39.06
O2 MAN E . -18.87 -14.47 42.59
O3 MAN E . -20.62 -16.34 43.77
O4 MAN E . -22.47 -16.33 41.61
O5 MAN E . -19.38 -15.31 39.88
O6 MAN E . -21.55 -15.81 37.81
C1 MAN E . -18.22 -14.27 43.87
C2 MAN E . -18.22 -12.74 44.13
C3 MAN E . -17.16 -12.05 43.27
C4 MAN E . -15.77 -12.71 43.47
C5 MAN E . -15.88 -14.19 43.06
C6 MAN E . -14.58 -14.99 43.19
O2 MAN E . -17.88 -12.44 45.50
O3 MAN E . -17.11 -10.65 43.53
O4 MAN E . -14.77 -12.05 42.66
O5 MAN E . -16.90 -14.83 43.91
O6 MAN E . -14.89 -16.36 42.85
C1 MAN E . -13.00 -20.55 39.93
C2 MAN E . -13.47 -21.89 40.52
C3 MAN E . -14.35 -21.60 41.72
C4 MAN E . -13.57 -20.76 42.74
C5 MAN E . -13.11 -19.43 42.09
C6 MAN E . -12.23 -18.58 42.99
O2 MAN E . -12.38 -22.64 41.08
O3 MAN E . -14.79 -22.80 42.33
O4 MAN E . -14.40 -20.47 43.86
O5 MAN E . -12.34 -19.73 40.91
O6 MAN E . -11.09 -19.34 43.36
C1 MAN E . -11.86 -23.62 40.16
C2 MAN E . -10.99 -24.55 41.03
C3 MAN E . -9.76 -23.77 41.56
C4 MAN E . -9.00 -23.05 40.42
C5 MAN E . -9.97 -22.20 39.60
C6 MAN E . -9.32 -21.56 38.39
O2 MAN E . -10.49 -25.65 40.25
O3 MAN E . -8.88 -24.60 42.33
O4 MAN E . -8.01 -22.20 40.98
O5 MAN E . -11.09 -23.02 39.13
O6 MAN E . -10.24 -20.60 37.86
C1 NAG F . 11.66 -28.09 39.92
C2 NAG F . 12.64 -28.54 41.00
C3 NAG F . 12.79 -30.07 41.00
C4 NAG F . 11.42 -30.74 41.09
C5 NAG F . 10.51 -30.23 39.98
C6 NAG F . 9.11 -30.78 40.06
C7 NAG F . 14.29 -26.77 41.41
C8 NAG F . 15.63 -26.22 41.05
N2 NAG F . 13.93 -27.92 40.79
O3 NAG F . 13.59 -30.45 42.11
O4 NAG F . 11.53 -32.14 40.89
O5 NAG F . 10.40 -28.80 40.07
O6 NAG F . 8.38 -30.51 38.86
O7 NAG F . 13.56 -26.24 42.24
C1 NAG F . 12.09 -32.93 41.94
C2 NAG F . 11.15 -34.09 42.27
C3 NAG F . 11.81 -35.06 43.26
C4 NAG F . 13.17 -35.50 42.75
C5 NAG F . 14.03 -34.28 42.45
C6 NAG F . 15.37 -34.62 41.84
C7 NAG F . 8.72 -33.73 42.20
C8 NAG F . 7.54 -33.12 42.88
N2 NAG F . 9.90 -33.57 42.82
O3 NAG F . 10.97 -36.19 43.42
O4 NAG F . 13.83 -36.31 43.72
O5 NAG F . 13.36 -33.44 41.50
O6 NAG F . 16.01 -33.48 41.30
O7 NAG F . 8.62 -34.34 41.14
C1 NAG G . -1.32 -26.70 41.93
C2 NAG G . -1.99 -28.06 41.72
C3 NAG G . -0.94 -29.17 41.79
C4 NAG G . 0.23 -28.88 40.85
C5 NAG G . 0.74 -27.45 41.01
C6 NAG G . 1.71 -27.05 39.92
C7 NAG G . -4.24 -28.78 42.36
C8 NAG G . -5.21 -28.99 43.49
N2 NAG G . -3.04 -28.30 42.70
O3 NAG G . -1.53 -30.41 41.47
O4 NAG G . 1.28 -29.77 41.24
O5 NAG G . -0.33 -26.51 40.94
O6 NAG G . 1.07 -27.18 38.66
O7 NAG G . -4.53 -29.02 41.20
C1 NAG G . 1.88 -30.52 40.19
C2 NAG G . 3.13 -31.15 40.82
C3 NAG G . 3.83 -32.08 39.82
C4 NAG G . 2.84 -33.08 39.26
C5 NAG G . 1.66 -32.33 38.65
C6 NAG G . 0.58 -33.22 38.08
C7 NAG G . 4.08 -29.64 42.53
C8 NAG G . 5.09 -28.57 42.80
N2 NAG G . 4.06 -30.11 41.28
O3 NAG G . 4.89 -32.76 40.48
O4 NAG G . 3.46 -33.90 38.27
O5 NAG G . 1.03 -31.53 39.68
O6 NAG G . -0.47 -32.44 37.53
O7 NAG G . 3.33 -30.08 43.40
C1 BMA G . 3.23 -35.29 38.59
C2 BMA G . 3.66 -36.14 37.39
C3 BMA G . 3.54 -37.63 37.72
C4 BMA G . 4.15 -37.98 39.09
C5 BMA G . 3.67 -36.99 40.18
C6 BMA G . 4.38 -37.19 41.49
O2 BMA G . 5.02 -35.89 37.11
O3 BMA G . 4.13 -38.45 36.70
O4 BMA G . 3.80 -39.31 39.48
O5 BMA G . 3.96 -35.66 39.73
O6 BMA G . 5.77 -37.38 41.17
C1 MAN G . 6.58 -37.47 42.36
C2 MAN G . 8.03 -37.56 41.89
C3 MAN G . 8.27 -38.87 41.14
C4 MAN G . 7.75 -40.09 41.93
C5 MAN G . 6.32 -39.87 42.43
C6 MAN G . 5.81 -40.97 43.35
O2 MAN G . 8.93 -37.60 43.00
O3 MAN G . 9.65 -39.04 40.86
O4 MAN G . 7.77 -41.23 41.09
O5 MAN G . 6.23 -38.60 43.14
O6 MAN G . 6.60 -40.97 44.53
C1 MAN G . 9.90 -39.29 39.46
C2 MAN G . 11.37 -39.78 39.33
C3 MAN G . 12.36 -38.63 39.61
C4 MAN G . 11.98 -37.35 38.81
C5 MAN G . 10.51 -37.00 39.08
C6 MAN G . 10.02 -35.81 38.29
O2 MAN G . 11.66 -40.25 38.01
O3 MAN G . 13.71 -39.00 39.35
O4 MAN G . 12.79 -36.26 39.21
O5 MAN G . 9.68 -38.12 38.70
O6 MAN G . 9.97 -36.19 36.92
C1 MAN G . 3.08 -39.02 35.87
C2 MAN G . 3.61 -40.34 35.32
C3 MAN G . 4.86 -40.04 34.48
C4 MAN G . 4.60 -38.97 33.40
C5 MAN G . 3.87 -37.74 34.00
C6 MAN G . 3.32 -36.78 32.95
O2 MAN G . 2.67 -40.94 34.41
O3 MAN G . 5.38 -41.22 33.86
O4 MAN G . 5.85 -38.54 32.86
O5 MAN G . 2.74 -38.15 34.83
O6 MAN G . 2.87 -35.60 33.62
C1 NAG H . 11.95 23.42 -28.93
C2 NAG H . 13.39 23.21 -29.39
C3 NAG H . 13.44 22.46 -30.72
C4 NAG H . 12.57 21.22 -30.68
C5 NAG H . 11.16 21.61 -30.28
C6 NAG H . 10.16 20.48 -30.24
C7 NAG H . 14.94 24.96 -28.60
C8 NAG H . 15.18 24.08 -27.42
N2 NAG H . 14.08 24.49 -29.51
O3 NAG H . 14.78 22.11 -31.02
O4 NAG H . 12.59 20.64 -31.99
O5 NAG H . 11.22 22.17 -28.96
O6 NAG H . 10.57 19.41 -29.41
O7 NAG H . 15.52 26.03 -28.74
C1 NAG H . 12.89 19.24 -31.92
C2 NAG H . 13.13 18.80 -33.35
C3 NAG H . 13.55 17.33 -33.40
C4 NAG H . 14.66 17.01 -32.40
C5 NAG H . 14.33 17.59 -31.03
C6 NAG H . 15.45 17.44 -30.03
C7 NAG H . 11.80 19.95 -35.08
C8 NAG H . 10.47 19.99 -35.79
N2 NAG H . 11.93 19.00 -34.15
O3 NAG H . 13.96 17.06 -34.73
O4 NAG H . 14.71 15.61 -32.22
O5 NAG H . 14.05 18.99 -31.14
O6 NAG H . 16.68 17.88 -30.58
O7 NAG H . 12.69 20.75 -35.33
C1 BMA H . 16.02 15.06 -32.47
C2 BMA H . 16.14 13.80 -31.60
C3 BMA H . 17.47 13.10 -31.86
C4 BMA H . 17.68 12.91 -33.37
C5 BMA H . 17.46 14.23 -34.14
C6 BMA H . 17.55 14.03 -35.64
O2 BMA H . 15.09 12.85 -31.92
O3 BMA H . 17.50 11.84 -31.23
O4 BMA H . 18.99 12.42 -33.64
O5 BMA H . 16.17 14.75 -33.82
O6 BMA H . 17.63 15.33 -36.23
C1 MAN H . 17.97 15.19 -37.62
C2 MAN H . 18.40 16.59 -38.11
C3 MAN H . 17.20 17.53 -38.11
C4 MAN H . 16.03 16.91 -38.90
C5 MAN H . 15.67 15.53 -38.35
C6 MAN H . 14.63 14.84 -39.21
O2 MAN H . 18.84 16.54 -39.47
O3 MAN H . 17.52 18.76 -38.73
O4 MAN H . 14.91 17.76 -38.79
O5 MAN H . 16.85 14.69 -38.38
O6 MAN H . 15.18 14.79 -40.52
C1 MAN H . 17.86 19.74 -37.75
C2 MAN H . 17.55 21.14 -38.38
C3 MAN H . 18.44 21.33 -39.60
C4 MAN H . 19.93 21.14 -39.25
C5 MAN H . 20.18 19.82 -38.50
C6 MAN H . 21.58 19.76 -37.91
O2 MAN H . 17.90 22.21 -37.51
O3 MAN H . 18.23 22.62 -40.20
O4 MAN H . 20.68 21.11 -40.45
O5 MAN H . 19.23 19.63 -37.39
O6 MAN H . 21.76 18.48 -37.34
C1 MAN H . 17.09 22.27 -36.32
C2 MAN H . 16.97 23.74 -35.95
C3 MAN H . 18.38 24.28 -35.64
C4 MAN H . 19.09 23.42 -34.59
C5 MAN H . 19.06 21.93 -35.03
C6 MAN H . 19.65 20.96 -34.01
O2 MAN H . 16.24 23.89 -34.72
O3 MAN H . 18.36 25.64 -35.22
O4 MAN H . 20.45 23.86 -34.44
O5 MAN H . 17.68 21.54 -35.27
O6 MAN H . 19.13 21.31 -32.74
C1 MAN H . 14.24 14.28 -41.48
C2 MAN H . 15.05 13.88 -42.75
C3 MAN H . 15.65 15.16 -43.36
C4 MAN H . 14.57 16.22 -43.62
C5 MAN H . 13.78 16.50 -42.33
C6 MAN H . 12.59 17.44 -42.54
O2 MAN H . 14.19 13.35 -43.77
O3 MAN H . 16.37 14.90 -44.57
O4 MAN H . 15.20 17.45 -44.03
O5 MAN H . 13.27 15.24 -41.78
O6 MAN H . 11.74 16.91 -43.55
C1 MAN H . 14.05 11.91 -43.73
C2 MAN H . 13.43 11.48 -45.06
C3 MAN H . 12.03 12.10 -45.18
C4 MAN H . 11.15 11.72 -44.00
C5 MAN H . 11.86 12.09 -42.69
C6 MAN H . 11.14 11.61 -41.44
O2 MAN H . 13.25 10.07 -45.12
O3 MAN H . 11.38 11.76 -46.39
O4 MAN H . 9.92 12.44 -44.08
O5 MAN H . 13.20 11.51 -42.66
O6 MAN H . 11.75 12.25 -40.31
C1 MAN H . 18.05 11.94 -29.90
C2 MAN H . 18.63 10.55 -29.57
C3 MAN H . 17.48 9.56 -29.49
C4 MAN H . 16.46 9.99 -28.44
C5 MAN H . 15.95 11.42 -28.74
C6 MAN H . 15.09 11.96 -27.62
O2 MAN H . 19.21 10.55 -28.26
O3 MAN H . 17.93 8.23 -29.20
O4 MAN H . 15.34 9.09 -28.44
O5 MAN H . 17.07 12.34 -28.94
O6 MAN H . 14.56 13.23 -28.00
C1 MAN H . 20.61 10.94 -28.31
C2 MAN H . 21.26 10.41 -27.01
C3 MAN H . 20.73 11.23 -25.82
C4 MAN H . 20.99 12.72 -26.05
C5 MAN H . 20.25 13.14 -27.33
C6 MAN H . 20.45 14.61 -27.69
O2 MAN H . 22.68 10.61 -27.05
O3 MAN H . 21.28 10.81 -24.57
O4 MAN H . 20.51 13.47 -24.95
O5 MAN H . 20.75 12.35 -28.44
O6 MAN H . 21.74 14.77 -28.25
C1 NAG I . 4.30 8.55 -48.26
C2 NAG I . 5.26 7.61 -48.96
C3 NAG I . 4.46 6.65 -49.85
C4 NAG I . 3.36 5.95 -49.07
C5 NAG I . 2.52 6.97 -48.28
C6 NAG I . 1.53 6.33 -47.33
C7 NAG I . 7.55 8.13 -49.67
C8 NAG I . 8.40 8.98 -50.57
N2 NAG I . 6.24 8.34 -49.76
O3 NAG I . 5.35 5.70 -50.42
O4 NAG I . 2.49 5.33 -50.01
O5 NAG I . 3.38 7.81 -47.50
O6 NAG I . 2.16 5.47 -46.40
O7 NAG I . 8.03 7.30 -48.91
C1 NAG I . 2.17 3.96 -49.80
C2 NAG I . 1.08 3.62 -50.85
C3 NAG I . 0.74 2.14 -50.84
C4 NAG I . 2.01 1.29 -50.93
C5 NAG I . 2.94 1.70 -49.80
C6 NAG I . 4.23 0.92 -49.74
C7 NAG I . -0.37 5.57 -51.25
C8 NAG I . -1.65 6.25 -50.89
N2 NAG I . -0.11 4.42 -50.62
O3 NAG I . -0.12 1.86 -51.95
O4 NAG I . 1.67 -0.09 -50.80
O5 NAG I . 3.28 3.09 -49.97
O6 NAG I . 5.08 1.18 -50.85
O7 NAG I . 0.42 6.06 -52.06
C1 BMA I . 2.20 -0.77 -51.94
C2 BMA I . 2.08 -2.27 -51.66
C3 BMA I . 2.59 -3.05 -52.87
C4 BMA I . 1.94 -2.54 -54.18
C5 BMA I . 2.04 -1.01 -54.29
C6 BMA I . 1.28 -0.44 -55.47
O2 BMA I . 0.68 -2.62 -51.46
O3 BMA I . 2.33 -4.46 -52.71
O4 BMA I . 2.57 -3.14 -55.31
O5 BMA I . 1.47 -0.44 -53.11
O6 BMA I . 0.00 -1.05 -55.50
C1 MAN I . -0.80 -0.57 -56.61
C2 MAN I . -2.21 -1.20 -56.46
C3 MAN I . -2.20 -2.70 -56.80
C4 MAN I . -1.39 -3.07 -58.06
C5 MAN I . -0.07 -2.29 -58.14
C6 MAN I . 0.59 -2.42 -59.51
O2 MAN I . -3.17 -0.63 -57.37
O3 MAN I . -3.55 -3.13 -56.96
O4 MAN I . -1.09 -4.47 -58.03
O5 MAN I . -0.27 -0.89 -57.88
O6 MAN I . 1.55 -1.36 -59.61
C1 MAN I . -3.85 -4.45 -56.43
C2 MAN I . -5.34 -4.39 -56.00
C3 MAN I . -5.48 -3.55 -54.73
C4 MAN I . -4.60 -4.09 -53.59
C5 MAN I . -3.14 -4.26 -54.01
C6 MAN I . -2.34 -5.12 -53.02
O2 MAN I . -5.86 -5.67 -55.69
O3 MAN I . -6.84 -3.46 -54.29
O4 MAN I . -4.63 -3.16 -52.54
O5 MAN I . -2.99 -4.87 -55.34
O6 MAN I . -1.07 -4.49 -52.77
C1 MAN I . 3.49 -5.16 -52.26
C2 MAN I . 3.41 -6.56 -52.89
C3 MAN I . 2.12 -7.26 -52.35
C4 MAN I . 2.05 -7.20 -50.80
C5 MAN I . 2.25 -5.75 -50.32
C6 MAN I . 2.31 -5.64 -48.82
O2 MAN I . 4.55 -7.38 -52.52
O3 MAN I . 1.98 -8.59 -52.80
O4 MAN I . 0.78 -7.67 -50.35
O5 MAN I . 3.48 -5.23 -50.87
O6 MAN I . 2.33 -4.26 -48.48
C1 NAG J . -7.82 3.21 -49.25
C2 NAG J . -8.72 3.43 -50.45
C3 NAG J . -8.48 2.35 -51.51
C4 NAG J . -7.00 2.19 -51.82
C5 NAG J . -6.20 2.03 -50.53
C6 NAG J . -4.72 1.97 -50.74
C7 NAG J . -10.78 4.55 -49.74
C8 NAG J . -12.20 4.38 -49.29
N2 NAG J . -10.11 3.43 -50.03
O3 NAG J . -9.19 2.74 -52.68
O4 NAG J . -6.74 0.99 -52.56
O5 NAG J . -6.47 3.13 -49.66
O6 NAG J . -4.03 1.58 -49.54
O7 NAG J . -10.27 5.67 -49.85
C1 NAG J . -7.24 0.88 -53.90
C2 NAG J . -6.08 0.41 -54.78
C3 NAG J . -6.57 0.15 -56.21
C4 NAG J . -7.75 -0.81 -56.19
C5 NAG J . -8.84 -0.28 -55.26
C6 NAG J . -10.00 -1.24 -55.09
C7 NAG J . -3.80 1.16 -54.25
C8 NAG J . -2.82 2.29 -54.31
N2 NAG J . -5.02 1.39 -54.77
O3 NAG J . -5.52 -0.41 -56.98
O4 NAG J . -8.29 -0.98 -57.49
O5 NAG J . -8.30 -0.06 -53.95
O6 NAG J . -10.81 -0.86 -53.99
O7 NAG J . -3.51 0.07 -53.76
C1 NAG K . 51.72 3.57 42.66
C2 NAG K . 53.18 3.41 42.23
C3 NAG K . 53.27 2.69 40.87
C4 NAG K . 52.49 1.39 40.89
C5 NAG K . 51.04 1.70 41.29
C6 NAG K . 50.14 0.48 41.35
C7 NAG K . 54.58 5.22 43.13
C8 NAG K . 55.19 6.56 42.86
N2 NAG K . 53.84 4.70 42.15
O3 NAG K . 54.64 2.45 40.56
O4 NAG K . 52.55 0.81 39.59
O5 NAG K . 51.04 2.29 42.59
O6 NAG K . 50.66 -0.53 42.21
O7 NAG K . 54.73 4.63 44.20
C1 NAG K . 52.89 -0.60 39.64
C2 NAG K . 53.16 -1.06 38.20
C3 NAG K . 53.62 -2.52 38.17
C4 NAG K . 54.73 -2.79 39.19
C5 NAG K . 54.33 -2.25 40.56
C6 NAG K . 55.41 -2.40 41.61
C7 NAG K . 51.80 0.03 36.45
C8 NAG K . 50.50 0.01 35.72
N2 NAG K . 51.96 -0.91 37.39
O3 NAG K . 54.08 -2.84 36.87
O4 NAG K . 54.87 -4.20 39.29
O5 NAG K . 54.05 -0.85 40.45
O6 NAG K . 56.55 -1.60 41.29
O7 NAG K . 52.67 0.86 36.20
C1 BMA K . 56.20 -4.66 39.10
C2 BMA K . 56.33 -5.85 40.06
C3 BMA K . 57.68 -6.54 39.84
C4 BMA K . 57.95 -6.80 38.35
C5 BMA K . 57.75 -5.53 37.53
C6 BMA K . 57.89 -5.80 36.05
O2 BMA K . 55.28 -6.84 39.84
O3 BMA K . 57.78 -7.76 40.54
O4 BMA K . 59.29 -7.26 38.17
O5 BMA K . 56.45 -5.03 37.77
O6 BMA K . 57.77 -4.58 35.38
C1 MAN K . 58.11 -4.80 34.00
C2 MAN K . 58.59 -3.45 33.43
C3 MAN K . 57.46 -2.47 33.34
C4 MAN K . 56.19 -3.09 32.71
C5 MAN K . 55.84 -4.43 33.37
C6 MAN K . 54.75 -5.15 32.60
O2 MAN K . 59.05 -3.59 32.09
O3 MAN K . 57.85 -1.43 32.49
O4 MAN K . 55.12 -2.19 32.87
O5 MAN K . 56.99 -5.28 33.30
O6 MAN K . 55.33 -5.42 31.31
C1 MAN K . 54.32 -5.85 30.39
C2 MAN K . 55.05 -6.26 29.10
C3 MAN K . 55.67 -5.01 28.48
C4 MAN K . 54.58 -3.93 28.24
C5 MAN K . 53.88 -3.60 29.56
C6 MAN K . 52.71 -2.64 29.39
O2 MAN K . 54.11 -6.73 28.13
O3 MAN K . 56.37 -5.31 27.26
O4 MAN K . 55.17 -2.75 27.75
O5 MAN K . 53.38 -4.82 30.16
O6 MAN K . 51.76 -3.22 28.47
C1 MAN K . 53.99 -8.16 28.20
C2 MAN K . 53.31 -8.60 26.91
C3 MAN K . 51.89 -8.03 26.85
C4 MAN K . 51.11 -8.48 28.10
C5 MAN K . 51.87 -8.02 29.34
C6 MAN K . 51.22 -8.47 30.64
O2 MAN K . 53.16 -10.02 26.90
O3 MAN K . 51.18 -8.42 25.68
O4 MAN K . 49.87 -7.84 28.09
O5 MAN K . 53.21 -8.56 29.32
O6 MAN K . 51.96 -7.91 31.70
C1 MAN K . 57.82 -0.15 33.11
C2 MAN K . 57.90 0.83 31.91
C3 MAN K . 59.25 0.69 31.26
C4 MAN K . 60.34 0.93 32.30
C5 MAN K . 60.22 -0.11 33.41
C6 MAN K . 61.27 0.03 34.50
O2 MAN K . 57.80 2.22 32.29
O3 MAN K . 59.44 1.58 30.16
O4 MAN K . 61.60 0.80 31.67
O5 MAN K . 58.90 -0.02 34.03
O6 MAN K . 61.39 -1.26 35.12
C1 MAN K . 58.35 -7.54 41.86
C2 MAN K . 58.99 -8.88 42.27
C3 MAN K . 57.90 -9.93 42.49
C4 MAN K . 56.87 -9.42 43.52
C5 MAN K . 56.28 -8.08 43.05
C6 MAN K . 55.33 -7.48 44.09
O2 MAN K . 59.61 -8.74 43.54
O3 MAN K . 58.43 -11.15 42.94
O4 MAN K . 55.83 -10.37 43.68
O5 MAN K . 57.35 -7.13 42.80
O6 MAN K . 54.94 -6.19 43.68
C1 MAN K . 61.02 -8.47 43.40
C2 MAN K . 61.70 -9.03 44.65
C3 MAN K . 61.19 -8.26 45.86
C4 MAN K . 61.35 -6.73 45.70
C5 MAN K . 60.78 -6.26 44.34
C6 MAN K . 61.20 -4.81 44.03
O2 MAN K . 63.12 -8.84 44.64
O3 MAN K . 61.84 -8.69 47.06
O4 MAN K . 60.66 -6.06 46.74
O5 MAN K . 61.25 -7.09 43.26
O6 MAN K . 60.90 -4.53 42.67
C1 NAG L . 44.65 -12.24 23.83
C2 NAG L . 45.65 -13.14 23.12
C3 NAG L . 44.90 -14.15 22.24
C4 NAG L . 43.86 -14.91 23.05
C5 NAG L . 42.96 -13.93 23.80
C6 NAG L . 42.02 -14.62 24.76
C7 NAG L . 47.91 -12.52 22.36
C8 NAG L . 48.69 -11.62 21.45
N2 NAG L . 46.58 -12.36 22.32
O3 NAG L . 45.82 -15.04 21.62
O4 NAG L . 43.04 -15.65 22.15
O5 NAG L . 43.75 -13.02 24.57
O6 NAG L . 42.79 -15.29 25.75
O7 NAG L . 48.45 -13.36 23.08
C1 NAG L . 42.79 -17.03 22.45
C2 NAG L . 41.75 -17.46 21.40
C3 NAG L . 41.47 -18.96 21.46
C4 NAG L . 42.77 -19.76 21.45
C5 NAG L . 43.63 -19.28 22.60
C6 NAG L . 44.94 -20.01 22.72
C7 NAG L . 40.24 -15.59 20.88
C8 NAG L . 38.91 -14.96 21.16
N2 NAG L . 40.52 -16.71 21.56
O3 NAG L . 40.65 -19.34 20.36
O4 NAG L . 42.49 -21.14 21.59
O5 NAG L . 43.94 -17.89 22.38
O6 NAG L . 45.84 -19.65 21.68
O7 NAG L . 41.02 -15.12 20.05
C1 BMA L . 43.02 -21.90 20.48
C2 BMA L . 42.95 -23.41 20.83
C3 BMA L . 43.39 -24.25 19.63
C4 BMA L . 42.72 -23.79 18.33
C5 BMA L . 42.83 -22.27 18.14
C6 BMA L . 42.00 -21.79 16.96
O2 BMA L . 41.61 -23.80 21.16
O3 BMA L . 43.11 -25.64 19.81
O4 BMA L . 43.36 -24.46 17.22
O5 BMA L . 42.30 -21.64 19.31
O6 BMA L . 40.79 -22.56 17.02
C1 MAN L . 44.33 -26.34 20.13
C2 MAN L . 44.22 -27.78 19.57
C3 MAN L . 43.10 -28.53 20.30
C4 MAN L . 43.20 -28.40 21.84
C5 MAN L . 43.41 -26.92 22.26
C6 MAN L . 43.74 -26.77 23.73
O2 MAN L . 45.42 -28.53 19.79
O3 MAN L . 43.06 -29.92 19.93
O4 MAN L . 42.02 -28.90 22.46
O5 MAN L . 44.52 -26.36 21.51
O6 MAN L . 43.53 -25.40 24.11
C1 MAN L . 39.82 -22.15 16.01
C2 MAN L . 38.58 -23.04 16.24
C3 MAN L . 38.90 -24.48 15.87
C4 MAN L . 39.49 -24.61 14.45
C5 MAN L . 40.67 -23.65 14.27
C6 MAN L . 41.14 -23.57 12.82
O2 MAN L . 37.52 -22.64 15.39
O3 MAN L . 37.74 -25.31 16.00
O4 MAN L . 39.96 -25.93 14.23
O5 MAN L . 40.30 -22.30 14.67
O6 MAN L . 42.07 -22.49 12.70
C1 NAG M . 32.96 -18.31 23.07
C2 NAG M . 32.02 -18.19 21.87
C3 NAG M . 32.31 -19.28 20.84
C4 NAG M . 33.80 -19.36 20.51
C5 NAG M . 34.62 -19.42 21.79
C6 NAG M . 36.12 -19.37 21.55
C7 NAG M . 29.87 -17.16 22.49
C8 NAG M . 28.47 -17.40 22.99
N2 NAG M . 30.63 -18.25 22.33
O3 NAG M . 31.57 -18.96 19.66
O4 NAG M . 34.13 -20.53 19.77
O5 NAG M . 34.30 -18.31 22.62
O6 NAG M . 36.83 -19.69 22.75
O7 NAG M . 30.29 -16.04 22.26
C1 NAG M . 33.68 -20.63 18.41
C2 NAG M . 34.87 -21.12 17.58
C3 NAG M . 34.42 -21.40 16.15
C4 NAG M . 33.20 -22.30 16.11
C5 NAG M . 32.11 -21.75 17.01
C6 NAG M . 30.92 -22.69 17.14
C7 NAG M . 37.13 -20.39 18.20
C8 NAG M . 38.13 -19.29 18.13
N2 NAG M . 35.95 -20.15 17.61
O3 NAG M . 35.50 -22.02 15.46
O4 NAG M . 32.69 -22.39 14.78
O5 NAG M . 32.63 -21.56 18.33
O6 NAG M . 30.24 -22.48 18.37
O7 NAG M . 37.37 -21.45 18.75
C1 NAG N . -54.84 17.99 -35.42
C2 NAG N . -56.17 17.21 -35.36
C3 NAG N . -55.93 15.80 -34.81
C4 NAG N . -54.86 15.09 -35.62
C5 NAG N . -53.59 15.92 -35.58
C6 NAG N . -52.43 15.33 -36.36
C7 NAG N . -58.00 18.82 -35.03
C8 NAG N . -58.94 19.43 -34.05
N2 NAG N . -57.15 17.90 -34.54
O3 NAG N . -57.14 15.05 -34.81
O4 NAG N . -54.65 13.82 -35.03
O5 NAG N . -53.85 17.22 -36.14
O6 NAG N . -52.76 15.12 -37.73
O7 NAG N . -57.98 19.14 -36.21
C1 NAG N . -54.64 12.78 -36.04
C2 NAG N . -54.60 11.43 -35.33
C3 NAG N . -54.69 10.29 -36.34
C4 NAG N . -55.78 10.51 -37.39
C5 NAG N . -55.72 11.94 -37.95
C6 NAG N . -56.87 12.27 -38.86
C7 NAG N . -53.35 11.38 -33.21
C8 NAG N . -51.99 11.24 -32.59
N2 NAG N . -53.38 11.30 -34.54
O3 NAG N . -54.91 9.08 -35.64
O4 NAG N . -55.53 9.61 -38.45
O5 NAG N . -55.78 12.87 -36.87
O6 NAG N . -58.12 12.14 -38.19
O7 NAG N . -54.36 11.58 -32.54
C1 BMA N . -56.69 8.85 -38.85
C2 BMA N . -56.54 8.61 -40.36
C3 BMA N . -57.68 7.74 -40.85
C4 BMA N . -57.74 6.47 -40.01
C5 BMA N . -57.87 6.83 -38.53
C6 BMA N . -57.90 5.60 -37.65
O2 BMA N . -55.36 7.85 -40.61
O3 BMA N . -57.49 7.34 -42.20
O4 BMA N . -58.86 5.71 -40.41
O5 BMA N . -56.74 7.64 -38.17
O6 BMA N . -58.30 6.01 -36.35
C1 MAN N . -58.20 8.22 -43.11
C2 MAN N . -58.53 7.37 -44.33
C3 MAN N . -57.22 6.95 -44.99
C4 MAN N . -56.38 8.19 -45.36
C5 MAN N . -56.15 9.06 -44.10
C6 MAN N . -55.45 10.37 -44.42
O2 MAN N . -59.20 8.15 -45.29
O3 MAN N . -57.41 6.14 -46.16
O4 MAN N . -55.14 7.79 -45.90
O5 MAN N . -57.42 9.36 -43.46
O6 MAN N . -55.16 11.03 -43.18
C1 MAN N . -60.61 8.16 -45.00
C2 MAN N . -61.33 7.88 -46.32
C3 MAN N . -60.95 8.97 -47.28
C4 MAN N . -61.48 10.29 -46.74
C5 MAN N . -60.88 10.58 -45.34
C6 MAN N . -61.53 11.75 -44.66
O2 MAN N . -62.75 8.04 -46.16
O3 MAN N . -61.44 8.72 -48.61
O4 MAN N . -61.13 11.34 -47.64
O5 MAN N . -61.00 9.41 -44.45
O6 MAN N . -61.59 12.81 -45.61
C1 MAN N . -63.37 6.74 -46.19
C2 MAN N . -64.82 6.99 -46.63
C3 MAN N . -65.57 7.75 -45.54
C4 MAN N . -65.46 7.01 -44.20
C5 MAN N . -63.98 6.78 -43.85
C6 MAN N . -63.80 5.92 -42.62
O2 MAN N . -65.53 5.76 -46.84
O3 MAN N . -66.93 7.99 -45.88
O4 MAN N . -66.06 7.78 -43.17
O5 MAN N . -63.31 6.11 -44.93
O6 MAN N . -62.41 5.62 -42.50
C1 MAN N . -58.44 4.85 -35.51
C2 MAN N . -59.24 5.30 -34.28
C3 MAN N . -58.43 6.30 -33.47
C4 MAN N . -57.06 5.72 -33.13
C5 MAN N . -56.33 5.27 -34.40
C6 MAN N . -55.05 4.54 -34.08
O2 MAN N . -59.50 4.22 -33.39
O3 MAN N . -59.10 6.62 -32.26
O4 MAN N . -56.27 6.69 -32.43
O5 MAN N . -57.19 4.33 -35.14
O6 MAN N . -55.46 3.45 -33.26
C1 MAN N . -59.79 7.87 -32.45
C2 MAN N . -59.96 8.51 -31.07
C3 MAN N . -60.91 7.63 -30.23
C4 MAN N . -62.23 7.30 -30.98
C5 MAN N . -61.93 6.73 -32.39
C6 MAN N . -63.17 6.54 -33.26
O2 MAN N . -60.63 9.76 -31.17
O3 MAN N . -61.20 8.24 -28.99
O4 MAN N . -62.97 6.34 -30.23
O5 MAN N . -61.06 7.64 -33.09
O6 MAN N . -63.71 7.83 -33.56
C1 MAN N . -59.71 10.85 -31.37
C2 MAN N . -60.49 12.14 -31.04
C3 MAN N . -61.54 12.40 -32.13
C4 MAN N . -60.90 12.42 -33.51
C5 MAN N . -60.11 11.13 -33.78
C6 MAN N . -59.28 11.21 -35.07
O2 MAN N . -59.64 13.27 -31.05
O3 MAN N . -62.20 13.63 -31.93
O4 MAN N . -61.94 12.54 -34.49
O5 MAN N . -59.18 10.90 -32.71
O6 MAN N . -58.83 9.88 -35.41
C1 MAN N . -54.34 2.68 -32.80
C2 MAN N . -54.95 1.36 -32.26
C3 MAN N . -55.77 1.74 -31.02
C4 MAN N . -54.87 2.42 -29.99
C5 MAN N . -54.31 3.71 -30.59
C6 MAN N . -53.34 4.42 -29.67
O2 MAN N . -53.92 0.48 -31.77
O3 MAN N . -56.45 0.62 -30.42
O4 MAN N . -55.61 2.73 -28.82
O5 MAN N . -53.59 3.38 -31.82
O6 MAN N . -52.29 3.52 -29.34
C1 MAN N . -53.53 -0.45 -32.80
C2 MAN N . -52.83 -1.59 -32.07
C3 MAN N . -51.58 -1.05 -31.38
C4 MAN N . -50.68 -0.29 -32.36
C5 MAN N . -51.49 0.77 -33.11
C6 MAN N . -50.71 1.42 -34.27
O2 MAN N . -52.36 -2.55 -33.02
O3 MAN N . -50.81 -2.08 -30.77
O4 MAN N . -49.66 0.34 -31.61
O5 MAN N . -52.67 0.17 -33.71
O6 MAN N . -51.49 2.54 -34.77
C1 NAG O . -29.69 -6.03 -32.80
C2 NAG O . -28.72 -6.54 -31.72
C3 NAG O . -28.61 -8.06 -31.78
C4 NAG O . -29.99 -8.71 -31.75
C5 NAG O . -30.85 -8.12 -32.86
C6 NAG O . -32.27 -8.65 -32.89
C7 NAG O . -27.02 -4.84 -31.22
C8 NAG O . -25.64 -4.36 -31.54
N2 NAG O . -27.41 -5.93 -31.89
O3 NAG O . -27.82 -8.47 -30.66
O4 NAG O . -29.91 -10.11 -32.04
O5 NAG O . -30.95 -6.70 -32.67
O6 NAG O . -32.99 -8.08 -33.99
O7 NAG O . -27.72 -4.30 -30.37
C1 NAG O . -29.29 -10.94 -31.07
C2 NAG O . -30.19 -12.15 -30.85
C3 NAG O . -29.52 -13.18 -29.96
C4 NAG O . -28.13 -13.53 -30.49
C5 NAG O . -27.32 -12.26 -30.64
C6 NAG O . -25.94 -12.50 -31.23
C7 NAG O . -32.63 -11.82 -30.96
C8 NAG O . -33.84 -11.34 -30.21
N2 NAG O . -31.47 -11.74 -30.29
O3 NAG O . -30.33 -14.35 -29.93
O4 NAG O . -27.47 -14.43 -29.60
O5 NAG O . -28.00 -11.36 -31.52
O6 NAG O . -25.39 -11.30 -31.76
O7 NAG O . -32.69 -12.25 -32.10
C1 NAG P . -42.61 -4.07 -30.80
C2 NAG P . -43.32 -5.39 -31.05
C3 NAG P . -42.32 -6.54 -31.00
C4 NAG P . -41.14 -6.29 -31.94
C5 NAG P . -40.55 -4.89 -31.73
C6 NAG P . -39.55 -4.50 -32.80
C7 NAG P . -45.59 -6.10 -30.38
C8 NAG P . -46.56 -6.22 -29.25
N2 NAG P . -44.40 -5.60 -30.08
O3 NAG P . -42.98 -7.75 -31.37
O4 NAG P . -40.13 -7.23 -31.62
O5 NAG P . -41.57 -3.89 -31.78
O6 NAG P . -40.14 -4.65 -34.09
O7 NAG P . -45.89 -6.43 -31.53
C1 NAG P . -39.49 -7.91 -32.70
C2 NAG P . -38.28 -8.62 -32.06
C3 NAG P . -37.59 -9.54 -33.06
C4 NAG P . -38.60 -10.45 -33.75
C5 NAG P . -39.69 -9.58 -34.38
C6 NAG P . -40.77 -10.36 -35.10
C7 NAG P . -37.25 -7.38 -30.22
C8 NAG P . -36.21 -6.37 -29.82
N2 NAG P . -37.35 -7.65 -31.52
O3 NAG P . -36.65 -10.33 -32.32
O4 NAG P . -37.97 -11.25 -34.75
O5 NAG P . -40.34 -8.87 -33.33
O6 NAG P . -41.44 -11.23 -34.20
O7 NAG P . -37.96 -7.92 -29.37
C1 BMA P . -38.25 -12.64 -34.48
C2 BMA P . -37.85 -13.45 -35.73
C3 BMA P . -38.09 -14.93 -35.51
C4 BMA P . -37.46 -15.41 -34.18
C5 BMA P . -37.84 -14.47 -33.00
C6 BMA P . -37.08 -14.80 -31.73
O2 BMA P . -36.46 -13.30 -35.96
O3 BMA P . -37.52 -15.68 -36.57
O4 BMA P . -37.91 -16.74 -33.88
O5 BMA P . -37.53 -13.10 -33.36
O6 BMA P . -35.72 -15.06 -32.08
C1 MAN P . -34.94 -15.24 -30.88
C2 MAN P . -33.48 -15.42 -31.32
C3 MAN P . -33.32 -16.72 -32.08
C4 MAN P . -33.89 -17.92 -31.30
C5 MAN P . -35.32 -17.67 -30.80
C6 MAN P . -35.79 -18.72 -29.81
O2 MAN P . -32.61 -15.54 -30.20
O3 MAN P . -31.94 -16.94 -32.36
O4 MAN P . -33.91 -19.07 -32.15
O5 MAN P . -35.40 -16.38 -30.13
O6 MAN P . -37.17 -18.48 -29.50
C1 MAN P . -31.77 -17.07 -33.79
C2 MAN P . -30.32 -17.56 -34.06
C3 MAN P . -29.32 -16.48 -33.68
C4 MAN P . -29.65 -15.15 -34.41
C5 MAN P . -31.10 -14.74 -34.09
C6 MAN P . -31.57 -13.53 -34.85
O2 MAN P . -30.14 -17.78 -35.46
O3 MAN P . -27.97 -16.87 -33.95
O4 MAN P . -28.78 -14.12 -33.98
O5 MAN P . -32.00 -15.83 -34.44
O6 MAN P . -31.46 -13.81 -36.23
C1 MAN P . -38.49 -16.14 -37.53
C2 MAN P . -38.02 -17.53 -38.02
C3 MAN P . -36.66 -17.39 -38.69
C4 MAN P . -36.70 -16.32 -39.80
C5 MAN P . -37.27 -15.00 -39.24
C6 MAN P . -37.43 -13.91 -40.29
O2 MAN P . -38.90 -18.06 -39.03
O3 MAN P . -36.19 -18.64 -39.21
O4 MAN P . -35.39 -16.10 -40.29
O5 MAN P . -38.57 -15.26 -38.61
O6 MAN P . -38.05 -12.78 -39.66
C1 NAG Q . 30.60 -1.55 -1.61
C2 NAG Q . 31.74 -0.54 -1.82
C3 NAG Q . 32.34 -0.70 -3.22
C4 NAG Q . 32.73 -2.14 -3.49
C5 NAG Q . 31.52 -3.04 -3.26
C6 NAG Q . 31.81 -4.51 -3.44
C7 NAG Q . 31.87 1.68 -0.79
C8 NAG Q . 31.22 3.03 -0.67
N2 NAG Q . 31.26 0.81 -1.60
O3 NAG Q . 33.50 0.13 -3.33
O4 NAG Q . 33.17 -2.30 -4.83
O5 NAG Q . 31.06 -2.87 -1.91
O6 NAG Q . 30.70 -5.32 -3.06
O7 NAG Q . 32.90 1.39 -0.19
C1 NAG R . -5.10 -24.89 12.57
C2 NAG R . -5.30 -26.39 12.69
C3 NAG R . -6.08 -26.93 11.49
C4 NAG R . -7.40 -26.19 11.37
C5 NAG R . -7.12 -24.71 11.20
C6 NAG R . -8.38 -23.87 11.14
C7 NAG R . -3.68 -27.73 13.94
C8 NAG R . -2.35 -28.40 13.93
N2 NAG R . -4.03 -27.08 12.83
O3 NAG R . -6.29 -28.33 11.64
O4 NAG R . -8.14 -26.70 10.27
O5 NAG R . -6.37 -24.23 12.34
O6 NAG R . -8.09 -22.50 11.41
O7 NAG R . -4.43 -27.77 14.93
C1 GOL S . 15.79 -19.81 20.41
O1 GOL S . 15.67 -19.94 21.81
C2 GOL S . 15.45 -21.16 19.77
O2 GOL S . 16.24 -22.19 20.28
C3 GOL S . 15.69 -20.96 18.27
O3 GOL S . 15.50 -22.19 17.64
O1 XYP T . 22.27 -15.34 27.48
C1 XYP T . 21.67 -15.39 26.27
C2 XYP T . 21.10 -16.80 26.06
C3 XYP T . 20.23 -16.85 24.86
C4 XYP T . 19.17 -15.81 24.91
C5 XYP T . 19.75 -14.40 25.08
O2 XYP T . 22.19 -17.72 25.89
O3 XYP T . 19.63 -18.16 24.79
O4 XYP T . 18.40 -15.83 23.70
O5 XYP T . 20.60 -14.34 26.29
C1 NAG U . -29.46 -9.43 -1.95
C2 NAG U . -30.91 -9.24 -1.49
C3 NAG U . -31.22 -10.10 -0.27
C4 NAG U . -30.84 -11.55 -0.54
C5 NAG U . -29.38 -11.63 -0.93
C6 NAG U . -28.92 -13.03 -1.28
C7 NAG U . -32.16 -7.13 -1.76
C8 NAG U . -32.28 -5.70 -1.33
N2 NAG U . -31.17 -7.83 -1.18
O3 NAG U . -32.60 -10.00 0.01
O4 NAG U . -31.06 -12.34 0.63
O5 NAG U . -29.18 -10.84 -2.12
O6 NAG U . -27.51 -13.14 -1.28
O7 NAG U . -32.93 -7.64 -2.56
C1 GOL V . 13.61 21.10 -40.23
O1 GOL V . 14.80 20.42 -40.53
C2 GOL V . 13.55 21.31 -38.70
O2 GOL V . 12.32 20.90 -38.16
C3 GOL V . 13.77 22.80 -38.48
O3 GOL V . 13.71 22.97 -37.10
C1 NAG W . 8.73 -9.11 -24.27
C2 NAG W . 9.42 -10.24 -25.03
C3 NAG W . 9.75 -11.39 -24.07
C4 NAG W . 10.56 -10.87 -22.88
C5 NAG W . 9.81 -9.74 -22.19
C6 NAG W . 10.61 -9.11 -21.08
C7 NAG W . 8.67 -10.25 -27.37
C8 NAG W . 7.73 -10.87 -28.37
N2 NAG W . 8.58 -10.72 -26.12
O3 NAG W . 10.49 -12.39 -24.75
O4 NAG W . 10.77 -11.93 -21.94
O5 NAG W . 9.54 -8.70 -23.15
O6 NAG W . 9.79 -8.39 -20.16
O7 NAG W . 9.47 -9.38 -27.69
C1 GOL X . -11.79 -7.42 -28.66
O1 GOL X . -11.87 -8.66 -29.30
C2 GOL X . -12.60 -6.43 -29.53
O2 GOL X . -12.46 -6.72 -30.88
C3 GOL X . -12.03 -5.06 -29.15
O3 GOL X . -12.75 -4.10 -29.88
C1 GOL Y . -0.55 -9.81 -17.52
O1 GOL Y . -1.12 -10.44 -18.66
C2 GOL Y . 0.31 -10.91 -16.82
O2 GOL Y . 0.92 -10.48 -15.66
C3 GOL Y . -0.64 -12.11 -16.60
O3 GOL Y . 0.05 -13.05 -15.83
O1 XYP Z . -20.39 1.49 -32.69
C1 XYP Z . -19.71 0.77 -31.76
C2 XYP Z . -18.77 -0.23 -32.44
C3 XYP Z . -17.85 -0.88 -31.47
C4 XYP Z . -17.11 0.12 -30.63
C5 XYP Z . -18.11 1.06 -29.94
O2 XYP Z . -19.52 -1.23 -33.13
O3 XYP Z . -16.87 -1.66 -32.20
O4 XYP Z . -16.33 -0.57 -29.66
O5 XYP Z . -18.95 1.75 -30.94
CL CL AA . -26.21 10.22 -4.98
C1 NAG BA . 12.24 -30.60 70.75
C2 NAG BA . 10.79 -30.48 71.23
C3 NAG BA . 10.54 -31.31 72.48
C4 NAG BA . 11.01 -32.74 72.29
C5 NAG BA . 12.47 -32.74 71.86
C6 NAG BA . 13.03 -34.12 71.61
C7 NAG BA . 9.40 -28.49 70.93
C8 NAG BA . 9.18 -27.05 71.33
N2 NAG BA . 10.45 -29.09 71.48
O3 NAG BA . 9.15 -31.30 72.77
O4 NAG BA . 10.90 -33.47 73.51
O5 NAG BA . 12.60 -32.00 70.63
O6 NAG BA . 12.19 -34.83 70.70
O7 NAG BA . 8.66 -29.05 70.12
C1 NAG CA . 50.82 -28.51 47.61
C2 NAG CA . 51.76 -29.34 46.75
C3 NAG CA . 52.52 -30.34 47.62
C4 NAG CA . 53.25 -29.61 48.75
C5 NAG CA . 52.26 -28.76 49.54
C6 NAG CA . 52.91 -27.91 50.61
C7 NAG CA . 51.07 -29.65 44.42
C8 NAG CA . 50.25 -30.47 43.46
N2 NAG CA . 51.03 -30.03 45.70
O3 NAG CA . 53.46 -31.06 46.83
O4 NAG CA . 53.87 -30.54 49.62
O5 NAG CA . 51.57 -27.87 48.66
O6 NAG CA . 53.10 -26.57 50.18
O7 NAG CA . 51.74 -28.69 44.05
C1 GOL DA . 40.87 -30.54 54.61
C1 GOL DA . 40.95 -30.33 54.88
O1 GOL DA . 40.85 -29.25 55.13
O1 GOL DA . 40.80 -30.95 53.65
C2 GOL DA . 41.98 -31.30 55.35
C2 GOL DA . 42.10 -31.06 55.60
O2 GOL DA . 42.66 -30.50 56.26
O2 GOL DA . 42.85 -30.23 56.38
C3 GOL DA . 41.29 -32.48 56.04
C3 GOL DA . 41.45 -32.17 56.42
O3 GOL DA . 42.26 -33.11 56.83
O3 GOL DA . 42.48 -32.87 57.03
O1 XYP EA . 20.58 -20.13 39.70
C1 XYP EA . 21.34 -20.74 40.65
C2 XYP EA . 22.32 -21.70 39.98
C3 XYP EA . 23.25 -22.30 40.97
C4 XYP EA . 23.97 -21.25 41.75
C5 XYP EA . 22.99 -20.25 42.42
O2 XYP EA . 21.57 -22.76 39.36
O3 XYP EA . 24.23 -23.10 40.25
O4 XYP EA . 24.78 -21.89 42.74
O5 XYP EA . 22.06 -19.68 41.42
CL CL FA . 14.06 -9.62 42.01
C1 NAG GA . -9.37 21.28 -73.79
C2 NAG GA . -8.06 22.05 -73.80
C3 NAG GA . -7.64 22.34 -75.24
C4 NAG GA . -7.54 21.04 -76.02
C5 NAG GA . -8.85 20.27 -75.97
C6 NAG GA . -8.72 18.91 -76.59
C7 NAG GA . -7.29 23.64 -72.12
C8 NAG GA . -7.55 24.96 -71.45
N2 NAG GA . -8.17 23.28 -73.06
O3 NAG GA . -6.36 22.98 -75.23
O4 NAG GA . -7.22 21.33 -77.38
O5 NAG GA . -9.24 20.07 -74.59
O6 NAG GA . -9.96 18.23 -76.61
O7 NAG GA . -6.35 22.91 -71.82
C1 GOL HA . -35.95 3.14 -66.10
O1 GOL HA . -35.78 2.80 -64.77
C2 GOL HA . -36.73 4.45 -66.03
O2 GOL HA . -37.96 4.28 -65.41
C3 GOL HA . -36.89 4.86 -67.50
O3 GOL HA . -37.57 3.81 -68.13
C1 NAG IA . -45.46 -0.49 -60.71
C2 NAG IA . -45.81 -1.95 -61.00
C3 NAG IA . -46.02 -2.17 -62.50
C4 NAG IA . -46.94 -1.12 -63.11
C5 NAG IA . -46.51 0.29 -62.70
C6 NAG IA . -47.47 1.36 -63.16
C7 NAG IA . -44.89 -3.60 -59.42
C8 NAG IA . -43.69 -4.43 -59.06
N2 NAG IA . -44.76 -2.83 -60.51
O3 NAG IA . -46.59 -3.45 -62.71
O4 NAG IA . -46.87 -1.20 -64.52
O5 NAG IA . -46.45 0.37 -61.27
O6 NAG IA . -46.81 2.60 -63.33
O7 NAG IA . -45.92 -3.63 -58.76
C1 GOL JA . -46.27 0.62 -33.21
O1 GOL JA . -47.27 -0.35 -33.42
C2 GOL JA . -47.00 1.97 -33.28
O2 GOL JA . -47.47 2.33 -32.04
C3 GOL JA . -45.98 2.97 -33.92
O3 GOL JA . -46.46 4.29 -33.75
C1 GOL KA . -25.38 2.74 -52.62
O1 GOL KA . -24.96 2.89 -51.28
C2 GOL KA . -25.35 1.25 -53.00
O2 GOL KA . -24.38 0.53 -52.31
C3 GOL KA . -25.12 1.26 -54.51
O3 GOL KA . -25.01 -0.07 -54.92
O1 XYP LA . -18.56 6.70 -44.68
C1 XYP LA . -19.07 6.73 -45.93
C2 XYP LA . -19.62 5.35 -46.27
C3 XYP LA . -20.40 5.35 -47.53
C4 XYP LA . -21.45 6.42 -47.49
C5 XYP LA . -20.80 7.80 -47.27
O2 XYP LA . -18.52 4.44 -46.43
O3 XYP LA . -20.99 4.03 -47.66
O4 XYP LA . -22.22 6.45 -48.69
O5 XYP LA . -20.12 7.80 -45.98
#